data_2QTC
#
_entry.id   2QTC
#
_cell.length_a   81.610
_cell.length_b   142.110
_cell.length_c   82.140
_cell.angle_alpha   90.000
_cell.angle_beta   102.680
_cell.angle_gamma   90.000
#
_symmetry.space_group_name_H-M   'P 1 21 1'
#
loop_
_entity.id
_entity.type
_entity.pdbx_description
1 polymer 'Pyruvate dehydrogenase E1 component'
2 non-polymer 'MAGNESIUM ION'
3 non-polymer 3-[(4-AMINO-2-METHYLPYRIMIDIN-5-YL)METHYL]-2-{(1S)-1-HYDROXY-1-[(R)-HYDROXY(METHOXY)PHOSPHORYL]ETHYL}-5-(2-{[(S)-HYDROXY(PHOSPHONOOXY)PHOSPHORYL]OXY}ETHYL)-4-METHYL-1,3-THIAZOL-3-IUM
4 water water
#
_entity_poly.entity_id   1
_entity_poly.type   'polypeptide(L)'
_entity_poly.pdbx_seq_one_letter_code
;SERFPNDVDPIETRDWLQAIESVIREEGVERAQYLIDQLLAEARKGGVNVAAGTGISNYINTIPVEEQPEYPGNLELERR
IRSAIRWNAIMTVLRASKKDLELGGHMASFQSSATIYDVCFNHFFRARNEQDGGDLVYFQGHISPGVYARAFLEGRLTQE
QLDNFRQEVHGNGLSSYPHPKLMPEFWQFPTVSMGLGPIGAIYQAKFLKYLEHRGLKDTSKQTVYAFLGDGEMDEPESKG
AITIATREKLDNLVFVINCNLQRLDGPVTGNGKIINELEGIFEGAGWNVIKVMWGSRWDELLRKDTSGKLIQLMNETVDG
DYQTFKSKDGAYVREHFFGKYPETAALVADWTDEQIWALNRGGHDPKKIYAAFKKAQETKGKATVILAHTIKGYGMGDAA
KGKNIAHQVKKMNMDGVRHIRDRFNVPVSDADIEKLPYITFPEGSEEHTYLHAQRQKLHGYLPSRQPNFTEKLELPSLQD
FGALLEEQSKEISTTIAFVRALNVMLKNKSIKDRLVPIIADEARTFGMEGLFRQIGIYSPNGQQYTPQDREQVAYYKEDE
KGQILQEGINELGAGCSWLAAATSYSTNNLPMIPFYIYYSMFGFQRIGDLCWAAGDQQARGFLIGGTSGRTTLNGEGLQH
EDGHSHIQSLTIPNCISYDPAYAYEVAVIMHDGLERMYGEKQENVYYYITTLNENYHMPAMPEGAEEGIRKGIYKLETIE
GSKGKVQLLGSGSILRHVREAAEILAKDYGVGSDVYSVTSFTELARDGQDCERWNMLHPLETPRVPYIAQVMNDAPAVAS
TDYMKLFAEQVRTYVPADDYRVLGTDGFGRSDSRENLRHHFEVDASYVVVAALGELAKRGEIDKKVVADAIAKFNIDADK
VNPRLA
;
_entity_poly.pdbx_strand_id   A,B
#
loop_
_chem_comp.id
_chem_comp.type
_chem_comp.name
_chem_comp.formula
MG non-polymer 'MAGNESIUM ION' 'Mg 2'
TDK non-polymer 3-[(4-AMINO-2-METHYLPYRIMIDIN-5-YL)METHYL]-2-{(1S)-1-HYDROXY-1-[(R)-HYDROXY(METHOXY)PHOSPHORYL]ETHYL}-5-(2-{[(S)-HYDROXY(PHOSPHONOOXY)PHOSPHORYL]OXY}ETHYL)-4-METHYL-1,3-THIAZOL-3-IUM 'C15 H26 N4 O11 P3 S 1'
#
# COMPACT_ATOMS: atom_id res chain seq x y z
N ILE A 56 13.85 8.22 -27.43
CA ILE A 56 13.55 6.92 -28.09
C ILE A 56 14.33 6.69 -29.38
N SER A 57 15.13 5.62 -29.35
CA SER A 57 15.97 5.22 -30.47
C SER A 57 15.28 4.24 -31.40
N ASN A 58 15.94 3.92 -32.51
CA ASN A 58 15.36 2.98 -33.48
C ASN A 58 15.05 1.65 -32.82
N TYR A 59 14.15 0.88 -33.42
CA TYR A 59 13.75 -0.41 -32.88
C TYR A 59 14.74 -1.50 -33.28
N ILE A 60 15.99 -1.31 -32.86
CA ILE A 60 17.08 -2.27 -33.12
C ILE A 60 17.96 -2.36 -31.88
N ASN A 61 18.91 -3.29 -31.87
CA ASN A 61 19.78 -3.44 -30.71
C ASN A 61 20.55 -2.18 -30.44
N THR A 62 20.74 -1.88 -29.17
CA THR A 62 21.50 -0.70 -28.77
C THR A 62 22.96 -0.92 -29.10
N ILE A 63 23.43 -2.15 -28.88
CA ILE A 63 24.82 -2.48 -29.17
C ILE A 63 24.93 -3.08 -30.56
N PRO A 64 25.41 -2.29 -31.54
CA PRO A 64 25.52 -2.86 -32.88
C PRO A 64 26.54 -4.00 -32.84
N VAL A 65 26.44 -4.91 -33.80
CA VAL A 65 27.33 -6.05 -33.84
C VAL A 65 28.83 -5.67 -33.89
N GLU A 66 29.12 -4.52 -34.46
CA GLU A 66 30.49 -4.02 -34.55
C GLU A 66 31.11 -3.73 -33.18
N GLU A 67 30.28 -3.54 -32.15
CA GLU A 67 30.76 -3.24 -30.81
C GLU A 67 30.45 -4.36 -29.82
N GLN A 68 29.98 -5.47 -30.37
CA GLN A 68 29.61 -6.63 -29.60
C GLN A 68 30.82 -7.51 -29.25
N PRO A 69 31.13 -7.67 -27.96
CA PRO A 69 32.27 -8.50 -27.60
C PRO A 69 32.08 -9.97 -28.02
N GLU A 70 33.19 -10.68 -28.19
CA GLU A 70 33.14 -12.09 -28.56
C GLU A 70 32.55 -12.80 -27.37
N TYR A 71 31.64 -13.74 -27.63
CA TYR A 71 30.99 -14.52 -26.57
C TYR A 71 32.06 -15.45 -26.00
N PRO A 72 32.25 -15.40 -24.67
CA PRO A 72 33.25 -16.23 -24.00
C PRO A 72 32.95 -17.70 -23.77
N GLY A 73 31.70 -18.11 -23.94
CA GLY A 73 31.36 -19.51 -23.69
C GLY A 73 31.28 -20.47 -24.87
N ASN A 74 31.01 -21.72 -24.53
CA ASN A 74 30.85 -22.80 -25.49
C ASN A 74 29.36 -22.79 -25.75
N LEU A 75 28.93 -22.12 -26.82
CA LEU A 75 27.49 -22.03 -27.10
C LEU A 75 26.75 -23.36 -27.16
N GLU A 76 27.30 -24.30 -27.92
CA GLU A 76 26.64 -25.58 -28.10
C GLU A 76 26.50 -26.40 -26.80
N LEU A 77 27.53 -26.39 -25.96
CA LEU A 77 27.47 -27.13 -24.71
C LEU A 77 26.49 -26.43 -23.77
N GLU A 78 26.56 -25.10 -23.71
CA GLU A 78 25.64 -24.37 -22.85
C GLU A 78 24.21 -24.67 -23.26
N ARG A 79 23.98 -24.83 -24.56
CA ARG A 79 22.63 -25.14 -25.00
C ARG A 79 22.18 -26.53 -24.53
N ARG A 80 23.11 -27.47 -24.48
CA ARG A 80 22.78 -28.82 -24.03
C ARG A 80 22.33 -28.79 -22.58
N ILE A 81 23.05 -28.02 -21.78
CA ILE A 81 22.72 -27.84 -20.38
C ILE A 81 21.38 -27.12 -20.24
N ARG A 82 21.24 -26.01 -20.98
CA ARG A 82 20.03 -25.20 -20.93
C ARG A 82 18.80 -26.01 -21.32
N SER A 83 18.93 -26.89 -22.29
CA SER A 83 17.81 -27.74 -22.72
C SER A 83 17.37 -28.70 -21.63
N ALA A 84 18.32 -29.18 -20.83
CA ALA A 84 17.99 -30.09 -19.72
C ALA A 84 17.28 -29.26 -18.64
N ILE A 85 17.80 -28.06 -18.33
CA ILE A 85 17.12 -27.22 -17.33
C ILE A 85 15.68 -26.93 -17.81
N ARG A 86 15.52 -26.63 -19.10
CA ARG A 86 14.20 -26.34 -19.66
C ARG A 86 13.26 -27.56 -19.44
N TRP A 87 13.77 -28.74 -19.77
CA TRP A 87 13.03 -29.99 -19.63
C TRP A 87 12.63 -30.25 -18.19
N ASN A 88 13.59 -30.20 -17.28
CA ASN A 88 13.28 -30.44 -15.88
C ASN A 88 12.25 -29.48 -15.28
N ALA A 89 12.36 -28.18 -15.63
CA ALA A 89 11.40 -27.20 -15.13
C ALA A 89 10.01 -27.64 -15.58
N ILE A 90 9.88 -27.98 -16.85
CA ILE A 90 8.59 -28.41 -17.39
C ILE A 90 8.09 -29.68 -16.72
N MET A 91 8.98 -30.65 -16.56
CA MET A 91 8.61 -31.89 -15.90
C MET A 91 8.11 -31.63 -14.48
N THR A 92 8.77 -30.72 -13.77
CA THR A 92 8.38 -30.41 -12.41
C THR A 92 6.95 -29.94 -12.36
N VAL A 93 6.59 -29.01 -13.24
CA VAL A 93 5.23 -28.49 -13.26
C VAL A 93 4.22 -29.52 -13.79
N LEU A 94 4.59 -30.28 -14.81
CA LEU A 94 3.66 -31.30 -15.34
C LEU A 94 3.39 -32.40 -14.32
N ARG A 95 4.42 -32.86 -13.61
CA ARG A 95 4.19 -33.89 -12.60
C ARG A 95 3.27 -33.35 -11.50
N ALA A 96 3.41 -32.07 -11.15
CA ALA A 96 2.54 -31.52 -10.13
C ALA A 96 1.10 -31.48 -10.64
N SER A 97 0.92 -31.14 -11.91
CA SER A 97 -0.42 -31.07 -12.48
C SER A 97 -1.11 -32.41 -12.50
N LYS A 98 -0.34 -33.46 -12.76
CA LYS A 98 -0.88 -34.81 -12.85
C LYS A 98 -1.57 -35.23 -11.55
N LYS A 99 -1.12 -34.68 -10.43
CA LYS A 99 -1.70 -35.01 -9.13
C LYS A 99 -3.16 -34.54 -9.03
N ASP A 100 -3.53 -33.57 -9.86
CA ASP A 100 -4.89 -33.01 -9.89
C ASP A 100 -5.31 -32.47 -8.52
N LEU A 101 -4.40 -31.69 -7.91
CA LEU A 101 -4.68 -31.08 -6.61
C LEU A 101 -4.66 -29.56 -6.73
N GLU A 102 -4.88 -29.04 -7.95
CA GLU A 102 -4.89 -27.60 -8.19
C GLU A 102 -3.64 -26.97 -7.61
N LEU A 103 -2.50 -27.62 -7.81
CA LEU A 103 -1.25 -27.06 -7.29
C LEU A 103 -0.78 -25.85 -8.07
N GLY A 104 -0.95 -25.90 -9.39
CA GLY A 104 -0.54 -24.77 -10.21
C GLY A 104 0.93 -24.76 -10.57
N GLY A 105 1.41 -23.63 -11.08
CA GLY A 105 2.80 -23.51 -11.50
C GLY A 105 2.81 -22.94 -12.90
N HIS A 106 3.96 -22.45 -13.37
CA HIS A 106 4.06 -21.84 -14.71
C HIS A 106 5.16 -22.49 -15.55
N MET A 107 5.08 -22.28 -16.86
CA MET A 107 6.06 -22.84 -17.80
C MET A 107 6.45 -21.83 -18.88
N ALA A 108 5.44 -21.14 -19.42
CA ALA A 108 5.62 -20.18 -20.49
C ALA A 108 6.58 -19.06 -20.20
N SER A 109 6.49 -18.48 -19.01
CA SER A 109 7.39 -17.40 -18.68
C SER A 109 8.85 -17.80 -18.66
N PHE A 110 9.21 -18.85 -17.91
CA PHE A 110 10.61 -19.25 -17.87
C PHE A 110 11.09 -19.66 -19.27
N GLN A 111 10.22 -20.24 -20.08
CA GLN A 111 10.66 -20.61 -21.42
C GLN A 111 11.11 -19.36 -22.20
N SER A 112 10.48 -18.23 -21.93
CA SER A 112 10.86 -17.04 -22.66
C SER A 112 12.13 -16.36 -22.10
N SER A 113 12.44 -16.58 -20.82
CA SER A 113 13.61 -15.91 -20.25
C SER A 113 14.82 -16.79 -19.89
N ALA A 114 14.66 -18.08 -20.11
CA ALA A 114 15.66 -19.07 -19.77
C ALA A 114 17.06 -18.75 -20.25
N THR A 115 17.17 -18.33 -21.49
CA THR A 115 18.51 -18.06 -22.03
C THR A 115 19.13 -16.84 -21.37
N ILE A 116 18.29 -15.89 -20.94
CA ILE A 116 18.80 -14.68 -20.28
C ILE A 116 19.43 -15.09 -18.96
N TYR A 117 18.68 -15.87 -18.19
CA TYR A 117 19.22 -16.35 -16.92
C TYR A 117 20.45 -17.24 -17.18
N ASP A 118 20.39 -18.09 -18.20
CA ASP A 118 21.49 -19.01 -18.47
C ASP A 118 22.83 -18.30 -18.72
N VAL A 119 22.80 -17.20 -19.46
CA VAL A 119 24.01 -16.44 -19.70
C VAL A 119 24.53 -15.86 -18.38
N CYS A 120 23.62 -15.40 -17.51
CA CYS A 120 24.03 -14.86 -16.21
C CYS A 120 24.64 -15.93 -15.32
N PHE A 121 24.05 -17.12 -15.31
CA PHE A 121 24.57 -18.20 -14.46
C PHE A 121 25.94 -18.69 -14.96
N ASN A 122 26.18 -18.59 -16.25
CA ASN A 122 27.45 -19.06 -16.81
C ASN A 122 28.54 -18.00 -16.79
N HIS A 123 28.16 -16.74 -16.89
CA HIS A 123 29.16 -15.70 -16.98
C HIS A 123 29.10 -14.47 -16.09
N PHE A 124 28.06 -14.31 -15.27
CA PHE A 124 27.98 -13.10 -14.44
C PHE A 124 27.67 -13.25 -12.95
N PHE A 125 26.60 -13.98 -12.63
CA PHE A 125 26.20 -14.16 -11.24
C PHE A 125 27.25 -14.62 -10.25
N ARG A 126 27.65 -13.72 -9.35
CA ARG A 126 28.62 -14.06 -8.31
C ARG A 126 27.86 -14.62 -7.12
N ALA A 127 28.26 -15.79 -6.64
CA ALA A 127 27.59 -16.38 -5.48
C ALA A 127 28.16 -15.79 -4.18
N ARG A 128 27.53 -16.10 -3.06
CA ARG A 128 27.99 -15.61 -1.77
C ARG A 128 29.40 -16.17 -1.59
N ASN A 129 30.28 -15.37 -1.03
CA ASN A 129 31.66 -15.77 -0.85
C ASN A 129 32.16 -15.16 0.45
N GLU A 130 33.46 -15.30 0.72
CA GLU A 130 34.04 -14.79 1.96
C GLU A 130 34.14 -13.26 2.05
N GLN A 131 34.21 -12.59 0.91
CA GLN A 131 34.30 -11.12 0.85
C GLN A 131 32.96 -10.42 0.99
N ASP A 132 32.00 -10.88 0.20
CA ASP A 132 30.70 -10.26 0.20
C ASP A 132 29.59 -11.28 -0.01
N GLY A 133 28.35 -10.80 -0.07
CA GLY A 133 27.21 -11.69 -0.24
C GLY A 133 26.92 -12.09 -1.67
N GLY A 134 27.79 -11.72 -2.59
CA GLY A 134 27.58 -12.07 -3.99
C GLY A 134 26.60 -11.13 -4.65
N ASP A 135 26.21 -11.45 -5.88
CA ASP A 135 25.24 -10.61 -6.55
C ASP A 135 23.89 -10.90 -5.89
N LEU A 136 23.06 -9.88 -5.78
CA LEU A 136 21.77 -10.02 -5.13
C LEU A 136 20.76 -10.08 -6.25
N VAL A 137 20.31 -11.29 -6.51
CA VAL A 137 19.41 -11.53 -7.61
C VAL A 137 17.96 -11.62 -7.21
N TYR A 138 17.17 -10.69 -7.73
CA TYR A 138 15.74 -10.70 -7.43
C TYR A 138 15.08 -11.44 -8.59
N PHE A 139 15.13 -12.76 -8.52
CA PHE A 139 14.55 -13.68 -9.53
C PHE A 139 13.07 -13.43 -9.70
N GLN A 140 12.61 -13.31 -10.95
CA GLN A 140 11.16 -13.12 -11.18
C GLN A 140 10.48 -14.33 -10.50
N GLY A 141 9.49 -14.07 -9.67
CA GLY A 141 8.91 -15.16 -8.90
C GLY A 141 8.41 -16.40 -9.60
N HIS A 142 7.62 -16.21 -10.65
CA HIS A 142 7.07 -17.35 -11.33
C HIS A 142 7.98 -18.12 -12.28
N ILE A 143 9.26 -17.75 -12.32
CA ILE A 143 10.15 -18.55 -13.14
C ILE A 143 10.88 -19.51 -12.19
N SER A 144 10.39 -19.62 -10.96
CA SER A 144 11.00 -20.49 -9.96
C SER A 144 11.27 -21.95 -10.42
N PRO A 145 10.37 -22.56 -11.23
CA PRO A 145 10.63 -23.94 -11.68
C PRO A 145 11.98 -24.05 -12.43
N GLY A 146 12.36 -23.01 -13.14
CA GLY A 146 13.63 -23.05 -13.84
C GLY A 146 14.79 -22.98 -12.86
N VAL A 147 14.65 -22.19 -11.80
CA VAL A 147 15.70 -22.09 -10.79
C VAL A 147 15.83 -23.45 -10.10
N TYR A 148 14.69 -24.04 -9.72
CA TYR A 148 14.70 -25.36 -9.09
C TYR A 148 15.32 -26.41 -10.03
N ALA A 149 15.03 -26.31 -11.33
CA ALA A 149 15.55 -27.25 -12.32
C ALA A 149 17.08 -27.16 -12.35
N ARG A 150 17.60 -25.94 -12.47
CA ARG A 150 19.07 -25.76 -12.44
C ARG A 150 19.66 -26.26 -11.11
N ALA A 151 19.04 -25.91 -9.97
CA ALA A 151 19.57 -26.35 -8.67
C ALA A 151 19.59 -27.87 -8.56
N PHE A 152 18.59 -28.50 -9.15
CA PHE A 152 18.54 -29.96 -9.13
C PHE A 152 19.74 -30.45 -9.97
N LEU A 153 19.89 -29.89 -11.16
CA LEU A 153 20.97 -30.28 -12.05
C LEU A 153 22.32 -30.06 -11.38
N GLU A 154 22.44 -29.05 -10.52
CA GLU A 154 23.70 -28.79 -9.84
C GLU A 154 23.81 -29.70 -8.64
N GLY A 155 22.83 -30.60 -8.48
CA GLY A 155 22.83 -31.52 -7.35
C GLY A 155 22.50 -30.87 -6.01
N ARG A 156 21.83 -29.72 -6.04
CA ARG A 156 21.51 -28.99 -4.80
C ARG A 156 20.13 -29.35 -4.24
N LEU A 157 19.28 -29.91 -5.09
CA LEU A 157 17.93 -30.34 -4.73
C LEU A 157 17.81 -31.77 -5.23
N THR A 158 17.02 -32.57 -4.55
CA THR A 158 16.83 -33.98 -4.89
C THR A 158 15.61 -34.17 -5.77
N GLN A 159 15.50 -35.37 -6.32
CA GLN A 159 14.35 -35.64 -7.16
C GLN A 159 13.08 -35.65 -6.32
N GLU A 160 13.19 -36.12 -5.08
CA GLU A 160 11.98 -36.16 -4.26
C GLU A 160 11.49 -34.75 -3.93
N GLN A 161 12.41 -33.79 -3.87
CA GLN A 161 12.06 -32.40 -3.62
C GLN A 161 11.32 -31.86 -4.88
N LEU A 162 11.84 -32.11 -6.08
CA LEU A 162 11.15 -31.64 -7.28
C LEU A 162 9.75 -32.27 -7.33
N ASP A 163 9.66 -33.53 -6.92
CA ASP A 163 8.38 -34.21 -6.93
C ASP A 163 7.45 -33.64 -5.88
N ASN A 164 7.99 -32.81 -4.99
CA ASN A 164 7.15 -32.15 -3.97
C ASN A 164 7.01 -30.65 -4.26
N PHE A 165 7.22 -30.29 -5.52
CA PHE A 165 7.04 -28.93 -5.95
C PHE A 165 5.61 -28.53 -5.54
N ARG A 166 5.50 -27.46 -4.77
CA ARG A 166 4.21 -26.93 -4.29
C ARG A 166 3.46 -27.80 -3.26
N GLN A 167 4.19 -28.68 -2.60
CA GLN A 167 3.59 -29.45 -1.49
C GLN A 167 4.62 -29.36 -0.39
N GLU A 168 4.51 -28.34 0.46
CA GLU A 168 5.52 -28.13 1.49
C GLU A 168 5.18 -28.44 2.92
N VAL A 169 3.91 -28.65 3.22
CA VAL A 169 3.52 -28.90 4.60
C VAL A 169 4.27 -30.02 5.32
N HIS A 170 4.52 -31.12 4.60
CA HIS A 170 5.16 -32.27 5.25
C HIS A 170 6.69 -32.21 5.30
N GLY A 171 7.24 -31.08 4.87
CA GLY A 171 8.66 -30.88 4.98
C GLY A 171 9.71 -31.14 3.93
N ASN A 172 9.44 -31.83 2.84
CA ASN A 172 10.55 -31.98 1.90
C ASN A 172 10.11 -31.49 0.54
N GLY A 173 9.45 -30.34 0.54
CA GLY A 173 8.96 -29.79 -0.72
C GLY A 173 9.58 -28.47 -1.13
N LEU A 174 9.02 -27.85 -2.16
CA LEU A 174 9.52 -26.58 -2.66
C LEU A 174 8.38 -25.57 -2.77
N SER A 175 8.64 -24.37 -2.32
CA SER A 175 7.64 -23.31 -2.37
C SER A 175 7.31 -22.97 -3.81
N SER A 176 6.10 -22.48 -4.01
CA SER A 176 5.70 -22.02 -5.33
C SER A 176 6.66 -20.95 -5.84
N TYR A 177 7.01 -20.03 -4.93
CA TYR A 177 7.81 -18.87 -5.28
C TYR A 177 8.92 -18.59 -4.26
N PRO A 178 9.75 -17.56 -4.52
CA PRO A 178 10.84 -17.21 -3.61
C PRO A 178 10.35 -16.75 -2.24
N HIS A 179 10.32 -17.67 -1.27
CA HIS A 179 9.85 -17.35 0.07
C HIS A 179 10.90 -17.81 1.12
N PRO A 180 11.75 -16.88 1.58
CA PRO A 180 12.78 -17.20 2.57
C PRO A 180 12.24 -17.83 3.84
N LYS A 181 11.08 -17.37 4.27
CA LYS A 181 10.48 -17.89 5.50
C LYS A 181 10.22 -19.39 5.37
N LEU A 182 9.90 -19.83 4.16
CA LEU A 182 9.60 -21.25 3.89
C LEU A 182 10.82 -22.11 3.51
N MET A 183 11.79 -21.50 2.85
CA MET A 183 13.04 -22.19 2.45
C MET A 183 14.18 -21.24 2.85
N PRO A 184 14.42 -21.14 4.15
CA PRO A 184 15.46 -20.24 4.68
C PRO A 184 16.91 -20.36 4.24
N GLU A 185 17.27 -21.48 3.64
CA GLU A 185 18.64 -21.68 3.18
C GLU A 185 18.74 -21.59 1.68
N PHE A 186 17.62 -21.28 1.01
CA PHE A 186 17.60 -21.23 -0.45
C PHE A 186 17.26 -19.86 -1.04
N TRP A 187 16.00 -19.43 -0.89
CA TRP A 187 15.54 -18.14 -1.44
C TRP A 187 15.98 -16.94 -0.62
N GLN A 188 16.10 -15.79 -1.26
CA GLN A 188 16.53 -14.60 -0.54
C GLN A 188 15.58 -13.41 -0.60
N PHE A 189 15.00 -13.19 -1.77
CA PHE A 189 14.13 -12.06 -2.01
C PHE A 189 12.73 -12.39 -2.50
N PRO A 190 11.68 -12.06 -1.71
CA PRO A 190 10.29 -12.32 -2.09
C PRO A 190 9.89 -11.38 -3.23
N THR A 191 9.72 -11.91 -4.44
CA THR A 191 9.40 -11.09 -5.60
C THR A 191 8.06 -11.33 -6.28
N VAL A 192 7.36 -12.40 -5.90
CA VAL A 192 6.13 -12.71 -6.59
C VAL A 192 5.04 -11.66 -6.45
N SER A 193 5.09 -10.80 -5.42
CA SER A 193 4.08 -9.73 -5.37
C SER A 193 4.72 -8.69 -6.27
N MET A 194 4.24 -8.65 -7.49
CA MET A 194 4.81 -7.75 -8.48
C MET A 194 4.92 -6.30 -8.08
N GLY A 195 6.00 -5.68 -8.53
CA GLY A 195 6.24 -4.30 -8.22
C GLY A 195 7.09 -4.12 -6.99
N LEU A 196 7.11 -5.09 -6.06
CA LEU A 196 7.95 -4.88 -4.88
C LEU A 196 9.43 -5.17 -5.16
N GLY A 197 9.65 -6.09 -6.08
CA GLY A 197 11.01 -6.45 -6.45
C GLY A 197 11.79 -5.28 -6.99
N PRO A 198 11.22 -4.54 -7.96
CA PRO A 198 12.00 -3.42 -8.49
C PRO A 198 12.37 -2.33 -7.50
N ILE A 199 11.43 -1.86 -6.70
CA ILE A 199 11.79 -0.82 -5.74
C ILE A 199 12.64 -1.41 -4.60
N GLY A 200 12.40 -2.65 -4.23
CA GLY A 200 13.20 -3.28 -3.20
C GLY A 200 14.66 -3.36 -3.67
N ALA A 201 14.86 -3.74 -4.92
CA ALA A 201 16.19 -3.84 -5.53
C ALA A 201 16.90 -2.48 -5.59
N ILE A 202 16.16 -1.42 -5.93
CA ILE A 202 16.74 -0.08 -6.00
C ILE A 202 17.33 0.32 -4.64
N TYR A 203 16.56 0.10 -3.58
CA TYR A 203 17.02 0.49 -2.25
C TYR A 203 18.05 -0.47 -1.67
N GLN A 204 18.04 -1.71 -2.19
CA GLN A 204 19.04 -2.70 -1.76
C GLN A 204 20.39 -2.23 -2.34
N ALA A 205 20.37 -1.78 -3.59
CA ALA A 205 21.58 -1.30 -4.29
C ALA A 205 22.12 -0.05 -3.59
N LYS A 206 21.20 0.79 -3.13
CA LYS A 206 21.54 2.02 -2.40
C LYS A 206 22.15 1.65 -1.07
N PHE A 207 21.55 0.66 -0.41
CA PHE A 207 22.05 0.22 0.87
C PHE A 207 23.48 -0.35 0.73
N LEU A 208 23.75 -1.05 -0.37
CA LEU A 208 25.10 -1.60 -0.55
C LEU A 208 26.11 -0.46 -0.62
N LYS A 209 25.75 0.60 -1.33
CA LYS A 209 26.64 1.75 -1.43
C LYS A 209 26.85 2.38 -0.06
N TYR A 210 25.77 2.46 0.72
CA TYR A 210 25.81 3.03 2.07
C TYR A 210 26.80 2.27 2.95
N LEU A 211 26.75 0.95 2.86
CA LEU A 211 27.65 0.11 3.63
C LEU A 211 29.11 0.39 3.22
N GLU A 212 29.35 0.61 1.94
CA GLU A 212 30.71 0.90 1.50
C GLU A 212 31.15 2.28 1.99
N HIS A 213 30.32 3.30 1.75
CA HIS A 213 30.66 4.64 2.22
C HIS A 213 30.80 4.77 3.75
N ARG A 214 30.03 3.99 4.51
CA ARG A 214 30.11 4.05 5.97
C ARG A 214 31.37 3.34 6.46
N GLY A 215 32.06 2.66 5.56
CA GLY A 215 33.26 1.92 5.90
C GLY A 215 32.99 0.62 6.62
N LEU A 216 31.76 0.11 6.50
CA LEU A 216 31.33 -1.13 7.15
C LEU A 216 31.64 -2.41 6.37
N LYS A 217 31.48 -2.37 5.05
CA LYS A 217 31.78 -3.54 4.22
C LYS A 217 32.07 -3.13 2.79
N ASP A 218 33.06 -3.79 2.19
CA ASP A 218 33.38 -3.49 0.81
C ASP A 218 32.44 -4.30 -0.06
N THR A 219 31.37 -3.65 -0.52
CA THR A 219 30.34 -4.27 -1.36
C THR A 219 30.53 -3.90 -2.84
N SER A 220 31.68 -3.30 -3.17
CA SER A 220 31.92 -2.86 -4.54
C SER A 220 31.78 -3.92 -5.62
N LYS A 221 31.95 -5.19 -5.27
CA LYS A 221 31.88 -6.24 -6.27
C LYS A 221 30.52 -6.85 -6.44
N GLN A 222 29.57 -6.35 -5.66
CA GLN A 222 28.21 -6.83 -5.73
C GLN A 222 27.33 -6.04 -6.70
N THR A 223 26.57 -6.77 -7.52
CA THR A 223 25.63 -6.17 -8.45
C THR A 223 24.24 -6.64 -7.98
N VAL A 224 23.28 -5.74 -8.03
CA VAL A 224 21.91 -6.09 -7.66
C VAL A 224 21.19 -6.21 -8.99
N TYR A 225 20.60 -7.38 -9.22
CA TYR A 225 19.88 -7.69 -10.45
C TYR A 225 18.41 -7.79 -10.16
N ALA A 226 17.58 -7.02 -10.86
CA ALA A 226 16.15 -7.14 -10.66
C ALA A 226 15.55 -7.66 -11.97
N PHE A 227 15.07 -8.89 -11.94
CA PHE A 227 14.46 -9.51 -13.11
C PHE A 227 12.96 -9.26 -12.99
N LEU A 228 12.49 -8.43 -13.92
CA LEU A 228 11.12 -7.94 -14.00
C LEU A 228 10.38 -8.40 -15.23
N GLY A 229 9.04 -8.34 -15.17
CA GLY A 229 8.23 -8.70 -16.33
C GLY A 229 7.78 -7.39 -16.97
N ASP A 230 7.45 -7.37 -18.27
CA ASP A 230 7.01 -6.09 -18.81
C ASP A 230 5.62 -5.69 -18.29
N GLY A 231 4.77 -6.68 -18.06
CA GLY A 231 3.46 -6.38 -17.50
C GLY A 231 3.61 -5.80 -16.10
N GLU A 232 4.53 -6.39 -15.31
CA GLU A 232 4.79 -5.92 -13.95
C GLU A 232 5.25 -4.46 -13.90
N MET A 233 5.80 -3.93 -15.00
CA MET A 233 6.22 -2.54 -14.98
C MET A 233 5.05 -1.54 -14.84
N ASP A 234 3.82 -2.02 -15.00
CA ASP A 234 2.65 -1.17 -14.84
C ASP A 234 2.40 -0.88 -13.36
N GLU A 235 2.95 -1.69 -12.45
CA GLU A 235 2.75 -1.44 -11.04
C GLU A 235 3.42 -0.11 -10.76
N PRO A 236 2.70 0.80 -10.08
CA PRO A 236 3.33 2.10 -9.82
C PRO A 236 4.67 1.98 -9.07
N GLU A 237 4.81 0.94 -8.26
CA GLU A 237 6.04 0.78 -7.49
C GLU A 237 7.19 0.41 -8.42
N SER A 238 6.88 -0.15 -9.58
CA SER A 238 7.92 -0.55 -10.55
C SER A 238 8.77 0.58 -11.15
N LYS A 239 8.14 1.69 -11.54
CA LYS A 239 8.85 2.82 -12.14
C LYS A 239 8.86 4.08 -11.28
N GLY A 240 7.99 4.09 -10.27
CA GLY A 240 7.90 5.24 -9.40
C GLY A 240 9.10 5.67 -8.60
N ALA A 241 10.13 4.83 -8.46
CA ALA A 241 11.31 5.20 -7.66
C ALA A 241 12.56 5.19 -8.55
N ILE A 242 12.39 4.96 -9.84
CA ILE A 242 13.59 4.89 -10.67
C ILE A 242 14.50 6.14 -10.70
N THR A 243 13.98 7.36 -10.54
CA THR A 243 14.91 8.51 -10.55
C THR A 243 15.90 8.45 -9.38
N ILE A 244 15.59 7.67 -8.35
CA ILE A 244 16.47 7.54 -7.19
C ILE A 244 17.79 6.88 -7.60
N ALA A 245 17.71 5.96 -8.54
CA ALA A 245 18.90 5.30 -9.02
C ALA A 245 19.84 6.27 -9.71
N THR A 246 19.29 7.31 -10.32
CA THR A 246 20.10 8.29 -11.00
C THR A 246 20.65 9.26 -9.97
N ARG A 247 19.81 9.71 -9.03
CA ARG A 247 20.28 10.63 -7.99
C ARG A 247 21.44 10.01 -7.21
N GLU A 248 21.29 8.74 -6.86
CA GLU A 248 22.32 8.08 -6.10
C GLU A 248 23.37 7.39 -6.94
N LYS A 249 23.32 7.58 -8.27
CA LYS A 249 24.33 6.97 -9.13
C LYS A 249 24.54 5.49 -8.80
N LEU A 250 23.44 4.74 -8.84
CA LEU A 250 23.50 3.33 -8.55
C LEU A 250 23.98 2.47 -9.72
N ASP A 251 25.27 2.57 -10.03
CA ASP A 251 25.83 1.75 -11.11
C ASP A 251 26.07 0.31 -10.69
N ASN A 252 25.49 -0.08 -9.56
CA ASN A 252 25.59 -1.46 -9.09
C ASN A 252 24.19 -2.10 -9.25
N LEU A 253 23.31 -1.39 -9.96
CA LEU A 253 21.95 -1.89 -10.14
C LEU A 253 21.63 -2.16 -11.61
N VAL A 254 21.13 -3.35 -11.88
CA VAL A 254 20.74 -3.71 -13.24
C VAL A 254 19.30 -4.20 -13.22
N PHE A 255 18.43 -3.52 -13.97
CA PHE A 255 17.04 -3.91 -14.11
C PHE A 255 17.04 -4.78 -15.39
N VAL A 256 16.46 -5.98 -15.34
CA VAL A 256 16.38 -6.86 -16.51
C VAL A 256 14.90 -7.08 -16.79
N ILE A 257 14.36 -6.37 -17.78
CA ILE A 257 12.95 -6.47 -18.07
C ILE A 257 12.70 -7.43 -19.21
N ASN A 258 11.96 -8.48 -18.93
CA ASN A 258 11.67 -9.46 -19.96
C ASN A 258 10.54 -8.92 -20.83
N CYS A 259 10.91 -8.33 -21.96
CA CYS A 259 9.89 -7.79 -22.83
C CYS A 259 9.36 -8.81 -23.79
N ASN A 260 8.42 -9.63 -23.33
CA ASN A 260 7.83 -10.63 -24.20
C ASN A 260 6.50 -10.08 -24.73
N LEU A 261 6.29 -8.79 -24.47
CA LEU A 261 5.13 -8.04 -24.95
C LEU A 261 3.80 -8.51 -24.36
N GLN A 262 3.84 -9.52 -23.49
CA GLN A 262 2.63 -10.06 -22.90
C GLN A 262 2.58 -10.07 -21.37
N ARG A 263 1.39 -9.87 -20.81
CA ARG A 263 1.25 -9.99 -19.38
C ARG A 263 0.42 -11.29 -19.27
N LEU A 264 -0.39 -11.44 -18.23
CA LEU A 264 -1.17 -12.68 -18.07
C LEU A 264 -2.35 -12.86 -19.02
N ASP A 265 -3.19 -11.85 -19.18
CA ASP A 265 -4.35 -12.02 -20.05
C ASP A 265 -4.28 -11.45 -21.46
N GLY A 266 -3.14 -10.88 -21.84
CA GLY A 266 -3.04 -10.29 -23.16
C GLY A 266 -1.76 -9.49 -23.29
N PRO A 267 -1.59 -8.74 -24.37
CA PRO A 267 -0.36 -7.95 -24.50
C PRO A 267 -0.41 -6.77 -23.53
N VAL A 268 0.76 -6.34 -23.06
CA VAL A 268 0.84 -5.20 -22.14
C VAL A 268 0.15 -4.00 -22.79
N THR A 269 0.58 -3.64 -24.00
CA THR A 269 -0.01 -2.54 -24.80
C THR A 269 0.09 -2.93 -26.27
N GLY A 270 -0.94 -3.64 -26.73
CA GLY A 270 -0.93 -4.12 -28.11
C GLY A 270 -0.99 -3.04 -29.17
N ASN A 271 -1.52 -1.87 -28.82
CA ASN A 271 -1.63 -0.79 -29.80
C ASN A 271 -0.44 0.14 -29.76
N GLY A 272 0.49 -0.14 -28.87
CA GLY A 272 1.69 0.67 -28.73
C GLY A 272 2.96 -0.18 -28.84
N LYS A 273 4.03 0.29 -28.23
CA LYS A 273 5.30 -0.44 -28.25
C LYS A 273 5.85 -0.27 -26.84
N ILE A 274 5.58 -1.28 -26.00
CA ILE A 274 5.99 -1.23 -24.62
C ILE A 274 7.50 -1.05 -24.44
N ILE A 275 8.28 -1.59 -25.38
CA ILE A 275 9.72 -1.41 -25.25
C ILE A 275 10.07 0.06 -25.42
N ASN A 276 9.47 0.75 -26.38
CA ASN A 276 9.80 2.17 -26.52
C ASN A 276 9.28 2.95 -25.33
N GLU A 277 8.10 2.59 -24.81
CA GLU A 277 7.60 3.30 -23.64
C GLU A 277 8.60 3.20 -22.49
N LEU A 278 9.15 2.00 -22.29
CA LEU A 278 10.10 1.72 -21.23
C LEU A 278 11.40 2.49 -21.46
N GLU A 279 11.89 2.47 -22.70
CA GLU A 279 13.12 3.18 -23.02
C GLU A 279 12.95 4.67 -22.78
N GLY A 280 11.82 5.19 -23.26
CA GLY A 280 11.53 6.60 -23.13
C GLY A 280 11.56 7.12 -21.71
N ILE A 281 10.87 6.44 -20.80
CA ILE A 281 10.83 6.90 -19.42
C ILE A 281 12.11 6.59 -18.63
N PHE A 282 12.78 5.46 -18.92
CA PHE A 282 14.01 5.15 -18.20
C PHE A 282 15.13 6.08 -18.66
N GLU A 283 15.17 6.35 -19.96
CA GLU A 283 16.14 7.27 -20.53
C GLU A 283 15.90 8.63 -19.89
N GLY A 284 14.61 8.99 -19.78
CA GLY A 284 14.25 10.25 -19.19
C GLY A 284 14.62 10.35 -17.73
N ALA A 285 14.63 9.22 -17.02
CA ALA A 285 14.98 9.19 -15.60
C ALA A 285 16.49 9.14 -15.40
N GLY A 286 17.24 9.16 -16.48
CA GLY A 286 18.69 9.15 -16.37
C GLY A 286 19.40 7.82 -16.44
N TRP A 287 18.67 6.74 -16.72
CA TRP A 287 19.26 5.41 -16.79
C TRP A 287 19.91 5.09 -18.14
N ASN A 288 20.81 4.12 -18.11
CA ASN A 288 21.48 3.66 -19.31
C ASN A 288 20.58 2.54 -19.85
N VAL A 289 19.94 2.78 -20.98
CA VAL A 289 19.03 1.78 -21.55
C VAL A 289 19.70 0.95 -22.66
N ILE A 290 19.61 -0.36 -22.52
CA ILE A 290 20.16 -1.26 -23.51
C ILE A 290 19.03 -2.14 -24.05
N LYS A 291 18.68 -1.93 -25.31
CA LYS A 291 17.63 -2.70 -25.98
C LYS A 291 18.21 -3.91 -26.66
N VAL A 292 17.74 -5.09 -26.29
CA VAL A 292 18.19 -6.34 -26.90
C VAL A 292 16.99 -6.83 -27.74
N MET A 293 16.93 -6.30 -28.94
CA MET A 293 15.84 -6.54 -29.86
C MET A 293 15.90 -7.75 -30.76
N TRP A 294 16.98 -7.87 -31.53
CA TRP A 294 17.07 -8.93 -32.51
C TRP A 294 18.26 -9.87 -32.43
N GLY A 295 18.04 -11.12 -32.83
CA GLY A 295 19.11 -12.10 -32.82
C GLY A 295 20.14 -11.86 -33.91
N SER A 296 21.18 -12.68 -33.93
CA SER A 296 22.24 -12.53 -34.93
C SER A 296 21.85 -12.72 -36.40
N ARG A 297 20.75 -13.42 -36.68
CA ARG A 297 20.38 -13.64 -38.09
C ARG A 297 20.00 -12.33 -38.79
N TRP A 298 19.65 -11.32 -38.01
CA TRP A 298 19.24 -10.05 -38.56
C TRP A 298 20.40 -9.13 -38.92
N ASP A 299 21.59 -9.40 -38.39
CA ASP A 299 22.74 -8.55 -38.64
C ASP A 299 23.13 -8.36 -40.12
N GLU A 300 23.14 -9.44 -40.93
CA GLU A 300 23.51 -9.28 -42.34
C GLU A 300 22.41 -8.52 -43.06
N LEU A 301 21.18 -8.84 -42.70
CA LEU A 301 19.96 -8.23 -43.25
C LEU A 301 19.93 -6.70 -42.97
N LEU A 302 20.00 -6.31 -41.70
CA LEU A 302 19.97 -4.90 -41.34
C LEU A 302 21.06 -4.11 -42.06
N ARG A 303 22.17 -4.77 -42.33
CA ARG A 303 23.30 -4.12 -42.99
C ARG A 303 23.07 -4.12 -44.50
N LYS A 304 22.43 -5.17 -44.98
CA LYS A 304 22.16 -5.29 -46.40
C LYS A 304 21.17 -4.19 -46.82
N ASP A 305 20.31 -3.79 -45.89
CA ASP A 305 19.32 -2.77 -46.19
C ASP A 305 20.03 -1.42 -46.26
N THR A 306 19.87 -0.72 -47.38
CA THR A 306 20.49 0.59 -47.51
C THR A 306 19.41 1.66 -47.55
N SER A 307 18.16 1.24 -47.77
CA SER A 307 17.05 2.19 -47.79
C SER A 307 16.65 2.57 -46.36
N GLY A 308 17.04 1.74 -45.38
CA GLY A 308 16.67 2.04 -44.01
C GLY A 308 15.18 1.77 -43.88
N LYS A 309 14.65 1.00 -44.82
CA LYS A 309 13.24 0.65 -44.85
C LYS A 309 12.93 -0.42 -43.83
N LEU A 310 13.91 -1.25 -43.50
CA LEU A 310 13.71 -2.30 -42.51
C LEU A 310 13.60 -1.61 -41.15
N ILE A 311 14.61 -0.82 -40.80
CA ILE A 311 14.62 -0.07 -39.54
C ILE A 311 13.26 0.61 -39.41
N GLN A 312 12.86 1.27 -40.50
CA GLN A 312 11.59 1.98 -40.53
C GLN A 312 10.44 1.01 -40.31
N LEU A 313 10.42 -0.10 -41.05
CA LEU A 313 9.36 -1.08 -40.92
C LEU A 313 9.25 -1.52 -39.47
N MET A 314 10.40 -1.82 -38.87
CA MET A 314 10.49 -2.25 -37.47
C MET A 314 9.96 -1.18 -36.53
N ASN A 315 10.27 0.08 -36.83
CA ASN A 315 9.82 1.18 -36.02
C ASN A 315 8.31 1.35 -36.04
N GLU A 316 7.69 1.20 -37.21
CA GLU A 316 6.25 1.40 -37.30
C GLU A 316 5.33 0.27 -36.87
N THR A 317 5.86 -0.94 -36.75
CA THR A 317 5.05 -2.08 -36.32
C THR A 317 4.75 -2.04 -34.83
N VAL A 318 3.49 -2.25 -34.48
CA VAL A 318 3.08 -2.20 -33.09
C VAL A 318 3.12 -3.58 -32.42
N ASP A 319 3.21 -3.58 -31.09
CA ASP A 319 3.29 -4.82 -30.32
C ASP A 319 2.30 -5.90 -30.77
N GLY A 320 1.03 -5.52 -30.94
CA GLY A 320 0.02 -6.46 -31.38
C GLY A 320 0.35 -7.16 -32.69
N ASP A 321 0.84 -6.41 -33.68
CA ASP A 321 1.20 -7.02 -34.97
C ASP A 321 2.30 -8.05 -34.75
N TYR A 322 3.36 -7.64 -34.03
CA TYR A 322 4.48 -8.50 -33.73
C TYR A 322 4.06 -9.80 -33.04
N GLN A 323 3.08 -9.71 -32.14
CA GLN A 323 2.61 -10.92 -31.48
C GLN A 323 1.85 -11.78 -32.49
N THR A 324 1.14 -11.11 -33.40
CA THR A 324 0.38 -11.80 -34.44
C THR A 324 1.31 -12.66 -35.28
N PHE A 325 2.41 -12.06 -35.72
CA PHE A 325 3.37 -12.78 -36.55
C PHE A 325 3.83 -14.09 -35.94
N LYS A 326 4.31 -14.03 -34.71
CA LYS A 326 4.81 -15.23 -34.04
C LYS A 326 3.79 -16.36 -33.84
N SER A 327 2.61 -16.23 -34.44
CA SER A 327 1.59 -17.26 -34.32
C SER A 327 1.22 -17.73 -35.72
N LYS A 328 1.79 -17.08 -36.72
CA LYS A 328 1.54 -17.44 -38.10
C LYS A 328 2.71 -18.32 -38.51
N ASP A 329 3.37 -17.95 -39.60
CA ASP A 329 4.50 -18.72 -40.08
C ASP A 329 5.28 -17.80 -41.02
N GLY A 330 6.42 -18.28 -41.49
CA GLY A 330 7.23 -17.49 -42.40
C GLY A 330 6.41 -16.95 -43.54
N ALA A 331 5.46 -17.74 -44.03
CA ALA A 331 4.60 -17.32 -45.13
C ALA A 331 3.93 -15.99 -44.80
N TYR A 332 3.09 -16.03 -43.78
CA TYR A 332 2.36 -14.87 -43.32
C TYR A 332 3.30 -13.75 -42.89
N VAL A 333 4.57 -14.08 -42.70
CA VAL A 333 5.52 -13.05 -42.26
C VAL A 333 6.19 -12.34 -43.43
N ARG A 334 6.56 -13.10 -44.46
CA ARG A 334 7.22 -12.53 -45.65
C ARG A 334 6.24 -11.68 -46.43
N GLU A 335 4.98 -11.72 -46.03
CA GLU A 335 3.93 -10.98 -46.72
C GLU A 335 3.35 -9.89 -45.83
N HIS A 336 3.03 -10.24 -44.59
CA HIS A 336 2.44 -9.27 -43.68
C HIS A 336 3.42 -8.48 -42.83
N PHE A 337 4.70 -8.54 -43.15
CA PHE A 337 5.71 -7.78 -42.43
C PHE A 337 6.72 -7.36 -43.47
N PHE A 338 7.41 -8.36 -44.04
CA PHE A 338 8.39 -8.08 -45.09
C PHE A 338 7.66 -7.60 -46.34
N GLY A 339 6.45 -8.12 -46.56
CA GLY A 339 5.68 -7.72 -47.72
C GLY A 339 4.93 -6.42 -47.43
N LYS A 340 5.68 -5.39 -47.06
CA LYS A 340 5.12 -4.09 -46.71
C LYS A 340 5.67 -3.06 -47.67
N TYR A 341 6.96 -3.20 -47.94
CA TYR A 341 7.66 -2.30 -48.83
C TYR A 341 8.45 -3.15 -49.80
N PRO A 342 8.39 -2.80 -51.09
CA PRO A 342 9.14 -3.58 -52.07
C PRO A 342 10.60 -3.73 -51.65
N GLU A 343 11.11 -2.78 -50.88
CA GLU A 343 12.51 -2.87 -50.46
C GLU A 343 12.71 -3.86 -49.31
N THR A 344 11.71 -4.01 -48.46
CA THR A 344 11.82 -4.95 -47.36
C THR A 344 11.53 -6.36 -47.86
N ALA A 345 10.38 -6.56 -48.49
CA ALA A 345 10.04 -7.88 -49.03
C ALA A 345 11.16 -8.35 -49.98
N ALA A 346 11.93 -7.39 -50.49
CA ALA A 346 13.03 -7.69 -51.40
C ALA A 346 14.29 -8.16 -50.69
N LEU A 347 14.45 -7.79 -49.43
CA LEU A 347 15.64 -8.20 -48.68
C LEU A 347 15.57 -9.70 -48.44
N VAL A 348 14.35 -10.20 -48.29
CA VAL A 348 14.16 -11.63 -48.05
C VAL A 348 13.67 -12.32 -49.32
N ALA A 349 13.96 -11.71 -50.46
CA ALA A 349 13.55 -12.28 -51.74
C ALA A 349 14.18 -13.65 -51.86
N ASP A 350 15.50 -13.69 -51.70
CA ASP A 350 16.24 -14.96 -51.78
C ASP A 350 16.29 -15.62 -50.39
N TRP A 351 15.11 -15.95 -49.86
CA TRP A 351 14.97 -16.55 -48.53
C TRP A 351 13.81 -17.56 -48.45
N THR A 352 13.98 -18.63 -47.67
CA THR A 352 12.91 -19.61 -47.51
C THR A 352 12.00 -19.24 -46.34
N ASP A 353 10.69 -19.44 -46.51
CA ASP A 353 9.75 -19.13 -45.44
C ASP A 353 10.20 -19.77 -44.14
N GLU A 354 11.08 -20.77 -44.25
CA GLU A 354 11.64 -21.45 -43.09
C GLU A 354 12.78 -20.62 -42.53
N GLN A 355 13.59 -20.05 -43.43
CA GLN A 355 14.72 -19.20 -43.04
C GLN A 355 14.25 -17.86 -42.47
N ILE A 356 12.99 -17.54 -42.77
CA ILE A 356 12.35 -16.32 -42.31
C ILE A 356 11.84 -16.60 -40.91
N TRP A 357 11.17 -17.74 -40.81
CA TRP A 357 10.61 -18.18 -39.54
C TRP A 357 11.76 -18.41 -38.57
N ALA A 358 12.99 -18.46 -39.08
CA ALA A 358 14.17 -18.67 -38.26
C ALA A 358 14.65 -17.40 -37.53
N LEU A 359 14.25 -16.24 -38.05
CA LEU A 359 14.66 -14.98 -37.43
C LEU A 359 14.14 -14.94 -36.01
N ASN A 360 15.02 -14.60 -35.09
CA ASN A 360 14.63 -14.60 -33.69
C ASN A 360 14.80 -13.27 -32.98
N ARG A 361 14.19 -13.18 -31.81
CA ARG A 361 14.30 -11.99 -30.97
C ARG A 361 15.60 -12.01 -30.18
N GLY A 362 16.15 -10.84 -29.95
CA GLY A 362 17.42 -10.74 -29.24
C GLY A 362 17.50 -11.44 -27.90
N GLY A 363 16.40 -11.46 -27.17
CA GLY A 363 16.42 -12.09 -25.86
C GLY A 363 16.66 -13.57 -25.88
N HIS A 364 16.68 -14.15 -27.08
CA HIS A 364 16.92 -15.59 -27.21
C HIS A 364 18.30 -15.90 -27.73
N ASP A 365 19.08 -14.86 -27.99
CA ASP A 365 20.43 -15.03 -28.54
C ASP A 365 21.45 -14.67 -27.49
N PRO A 366 22.20 -15.69 -27.01
CA PRO A 366 23.20 -15.44 -25.97
C PRO A 366 24.26 -14.41 -26.32
N LYS A 367 24.59 -14.29 -27.60
CA LYS A 367 25.62 -13.31 -27.98
C LYS A 367 25.10 -11.90 -27.74
N LYS A 368 23.83 -11.68 -28.06
CA LYS A 368 23.20 -10.37 -27.86
C LYS A 368 22.99 -10.11 -26.37
N ILE A 369 22.66 -11.18 -25.62
CA ILE A 369 22.44 -11.08 -24.19
C ILE A 369 23.73 -10.75 -23.46
N TYR A 370 24.78 -11.49 -23.81
CA TYR A 370 26.07 -11.27 -23.18
C TYR A 370 26.52 -9.82 -23.33
N ALA A 371 26.42 -9.26 -24.54
CA ALA A 371 26.83 -7.88 -24.78
C ALA A 371 26.14 -6.89 -23.83
N ALA A 372 24.83 -7.07 -23.63
CA ALA A 372 24.06 -6.19 -22.74
C ALA A 372 24.57 -6.25 -21.31
N PHE A 373 24.67 -7.46 -20.76
CA PHE A 373 25.16 -7.63 -19.41
C PHE A 373 26.60 -7.19 -19.24
N LYS A 374 27.40 -7.37 -20.29
CA LYS A 374 28.79 -6.95 -20.22
C LYS A 374 28.85 -5.42 -20.20
N LYS A 375 28.05 -4.78 -21.05
CA LYS A 375 28.01 -3.34 -21.07
C LYS A 375 27.48 -2.83 -19.72
N ALA A 376 26.48 -3.51 -19.16
CA ALA A 376 25.94 -3.07 -17.87
C ALA A 376 27.03 -3.13 -16.80
N GLN A 377 27.75 -4.24 -16.80
CA GLN A 377 28.82 -4.46 -15.83
C GLN A 377 29.92 -3.38 -15.89
N GLU A 378 30.17 -2.86 -17.09
CA GLU A 378 31.23 -1.86 -17.26
C GLU A 378 30.76 -0.43 -16.88
N THR A 379 29.47 -0.16 -17.04
CA THR A 379 28.93 1.17 -16.80
C THR A 379 29.02 1.72 -15.37
N LYS A 380 29.44 2.98 -15.29
CA LYS A 380 29.59 3.69 -14.02
C LYS A 380 28.79 5.00 -14.06
N GLY A 381 28.37 5.45 -12.88
CA GLY A 381 27.64 6.72 -12.79
C GLY A 381 26.13 6.70 -12.89
N LYS A 382 25.57 5.58 -13.35
CA LYS A 382 24.13 5.43 -13.48
C LYS A 382 23.74 3.96 -13.51
N ALA A 383 22.44 3.69 -13.32
CA ALA A 383 21.97 2.32 -13.36
C ALA A 383 21.68 1.96 -14.81
N THR A 384 21.65 0.67 -15.06
CA THR A 384 21.35 0.18 -16.39
C THR A 384 20.09 -0.65 -16.36
N VAL A 385 19.30 -0.52 -17.42
CA VAL A 385 18.11 -1.30 -17.59
C VAL A 385 18.28 -1.97 -18.94
N ILE A 386 18.07 -3.28 -18.96
CA ILE A 386 18.19 -4.07 -20.17
C ILE A 386 16.78 -4.49 -20.59
N LEU A 387 16.34 -4.08 -21.78
CA LEU A 387 15.02 -4.45 -22.27
C LEU A 387 15.28 -5.63 -23.21
N ALA A 388 14.98 -6.86 -22.72
CA ALA A 388 15.21 -8.11 -23.46
C ALA A 388 13.94 -8.55 -24.17
N HIS A 389 14.04 -8.60 -25.50
CA HIS A 389 12.94 -8.95 -26.38
C HIS A 389 12.87 -10.46 -26.52
N THR A 390 11.78 -11.06 -26.04
CA THR A 390 11.62 -12.51 -26.09
C THR A 390 10.22 -12.93 -26.55
N ILE A 391 10.02 -14.24 -26.69
CA ILE A 391 8.73 -14.81 -27.10
C ILE A 391 8.11 -15.58 -25.93
N LYS A 392 6.94 -15.18 -25.44
CA LYS A 392 6.35 -15.91 -24.32
C LYS A 392 5.93 -17.29 -24.80
N GLY A 393 6.25 -18.34 -24.04
CA GLY A 393 5.88 -19.68 -24.46
C GLY A 393 6.78 -20.19 -25.58
N TYR A 394 7.97 -19.58 -25.66
CA TYR A 394 8.99 -19.92 -26.63
C TYR A 394 9.15 -21.42 -26.75
N GLY A 395 9.09 -21.91 -27.98
CA GLY A 395 9.28 -23.32 -28.24
C GLY A 395 8.24 -24.29 -27.70
N MET A 396 7.14 -23.77 -27.18
CA MET A 396 6.11 -24.65 -26.68
C MET A 396 5.12 -24.92 -27.79
N GLY A 397 5.41 -24.36 -28.96
CA GLY A 397 4.58 -24.51 -30.14
C GLY A 397 3.08 -24.46 -29.88
N ASP A 398 2.38 -25.32 -30.61
CA ASP A 398 0.93 -25.50 -30.54
C ASP A 398 0.26 -24.85 -29.31
N ALA A 399 0.69 -25.26 -28.12
CA ALA A 399 0.13 -24.73 -26.89
C ALA A 399 0.40 -23.23 -26.72
N ALA A 400 1.42 -22.89 -25.94
CA ALA A 400 1.75 -21.48 -25.71
C ALA A 400 2.66 -20.86 -26.79
N MET A 414 0.70 -35.94 -24.31
CA MET A 414 2.04 -36.41 -24.66
C MET A 414 2.59 -35.87 -25.98
N ASP A 415 1.73 -35.20 -26.74
CA ASP A 415 2.15 -34.61 -28.02
C ASP A 415 2.89 -33.30 -27.79
N GLY A 416 2.44 -32.53 -26.82
CA GLY A 416 3.12 -31.28 -26.54
C GLY A 416 4.48 -31.59 -25.94
N VAL A 417 4.53 -32.62 -25.10
CA VAL A 417 5.76 -33.04 -24.45
C VAL A 417 6.75 -33.55 -25.50
N ARG A 418 6.24 -34.30 -26.46
CA ARG A 418 7.07 -34.82 -27.54
C ARG A 418 7.66 -33.65 -28.29
N HIS A 419 6.83 -32.64 -28.54
CA HIS A 419 7.28 -31.44 -29.22
C HIS A 419 8.45 -30.77 -28.47
N ILE A 420 8.31 -30.57 -27.17
CA ILE A 420 9.38 -29.94 -26.39
C ILE A 420 10.66 -30.75 -26.49
N ARG A 421 10.52 -32.06 -26.31
CA ARG A 421 11.65 -32.98 -26.36
C ARG A 421 12.39 -32.84 -27.69
N ASP A 422 11.64 -32.78 -28.80
CA ASP A 422 12.28 -32.68 -30.12
C ASP A 422 12.86 -31.29 -30.36
N ARG A 423 12.06 -30.27 -30.06
CA ARG A 423 12.44 -28.88 -30.25
C ARG A 423 13.76 -28.52 -29.60
N PHE A 424 14.02 -29.04 -28.40
CA PHE A 424 15.26 -28.69 -27.72
C PHE A 424 16.28 -29.83 -27.65
N ASN A 425 16.04 -30.86 -28.46
CA ASN A 425 16.91 -32.01 -28.56
C ASN A 425 17.23 -32.55 -27.19
N VAL A 426 16.18 -32.77 -26.39
CA VAL A 426 16.36 -33.27 -25.05
C VAL A 426 16.70 -34.73 -25.07
N PRO A 427 17.71 -35.15 -24.28
CA PRO A 427 18.10 -36.55 -24.25
C PRO A 427 17.14 -37.41 -23.44
N VAL A 428 15.96 -37.64 -24.00
CA VAL A 428 14.97 -38.48 -23.34
C VAL A 428 14.46 -39.34 -24.46
N SER A 429 14.51 -40.66 -24.29
CA SER A 429 14.06 -41.59 -25.34
C SER A 429 12.55 -41.76 -25.39
N ASP A 430 12.07 -42.24 -26.53
CA ASP A 430 10.64 -42.49 -26.70
C ASP A 430 10.17 -43.41 -25.60
N ALA A 431 11.04 -44.34 -25.22
CA ALA A 431 10.67 -45.30 -24.18
C ALA A 431 10.46 -44.68 -22.81
N ASP A 432 11.22 -43.64 -22.52
CA ASP A 432 11.13 -42.98 -21.22
C ASP A 432 10.26 -41.76 -21.14
N ILE A 433 9.94 -41.17 -22.27
CA ILE A 433 9.18 -39.94 -22.28
C ILE A 433 7.84 -39.97 -21.53
N GLU A 434 7.11 -41.07 -21.57
CA GLU A 434 5.82 -41.12 -20.85
C GLU A 434 5.98 -41.12 -19.32
N LYS A 435 7.18 -41.32 -18.83
CA LYS A 435 7.40 -41.31 -17.40
C LYS A 435 7.69 -39.90 -16.92
N LEU A 436 7.71 -38.94 -17.83
CA LEU A 436 8.02 -37.55 -17.49
C LEU A 436 9.27 -37.48 -16.61
N PRO A 437 10.35 -38.16 -17.02
CA PRO A 437 11.61 -38.21 -16.28
C PRO A 437 12.41 -36.93 -16.20
N TYR A 438 13.14 -36.77 -15.10
CA TYR A 438 14.01 -35.61 -14.95
C TYR A 438 15.33 -36.09 -15.57
N ILE A 439 16.13 -35.14 -16.05
CA ILE A 439 17.43 -35.44 -16.66
C ILE A 439 18.50 -35.03 -15.67
N THR A 440 19.63 -35.72 -15.68
CA THR A 440 20.74 -35.36 -14.81
C THR A 440 21.99 -35.54 -15.68
N PHE A 441 23.07 -34.88 -15.31
CA PHE A 441 24.32 -35.04 -16.07
C PHE A 441 25.32 -35.67 -15.12
N PRO A 442 25.72 -36.92 -15.40
CA PRO A 442 26.67 -37.69 -14.58
C PRO A 442 28.02 -37.02 -14.45
N GLU A 443 28.66 -37.27 -13.31
CA GLU A 443 29.98 -36.72 -13.05
C GLU A 443 30.85 -37.31 -14.16
N GLY A 444 31.71 -36.49 -14.76
CA GLY A 444 32.55 -37.00 -15.83
C GLY A 444 32.04 -36.55 -17.18
N SER A 445 30.75 -36.27 -17.28
CA SER A 445 30.20 -35.82 -18.55
C SER A 445 30.62 -34.36 -18.81
N GLU A 446 30.67 -33.99 -20.08
CA GLU A 446 31.03 -32.63 -20.47
C GLU A 446 30.08 -31.64 -19.85
N GLU A 447 28.78 -31.96 -19.91
CA GLU A 447 27.75 -31.08 -19.38
C GLU A 447 27.93 -30.80 -17.89
N HIS A 448 28.14 -31.87 -17.12
CA HIS A 448 28.35 -31.76 -15.69
C HIS A 448 29.61 -30.94 -15.37
N THR A 449 30.68 -31.23 -16.10
CA THR A 449 31.94 -30.55 -15.91
C THR A 449 31.82 -29.05 -16.15
N TYR A 450 31.23 -28.69 -17.28
CA TYR A 450 31.09 -27.28 -17.64
C TYR A 450 30.17 -26.55 -16.66
N LEU A 451 29.03 -27.18 -16.37
CA LEU A 451 28.06 -26.62 -15.44
C LEU A 451 28.73 -26.14 -14.17
N HIS A 452 29.42 -27.05 -13.50
CA HIS A 452 30.08 -26.72 -12.26
C HIS A 452 31.30 -25.80 -12.44
N ALA A 453 32.07 -25.99 -13.51
CA ALA A 453 33.25 -25.13 -13.73
C ALA A 453 32.85 -23.65 -13.80
N GLN A 454 31.82 -23.36 -14.56
CA GLN A 454 31.39 -21.97 -14.70
C GLN A 454 30.96 -21.46 -13.33
N ARG A 455 30.22 -22.26 -12.59
CA ARG A 455 29.80 -21.79 -11.27
C ARG A 455 30.99 -21.64 -10.30
N GLN A 456 31.96 -22.54 -10.35
CA GLN A 456 33.08 -22.39 -9.41
C GLN A 456 33.86 -21.11 -9.69
N LYS A 457 34.02 -20.77 -10.96
CA LYS A 457 34.73 -19.54 -11.30
C LYS A 457 34.00 -18.32 -10.76
N LEU A 458 32.71 -18.48 -10.47
CA LEU A 458 31.89 -17.40 -9.95
C LEU A 458 31.53 -17.55 -8.50
N HIS A 459 32.41 -18.22 -7.76
CA HIS A 459 32.28 -18.39 -6.32
C HIS A 459 31.24 -19.33 -5.74
N GLY A 460 30.62 -20.17 -6.57
CA GLY A 460 29.66 -21.09 -6.01
C GLY A 460 28.29 -21.06 -6.62
N TYR A 461 27.31 -21.44 -5.79
CA TYR A 461 25.94 -21.52 -6.25
C TYR A 461 24.96 -20.53 -5.62
N LEU A 462 23.98 -20.12 -6.42
CA LEU A 462 22.93 -19.22 -5.97
C LEU A 462 21.65 -19.60 -6.70
N PRO A 463 20.49 -19.29 -6.11
CA PRO A 463 20.43 -18.63 -4.81
C PRO A 463 20.76 -19.55 -3.62
N SER A 464 21.18 -18.95 -2.52
CA SER A 464 21.44 -19.68 -1.29
C SER A 464 21.29 -18.59 -0.23
N ARG A 465 20.99 -18.99 0.99
CA ARG A 465 20.78 -18.04 2.06
C ARG A 465 21.32 -18.54 3.38
N GLN A 466 21.92 -17.63 4.14
CA GLN A 466 22.48 -17.89 5.46
C GLN A 466 21.43 -17.31 6.44
N PRO A 467 20.76 -18.17 7.21
CA PRO A 467 19.74 -17.70 8.16
C PRO A 467 20.19 -16.88 9.38
N ASN A 468 21.42 -17.09 9.82
CA ASN A 468 21.92 -16.37 11.00
C ASN A 468 23.23 -15.66 10.75
N PHE A 469 23.49 -14.59 11.48
CA PHE A 469 24.77 -13.89 11.29
C PHE A 469 25.76 -14.57 12.24
N THR A 470 27.04 -14.50 11.89
CA THR A 470 28.05 -15.18 12.69
C THR A 470 28.71 -14.38 13.82
N GLU A 471 28.92 -13.08 13.63
CA GLU A 471 29.57 -12.32 14.70
C GLU A 471 28.73 -12.27 15.95
N LYS A 472 29.36 -11.99 17.07
CA LYS A 472 28.63 -11.87 18.30
C LYS A 472 28.67 -10.41 18.72
N LEU A 473 27.49 -9.84 18.89
CA LEU A 473 27.36 -8.45 19.31
C LEU A 473 27.34 -8.35 20.82
N GLU A 474 27.85 -7.25 21.33
CA GLU A 474 27.85 -7.03 22.77
C GLU A 474 26.81 -5.95 23.01
N LEU A 475 25.57 -6.39 23.15
CA LEU A 475 24.40 -5.53 23.31
C LEU A 475 24.31 -4.76 24.62
N PRO A 476 23.71 -3.56 24.57
CA PRO A 476 23.57 -2.77 25.81
C PRO A 476 22.68 -3.57 26.77
N SER A 477 22.91 -3.42 28.06
CA SER A 477 22.13 -4.13 29.07
C SER A 477 20.93 -3.27 29.36
N LEU A 478 19.97 -3.78 30.13
CA LEU A 478 18.81 -2.95 30.43
C LEU A 478 19.25 -1.88 31.40
N GLN A 479 20.36 -2.13 32.10
CA GLN A 479 20.92 -1.19 33.05
C GLN A 479 21.40 0.05 32.29
N ASP A 480 21.88 -0.16 31.07
CA ASP A 480 22.37 0.94 30.27
C ASP A 480 21.28 1.95 29.91
N PHE A 481 20.02 1.55 30.10
CA PHE A 481 18.87 2.40 29.80
C PHE A 481 18.31 2.84 31.14
N GLY A 482 19.17 2.90 32.15
CA GLY A 482 18.72 3.27 33.49
C GLY A 482 18.00 4.60 33.64
N ALA A 483 18.46 5.63 32.94
CA ALA A 483 17.82 6.92 33.07
C ALA A 483 16.35 6.85 32.65
N LEU A 484 16.07 6.04 31.64
CA LEU A 484 14.71 5.90 31.14
C LEU A 484 13.80 5.14 32.08
N LEU A 485 14.40 4.33 32.96
CA LEU A 485 13.62 3.57 33.92
C LEU A 485 13.23 4.40 35.15
N GLU A 486 13.85 5.56 35.33
CA GLU A 486 13.54 6.40 36.47
C GLU A 486 12.40 7.36 36.18
N GLU A 487 11.88 7.97 37.24
CA GLU A 487 10.84 8.98 37.08
C GLU A 487 11.52 10.13 36.33
N GLN A 488 10.81 10.70 35.36
CA GLN A 488 11.35 11.83 34.58
C GLN A 488 10.99 13.17 35.24
N SER A 489 11.97 14.06 35.30
CA SER A 489 11.76 15.38 35.89
C SER A 489 10.86 16.18 34.94
N LYS A 490 11.23 16.19 33.68
CA LYS A 490 10.51 16.90 32.63
C LYS A 490 9.36 16.05 32.07
N GLU A 491 8.29 16.69 31.61
CA GLU A 491 7.21 15.90 31.00
C GLU A 491 7.68 15.61 29.59
N ILE A 492 7.65 14.35 29.18
CA ILE A 492 8.11 13.98 27.86
C ILE A 492 7.12 12.99 27.25
N SER A 493 7.41 12.57 26.04
CA SER A 493 6.54 11.63 25.33
C SER A 493 7.25 10.31 25.09
N THR A 494 6.50 9.32 24.60
CA THR A 494 7.13 8.05 24.31
C THR A 494 8.02 8.18 23.09
N THR A 495 7.82 9.22 22.29
CA THR A 495 8.67 9.39 21.14
C THR A 495 10.03 9.93 21.61
N ILE A 496 10.00 10.83 22.59
CA ILE A 496 11.24 11.38 23.14
C ILE A 496 11.98 10.21 23.82
N ALA A 497 11.21 9.32 24.44
CA ALA A 497 11.79 8.12 25.08
C ALA A 497 12.54 7.27 24.05
N PHE A 498 11.90 7.05 22.89
CA PHE A 498 12.52 6.30 21.80
C PHE A 498 13.83 6.96 21.34
N VAL A 499 13.83 8.29 21.17
CA VAL A 499 15.04 8.95 20.69
C VAL A 499 16.17 8.83 21.72
N ARG A 500 15.80 8.92 22.99
CA ARG A 500 16.76 8.78 24.08
C ARG A 500 17.30 7.37 24.14
N ALA A 501 16.45 6.39 23.84
CA ALA A 501 16.87 4.99 23.87
C ALA A 501 17.84 4.79 22.72
N LEU A 502 17.54 5.44 21.60
CA LEU A 502 18.41 5.32 20.45
C LEU A 502 19.79 5.84 20.87
N ASN A 503 19.79 7.01 21.52
CA ASN A 503 21.03 7.63 21.98
C ASN A 503 21.86 6.72 22.88
N VAL A 504 21.18 5.96 23.73
CA VAL A 504 21.86 5.00 24.59
C VAL A 504 22.54 3.99 23.66
N MET A 505 21.80 3.50 22.69
CA MET A 505 22.36 2.54 21.75
C MET A 505 23.55 3.12 20.98
N LEU A 506 23.47 4.41 20.66
CA LEU A 506 24.53 5.10 19.93
C LEU A 506 25.82 5.24 20.73
N LYS A 507 25.76 4.90 22.01
CA LYS A 507 26.98 4.97 22.80
C LYS A 507 27.54 3.57 23.03
N ASN A 508 26.91 2.56 22.44
CA ASN A 508 27.38 1.20 22.61
C ASN A 508 28.41 0.89 21.52
N LYS A 509 29.61 0.56 21.96
CA LYS A 509 30.73 0.32 21.05
C LYS A 509 30.43 -0.69 19.96
N SER A 510 29.81 -1.80 20.34
CA SER A 510 29.52 -2.89 19.44
C SER A 510 28.49 -2.64 18.34
N ILE A 511 27.45 -1.86 18.65
CA ILE A 511 26.39 -1.64 17.66
C ILE A 511 26.17 -0.22 17.18
N LYS A 512 26.83 0.75 17.79
CA LYS A 512 26.63 2.15 17.44
C LYS A 512 26.66 2.48 15.94
N ASP A 513 27.59 1.90 15.18
CA ASP A 513 27.64 2.18 13.76
C ASP A 513 26.83 1.19 12.92
N ARG A 514 26.15 0.25 13.59
CA ARG A 514 25.31 -0.70 12.88
C ARG A 514 23.86 -0.17 12.89
N LEU A 515 23.58 0.84 13.72
CA LEU A 515 22.23 1.38 13.82
C LEU A 515 21.94 2.17 12.54
N VAL A 516 20.72 2.05 12.03
CA VAL A 516 20.30 2.73 10.81
C VAL A 516 18.99 3.50 11.02
N PRO A 517 19.07 4.75 11.51
CA PRO A 517 17.89 5.59 11.73
C PRO A 517 17.39 5.97 10.32
N ILE A 518 16.09 5.82 10.08
CA ILE A 518 15.52 6.12 8.77
C ILE A 518 14.33 7.03 8.93
N ILE A 519 14.27 8.09 8.13
CA ILE A 519 13.16 9.02 8.18
C ILE A 519 12.64 9.30 6.76
N ALA A 520 11.36 9.65 6.67
CA ALA A 520 10.72 9.97 5.42
C ALA A 520 10.36 11.44 5.48
N ASP A 521 11.38 12.27 5.25
CA ASP A 521 11.32 13.75 5.26
C ASP A 521 11.30 14.31 6.68
N GLU A 522 10.17 14.08 7.34
CA GLU A 522 9.96 14.55 8.69
C GLU A 522 10.93 13.97 9.75
N ALA A 523 11.71 14.85 10.36
CA ALA A 523 12.63 14.48 11.43
C ALA A 523 12.27 15.41 12.59
N ARG A 524 12.10 16.69 12.28
CA ARG A 524 11.76 17.74 13.27
C ARG A 524 10.45 17.39 13.98
N THR A 525 9.53 16.76 13.26
CA THR A 525 8.26 16.40 13.86
C THR A 525 8.47 15.34 14.92
N PHE A 526 9.51 14.54 14.75
CA PHE A 526 9.80 13.44 15.67
C PHE A 526 10.95 13.69 16.64
N GLY A 527 11.38 14.94 16.72
CA GLY A 527 12.46 15.28 17.63
C GLY A 527 13.73 14.52 17.31
N MET A 528 13.90 14.21 16.02
CA MET A 528 15.08 13.47 15.54
C MET A 528 16.26 14.40 15.24
N GLU A 529 16.00 15.69 15.10
CA GLU A 529 17.04 16.67 14.78
C GLU A 529 18.33 16.64 15.64
N GLY A 530 18.21 16.32 16.92
CA GLY A 530 19.39 16.26 17.77
C GLY A 530 20.37 15.17 17.34
N LEU A 531 19.86 14.19 16.60
CA LEU A 531 20.69 13.10 16.13
C LEU A 531 21.59 13.49 14.96
N PHE A 532 21.18 14.46 14.14
CA PHE A 532 22.01 14.83 12.98
C PHE A 532 23.38 15.31 13.42
N ARG A 533 23.41 16.10 14.49
CA ARG A 533 24.67 16.60 15.01
C ARG A 533 25.54 15.43 15.43
N GLN A 534 24.94 14.44 16.09
CA GLN A 534 25.67 13.26 16.54
C GLN A 534 26.23 12.35 15.43
N ILE A 535 25.36 11.92 14.52
CA ILE A 535 25.76 10.98 13.48
C ILE A 535 25.61 11.38 12.02
N GLY A 536 25.03 12.54 11.78
CA GLY A 536 24.87 13.03 10.42
C GLY A 536 23.89 12.32 9.49
N ILE A 537 23.67 12.94 8.34
CA ILE A 537 22.76 12.42 7.32
C ILE A 537 23.52 11.87 6.13
N TYR A 538 23.19 10.63 5.74
CA TYR A 538 23.84 9.98 4.61
C TYR A 538 23.55 10.78 3.36
N SER A 539 24.61 11.29 2.75
CA SER A 539 24.45 12.11 1.56
C SER A 539 25.67 12.05 0.66
N PRO A 540 25.77 11.03 -0.21
CA PRO A 540 26.91 10.88 -1.12
C PRO A 540 26.87 11.94 -2.23
N GLU A 558 26.28 16.16 6.69
CA GLU A 558 25.58 15.75 5.48
C GLU A 558 26.58 15.33 4.38
N ASP A 559 27.14 14.11 4.53
CA ASP A 559 28.14 13.55 3.60
C ASP A 559 28.01 12.03 3.50
N GLU A 560 28.90 11.35 2.76
CA GLU A 560 28.72 9.90 2.64
C GLU A 560 29.05 9.05 3.88
N LYS A 561 29.44 9.71 4.96
CA LYS A 561 29.72 9.00 6.19
C LYS A 561 28.51 9.17 7.10
N GLY A 562 27.56 10.00 6.65
CA GLY A 562 26.35 10.25 7.42
C GLY A 562 25.62 8.94 7.67
N GLN A 563 25.13 8.78 8.88
CA GLN A 563 24.47 7.57 9.32
C GLN A 563 22.98 7.48 9.08
N ILE A 564 22.28 8.61 9.15
CA ILE A 564 20.84 8.63 8.97
C ILE A 564 20.40 8.59 7.50
N LEU A 565 19.43 7.74 7.19
CA LEU A 565 18.92 7.66 5.85
C LEU A 565 17.71 8.57 5.77
N GLN A 566 17.80 9.61 4.96
CA GLN A 566 16.69 10.55 4.79
C GLN A 566 16.11 10.20 3.43
N GLU A 567 14.97 9.52 3.42
CA GLU A 567 14.41 9.11 2.14
C GLU A 567 13.37 10.04 1.52
N GLY A 568 13.16 11.20 2.12
CA GLY A 568 12.17 12.12 1.56
C GLY A 568 10.74 11.65 1.76
N ILE A 569 9.80 12.18 0.97
CA ILE A 569 8.39 11.81 1.10
C ILE A 569 8.18 10.54 0.27
N ASN A 570 8.50 9.39 0.88
CA ASN A 570 8.51 8.15 0.15
C ASN A 570 8.50 7.07 1.18
N GLU A 571 7.33 6.74 1.73
CA GLU A 571 7.30 5.72 2.78
C GLU A 571 7.69 4.35 2.26
N LEU A 572 7.38 4.06 1.01
CA LEU A 572 7.72 2.78 0.46
C LEU A 572 9.24 2.67 0.31
N GLY A 573 9.85 3.74 -0.16
CA GLY A 573 11.29 3.75 -0.33
C GLY A 573 11.95 3.55 1.02
N ALA A 574 11.48 4.31 2.01
CA ALA A 574 12.02 4.20 3.35
C ALA A 574 11.89 2.75 3.83
N GLY A 575 10.71 2.14 3.63
CA GLY A 575 10.51 0.75 4.05
C GLY A 575 11.49 -0.15 3.34
N CYS A 576 11.75 0.09 2.06
CA CYS A 576 12.70 -0.73 1.35
C CYS A 576 14.12 -0.56 1.88
N SER A 577 14.49 0.65 2.32
CA SER A 577 15.80 0.83 2.92
C SER A 577 15.80 0.08 4.24
N TRP A 578 14.71 0.19 5.01
CA TRP A 578 14.61 -0.49 6.29
C TRP A 578 14.73 -1.99 6.06
N LEU A 579 14.11 -2.50 5.02
CA LEU A 579 14.18 -3.94 4.77
C LEU A 579 15.61 -4.35 4.38
N ALA A 580 16.24 -3.53 3.56
CA ALA A 580 17.61 -3.85 3.15
C ALA A 580 18.50 -3.92 4.40
N ALA A 581 18.29 -2.96 5.31
CA ALA A 581 19.10 -2.94 6.52
C ALA A 581 18.72 -4.07 7.46
N ALA A 582 17.42 -4.29 7.68
CA ALA A 582 16.93 -5.35 8.55
C ALA A 582 17.27 -6.78 8.09
N THR A 583 17.75 -6.96 6.85
CA THR A 583 18.12 -8.30 6.39
C THR A 583 19.60 -8.39 5.97
N SER A 584 20.35 -7.36 6.33
CA SER A 584 21.78 -7.32 6.04
C SER A 584 22.47 -8.44 6.83
N TYR A 585 21.90 -8.81 7.96
CA TYR A 585 22.49 -9.84 8.81
C TYR A 585 22.62 -11.18 8.05
N SER A 586 21.64 -11.45 7.19
CA SER A 586 21.64 -12.64 6.35
C SER A 586 22.39 -12.39 5.04
N THR A 587 21.93 -11.41 4.28
CA THR A 587 22.52 -11.09 2.99
C THR A 587 24.03 -10.81 2.95
N ASN A 588 24.54 -10.07 3.93
CA ASN A 588 25.95 -9.72 3.92
C ASN A 588 26.68 -10.24 5.15
N ASN A 589 26.00 -11.06 5.96
CA ASN A 589 26.53 -11.56 7.21
C ASN A 589 27.02 -10.34 8.01
N LEU A 590 26.26 -9.25 7.92
CA LEU A 590 26.61 -8.01 8.61
C LEU A 590 25.36 -7.42 9.25
N PRO A 591 25.11 -7.71 10.53
CA PRO A 591 23.90 -7.17 11.17
C PRO A 591 23.91 -5.66 11.27
N MET A 592 22.78 -5.07 10.83
CA MET A 592 22.55 -3.65 10.85
C MET A 592 21.17 -3.58 11.52
N ILE A 593 20.96 -2.59 12.37
CA ILE A 593 19.71 -2.48 13.13
C ILE A 593 19.00 -1.17 12.77
N PRO A 594 18.01 -1.27 11.89
CA PRO A 594 17.25 -0.10 11.45
C PRO A 594 16.10 0.29 12.39
N PHE A 595 15.85 1.59 12.45
CA PHE A 595 14.79 2.17 13.25
C PHE A 595 14.14 3.14 12.30
N TYR A 596 13.00 2.77 11.74
CA TYR A 596 12.31 3.65 10.79
C TYR A 596 11.13 4.27 11.51
N ILE A 597 11.18 5.61 11.65
CA ILE A 597 10.11 6.34 12.32
C ILE A 597 9.40 7.23 11.32
N TYR A 598 8.07 7.22 11.36
CA TYR A 598 7.27 7.92 10.38
C TYR A 598 5.87 8.05 10.98
N TYR A 599 4.98 8.80 10.33
CA TYR A 599 3.60 8.93 10.83
C TYR A 599 2.97 7.53 10.79
N SER A 600 2.57 7.00 11.95
CA SER A 600 2.04 5.65 11.99
C SER A 600 0.97 5.30 10.96
N MET A 601 0.08 6.25 10.65
CA MET A 601 -0.96 6.01 9.67
C MET A 601 -0.36 5.59 8.32
N PHE A 602 0.82 6.10 7.98
CA PHE A 602 1.42 5.77 6.70
C PHE A 602 2.35 4.56 6.75
N GLY A 603 2.09 3.70 7.73
CA GLY A 603 2.86 2.49 7.90
C GLY A 603 2.15 1.34 7.20
N PHE A 604 1.71 0.35 7.97
CA PHE A 604 1.03 -0.80 7.37
C PHE A 604 -0.07 -0.48 6.39
N GLN A 605 -0.80 0.60 6.64
CA GLN A 605 -1.89 0.98 5.74
C GLN A 605 -1.39 1.32 4.35
N ARG A 606 -0.25 1.98 4.29
CA ARG A 606 0.34 2.45 3.05
C ARG A 606 1.35 1.51 2.42
N ILE A 607 2.10 0.80 3.25
CA ILE A 607 3.12 -0.09 2.70
C ILE A 607 2.95 -1.51 3.24
N GLY A 608 1.71 -1.87 3.53
CA GLY A 608 1.43 -3.17 4.08
C GLY A 608 1.93 -4.37 3.29
N ASP A 609 1.95 -4.29 1.96
CA ASP A 609 2.38 -5.43 1.14
C ASP A 609 3.89 -5.62 1.35
N LEU A 610 4.62 -4.51 1.51
CA LEU A 610 6.07 -4.61 1.78
C LEU A 610 6.28 -5.16 3.20
N CYS A 611 5.42 -4.79 4.14
CA CYS A 611 5.56 -5.31 5.50
C CYS A 611 5.36 -6.80 5.56
N TRP A 612 4.41 -7.31 4.76
CA TRP A 612 4.15 -8.76 4.71
C TRP A 612 5.42 -9.43 4.13
N ALA A 613 5.90 -8.86 3.03
CA ALA A 613 7.07 -9.37 2.36
C ALA A 613 8.29 -9.33 3.25
N ALA A 614 8.34 -8.36 4.15
CA ALA A 614 9.48 -8.23 5.02
C ALA A 614 9.43 -9.38 5.99
N GLY A 615 8.20 -9.77 6.36
CA GLY A 615 8.06 -10.90 7.26
C GLY A 615 8.59 -12.14 6.57
N ASP A 616 8.25 -12.29 5.30
CA ASP A 616 8.70 -13.44 4.50
C ASP A 616 10.25 -13.39 4.41
N GLN A 617 10.81 -12.18 4.27
CA GLN A 617 12.27 -12.02 4.15
C GLN A 617 13.04 -12.12 5.50
N GLN A 618 12.32 -12.42 6.57
CA GLN A 618 12.89 -12.58 7.91
C GLN A 618 13.60 -11.30 8.41
N ALA A 619 12.98 -10.16 8.16
CA ALA A 619 13.52 -8.89 8.59
C ALA A 619 13.56 -8.82 10.11
N ARG A 620 14.65 -8.25 10.64
CA ARG A 620 14.82 -8.05 12.08
C ARG A 620 15.13 -6.57 12.17
N GLY A 621 14.17 -5.80 12.64
CA GLY A 621 14.37 -4.36 12.73
C GLY A 621 13.24 -3.75 13.51
N PHE A 622 13.25 -2.43 13.62
CA PHE A 622 12.22 -1.71 14.34
C PHE A 622 11.45 -0.74 13.44
N LEU A 623 10.14 -0.81 13.51
CA LEU A 623 9.26 0.10 12.79
C LEU A 623 8.65 0.93 13.93
N ILE A 624 8.86 2.24 13.91
CA ILE A 624 8.32 3.11 14.94
C ILE A 624 7.23 3.97 14.35
N GLY A 625 5.98 3.66 14.73
CA GLY A 625 4.84 4.42 14.25
C GLY A 625 4.66 5.66 15.13
N GLY A 626 5.27 6.75 14.72
CA GLY A 626 5.16 7.99 15.47
C GLY A 626 3.78 8.63 15.33
N THR A 627 3.60 9.72 16.05
CA THR A 627 2.34 10.48 16.09
C THR A 627 1.14 9.53 15.98
N SER A 628 1.14 8.50 16.82
CA SER A 628 0.08 7.49 16.81
C SER A 628 -1.08 7.78 17.76
N GLY A 629 -2.14 7.01 17.59
CA GLY A 629 -3.33 7.14 18.44
C GLY A 629 -4.34 8.01 17.75
N ARG A 630 -5.60 7.59 17.74
CA ARG A 630 -6.60 8.38 17.05
C ARG A 630 -6.79 9.80 17.56
N THR A 631 -6.86 9.96 18.88
CA THR A 631 -7.09 11.27 19.50
C THR A 631 -5.85 12.07 19.83
N THR A 632 -4.67 11.45 19.74
CA THR A 632 -3.44 12.13 20.14
C THR A 632 -2.80 13.04 19.08
N LEU A 633 -2.92 12.70 17.79
CA LEU A 633 -2.41 13.58 16.72
C LEU A 633 -3.72 14.29 16.38
N ASN A 634 -4.15 15.15 17.31
CA ASN A 634 -5.46 15.78 17.25
C ASN A 634 -5.85 16.75 16.15
N GLY A 635 -4.96 17.64 15.77
CA GLY A 635 -5.35 18.60 14.74
C GLY A 635 -5.30 18.09 13.30
N GLU A 636 -4.63 16.96 13.09
CA GLU A 636 -4.42 16.45 11.73
C GLU A 636 -5.60 15.84 11.01
N GLY A 637 -6.54 15.27 11.76
CA GLY A 637 -7.71 14.77 11.08
C GLY A 637 -7.76 13.39 10.45
N LEU A 638 -8.76 13.22 9.58
CA LEU A 638 -9.09 11.93 9.00
C LEU A 638 -8.04 11.03 8.34
N GLN A 639 -7.17 11.59 7.52
CA GLN A 639 -6.16 10.74 6.89
C GLN A 639 -4.87 10.60 7.69
N HIS A 640 -4.83 11.19 8.88
CA HIS A 640 -3.65 11.15 9.74
C HIS A 640 -3.85 10.42 11.08
N GLU A 641 -5.04 10.53 11.67
CA GLU A 641 -5.33 9.94 12.96
C GLU A 641 -5.45 8.43 12.94
N ASP A 642 -4.40 7.80 13.46
CA ASP A 642 -4.31 6.35 13.45
C ASP A 642 -4.85 5.66 14.68
N GLY A 643 -6.01 5.03 14.52
CA GLY A 643 -6.63 4.25 15.60
C GLY A 643 -6.75 2.79 15.16
N HIS A 644 -5.88 2.37 14.22
CA HIS A 644 -5.98 1.02 13.69
C HIS A 644 -4.74 0.34 13.15
N SER A 645 -3.58 0.99 13.18
CA SER A 645 -2.40 0.34 12.63
C SER A 645 -2.13 -0.97 13.37
N HIS A 646 -2.49 -1.04 14.64
CA HIS A 646 -2.26 -2.27 15.39
C HIS A 646 -3.15 -3.41 14.90
N ILE A 647 -4.28 -3.06 14.27
CA ILE A 647 -5.18 -4.08 13.74
C ILE A 647 -4.55 -4.59 12.47
N GLN A 648 -3.85 -3.73 11.77
CA GLN A 648 -3.16 -4.16 10.56
C GLN A 648 -1.89 -4.94 10.93
N SER A 649 -1.11 -4.44 11.89
CA SER A 649 0.14 -5.13 12.24
C SER A 649 -0.06 -6.49 12.91
N LEU A 650 -1.18 -6.70 13.59
CA LEU A 650 -1.36 -7.99 14.19
C LEU A 650 -1.59 -9.10 13.16
N THR A 651 -1.83 -8.75 11.90
CA THR A 651 -2.03 -9.78 10.87
C THR A 651 -0.68 -10.36 10.42
N ILE A 652 0.42 -9.74 10.81
CA ILE A 652 1.71 -10.28 10.37
C ILE A 652 2.25 -11.16 11.49
N PRO A 653 2.35 -12.48 11.22
CA PRO A 653 2.82 -13.46 12.21
C PRO A 653 4.09 -13.14 12.96
N ASN A 654 5.12 -12.69 12.25
CA ASN A 654 6.36 -12.44 12.93
C ASN A 654 6.67 -10.98 13.23
N CYS A 655 5.62 -10.17 13.34
CA CYS A 655 5.80 -8.78 13.73
C CYS A 655 5.33 -8.74 15.17
N ILE A 656 6.13 -8.15 16.06
CA ILE A 656 5.78 -8.04 17.48
C ILE A 656 5.38 -6.59 17.73
N SER A 657 4.14 -6.37 18.16
CA SER A 657 3.60 -5.02 18.34
C SER A 657 3.35 -4.55 19.78
N TYR A 658 3.71 -3.31 20.05
CA TYR A 658 3.51 -2.70 21.37
C TYR A 658 2.98 -1.27 21.26
N ASP A 659 2.22 -0.89 22.28
CA ASP A 659 1.62 0.46 22.40
C ASP A 659 1.90 0.95 23.83
N PRO A 660 3.17 1.22 24.14
CA PRO A 660 3.50 1.68 25.50
C PRO A 660 2.97 3.04 25.89
N ALA A 661 2.70 3.19 27.19
CA ALA A 661 2.25 4.47 27.74
C ALA A 661 3.42 5.26 28.31
N TYR A 662 4.41 4.55 28.84
CA TYR A 662 5.53 5.19 29.51
C TYR A 662 6.93 4.99 28.95
N ALA A 663 7.81 5.94 29.31
CA ALA A 663 9.19 5.94 28.89
C ALA A 663 9.89 4.67 29.40
N TYR A 664 9.61 4.23 30.60
CA TYR A 664 10.33 3.03 31.00
C TYR A 664 9.92 1.84 30.12
N GLU A 665 8.64 1.73 29.77
CA GLU A 665 8.19 0.61 28.94
C GLU A 665 8.90 0.61 27.58
N VAL A 666 9.02 1.78 26.98
CA VAL A 666 9.71 1.89 25.72
C VAL A 666 11.12 1.32 25.86
N ALA A 667 11.86 1.73 26.89
CA ALA A 667 13.22 1.23 27.05
C ALA A 667 13.27 -0.30 27.22
N VAL A 668 12.36 -0.83 28.03
CA VAL A 668 12.32 -2.27 28.28
C VAL A 668 11.96 -3.02 27.00
N ILE A 669 11.06 -2.44 26.21
CA ILE A 669 10.63 -3.06 24.96
C ILE A 669 11.76 -3.04 23.93
N MET A 670 12.43 -1.90 23.78
CA MET A 670 13.51 -1.78 22.81
C MET A 670 14.67 -2.67 23.20
N HIS A 671 14.94 -2.76 24.50
CA HIS A 671 16.04 -3.61 24.95
C HIS A 671 15.76 -5.08 24.65
N ASP A 672 14.54 -5.51 24.95
CA ASP A 672 14.14 -6.88 24.71
C ASP A 672 14.14 -7.19 23.21
N GLY A 673 13.67 -6.26 22.38
CA GLY A 673 13.65 -6.55 20.96
C GLY A 673 15.07 -6.70 20.42
N LEU A 674 15.95 -5.83 20.91
CA LEU A 674 17.34 -5.83 20.52
C LEU A 674 17.95 -7.17 20.88
N GLU A 675 17.72 -7.59 22.11
CA GLU A 675 18.26 -8.86 22.59
C GLU A 675 17.69 -10.01 21.75
N ARG A 676 16.37 -10.06 21.61
CA ARG A 676 15.76 -11.15 20.85
C ARG A 676 16.26 -11.29 19.41
N MET A 677 16.27 -10.18 18.69
CA MET A 677 16.65 -10.19 17.29
C MET A 677 18.13 -10.24 16.99
N TYR A 678 18.92 -9.55 17.82
CA TYR A 678 20.33 -9.45 17.58
C TYR A 678 21.26 -10.00 18.65
N GLY A 679 20.67 -10.60 19.66
CA GLY A 679 21.44 -11.27 20.69
C GLY A 679 21.61 -12.69 20.19
N GLU A 680 22.05 -13.58 21.06
CA GLU A 680 22.29 -14.95 20.64
C GLU A 680 21.09 -15.76 20.14
N LYS A 681 19.91 -15.39 20.62
CA LYS A 681 18.68 -16.05 20.22
C LYS A 681 18.40 -15.94 18.73
N GLN A 682 18.77 -14.80 18.15
CA GLN A 682 18.54 -14.53 16.73
C GLN A 682 17.14 -14.92 16.27
N GLU A 683 16.16 -14.40 16.99
CA GLU A 683 14.77 -14.66 16.65
C GLU A 683 14.39 -13.91 15.38
N ASN A 684 13.66 -14.58 14.49
CA ASN A 684 13.24 -13.93 13.27
C ASN A 684 11.90 -13.24 13.42
N VAL A 685 11.96 -12.09 14.07
CA VAL A 685 10.79 -11.22 14.22
C VAL A 685 11.26 -9.79 14.01
N TYR A 686 10.30 -8.89 13.75
CA TYR A 686 10.64 -7.50 13.69
C TYR A 686 9.63 -6.86 14.63
N TYR A 687 9.96 -5.68 15.13
CA TYR A 687 9.12 -4.96 16.10
C TYR A 687 8.39 -3.78 15.53
N TYR A 688 7.20 -3.54 16.06
CA TYR A 688 6.41 -2.36 15.67
C TYR A 688 6.06 -1.72 17.01
N ILE A 689 6.47 -0.49 17.22
CA ILE A 689 6.18 0.21 18.46
C ILE A 689 5.52 1.53 18.09
N THR A 690 4.30 1.80 18.58
CA THR A 690 3.67 3.07 18.27
C THR A 690 4.13 4.05 19.35
N THR A 691 4.48 5.27 18.97
CA THR A 691 4.93 6.25 19.95
C THR A 691 4.10 7.51 19.76
N LEU A 692 4.10 8.33 20.80
CA LEU A 692 3.26 9.49 20.89
C LEU A 692 3.94 10.83 20.80
N ASN A 693 3.14 11.84 20.44
CA ASN A 693 3.67 13.17 20.33
C ASN A 693 3.17 14.02 21.49
N GLU A 694 2.52 13.41 22.47
CA GLU A 694 1.99 14.14 23.60
C GLU A 694 2.88 13.99 24.85
N ASN A 695 3.27 15.10 25.47
CA ASN A 695 4.09 15.06 26.69
C ASN A 695 3.27 14.92 27.95
N TYR A 696 3.75 14.14 28.91
CA TYR A 696 3.05 14.02 30.20
C TYR A 696 3.99 13.45 31.25
N HIS A 697 3.52 13.40 32.49
CA HIS A 697 4.37 12.88 33.56
C HIS A 697 4.76 11.44 33.31
N MET A 698 6.05 11.15 33.43
CA MET A 698 6.58 9.81 33.23
C MET A 698 7.12 9.26 34.55
N PRO A 699 6.35 8.38 35.19
CA PRO A 699 6.77 7.78 36.45
C PRO A 699 7.88 6.76 36.33
N ALA A 700 8.40 6.31 37.48
CA ALA A 700 9.47 5.33 37.50
C ALA A 700 8.89 3.94 37.26
N MET A 701 9.68 3.07 36.66
CA MET A 701 9.22 1.72 36.41
C MET A 701 9.06 1.02 37.74
N PRO A 702 7.95 0.29 37.93
CA PRO A 702 7.77 -0.42 39.20
C PRO A 702 8.80 -1.55 39.28
N GLU A 703 9.32 -1.81 40.48
CA GLU A 703 10.27 -2.89 40.69
C GLU A 703 9.69 -4.19 40.15
N GLY A 704 10.48 -4.93 39.37
CA GLY A 704 10.01 -6.20 38.84
C GLY A 704 8.98 -6.23 37.72
N ALA A 705 8.66 -5.08 37.15
CA ALA A 705 7.68 -5.04 36.07
C ALA A 705 8.22 -5.47 34.70
N GLU A 706 9.53 -5.61 34.56
CA GLU A 706 10.10 -5.93 33.24
C GLU A 706 9.44 -7.09 32.49
N GLU A 707 9.31 -8.23 33.15
CA GLU A 707 8.72 -9.38 32.49
C GLU A 707 7.27 -9.12 32.07
N GLY A 708 6.50 -8.38 32.88
CA GLY A 708 5.13 -8.07 32.52
C GLY A 708 5.09 -7.11 31.33
N ILE A 709 5.97 -6.13 31.35
CA ILE A 709 6.05 -5.19 30.24
C ILE A 709 6.30 -5.94 28.92
N ARG A 710 7.26 -6.86 28.90
CA ARG A 710 7.57 -7.61 27.67
C ARG A 710 6.43 -8.52 27.26
N LYS A 711 5.78 -9.16 28.24
CA LYS A 711 4.69 -10.07 27.90
C LYS A 711 3.42 -9.37 27.49
N GLY A 712 3.23 -8.12 27.91
CA GLY A 712 2.04 -7.40 27.49
C GLY A 712 1.14 -6.72 28.52
N ILE A 713 1.28 -7.07 29.79
CA ILE A 713 0.47 -6.47 30.84
C ILE A 713 1.06 -6.62 32.23
N TYR A 714 0.88 -5.60 33.06
CA TYR A 714 1.32 -5.69 34.44
C TYR A 714 0.43 -4.79 35.28
N LYS A 715 0.22 -5.17 36.53
CA LYS A 715 -0.63 -4.39 37.42
C LYS A 715 0.18 -3.22 37.95
N LEU A 716 -0.25 -2.01 37.58
CA LEU A 716 0.42 -0.78 37.99
C LEU A 716 0.15 -0.43 39.44
N GLU A 717 -1.11 -0.48 39.84
CA GLU A 717 -1.49 -0.12 41.20
C GLU A 717 -2.83 -0.71 41.59
N THR A 718 -3.15 -0.62 42.87
CA THR A 718 -4.43 -1.08 43.40
C THR A 718 -4.95 0.10 44.23
N ILE A 719 -6.18 0.52 43.97
CA ILE A 719 -6.76 1.62 44.71
C ILE A 719 -7.85 1.05 45.60
N GLU A 720 -7.84 1.47 46.87
CA GLU A 720 -8.80 0.97 47.85
C GLU A 720 -10.16 1.64 47.68
N GLY A 721 -11.21 0.91 48.03
CA GLY A 721 -12.57 1.41 47.95
C GLY A 721 -13.43 0.39 48.65
N SER A 722 -14.50 0.82 49.30
CA SER A 722 -15.35 -0.13 50.03
C SER A 722 -16.72 -0.34 49.40
N LYS A 723 -17.06 0.45 48.39
CA LYS A 723 -18.36 0.30 47.78
C LYS A 723 -18.40 -0.73 46.65
N GLY A 724 -17.24 -0.98 46.05
CA GLY A 724 -17.15 -1.95 44.97
C GLY A 724 -15.71 -2.12 44.47
N LYS A 725 -15.50 -2.95 43.45
CA LYS A 725 -14.14 -3.11 42.91
C LYS A 725 -14.18 -3.45 41.44
N VAL A 726 -13.34 -2.79 40.65
CA VAL A 726 -13.30 -3.07 39.24
C VAL A 726 -11.85 -3.17 38.81
N GLN A 727 -11.64 -3.56 37.55
CA GLN A 727 -10.30 -3.64 37.00
C GLN A 727 -10.31 -2.69 35.81
N LEU A 728 -9.26 -1.90 35.67
CA LEU A 728 -9.19 -0.91 34.60
C LEU A 728 -7.89 -1.15 33.82
N LEU A 729 -8.01 -1.24 32.48
CA LEU A 729 -6.85 -1.47 31.62
C LEU A 729 -6.73 -0.35 30.60
N GLY A 730 -5.51 0.09 30.35
CA GLY A 730 -5.31 1.15 29.37
C GLY A 730 -3.97 0.95 28.72
N SER A 731 -3.76 1.55 27.55
CA SER A 731 -2.47 1.42 26.89
C SER A 731 -2.22 2.77 26.23
N GLY A 732 -0.99 2.98 25.75
CA GLY A 732 -0.67 4.22 25.06
C GLY A 732 -1.00 5.49 25.82
N SER A 733 -1.43 6.53 25.11
CA SER A 733 -1.72 7.82 25.73
C SER A 733 -3.00 7.82 26.55
N ILE A 734 -3.81 6.79 26.36
CA ILE A 734 -5.09 6.70 27.08
C ILE A 734 -4.99 6.14 28.49
N LEU A 735 -3.90 5.46 28.80
CA LEU A 735 -3.69 4.90 30.13
C LEU A 735 -3.79 6.02 31.18
N ARG A 736 -3.24 7.19 30.87
CA ARG A 736 -3.29 8.37 31.78
C ARG A 736 -4.73 8.67 32.19
N HIS A 737 -5.63 8.57 31.22
CA HIS A 737 -7.04 8.83 31.46
C HIS A 737 -7.73 7.72 32.23
N VAL A 738 -7.32 6.47 32.00
CA VAL A 738 -7.93 5.38 32.76
C VAL A 738 -7.47 5.52 34.20
N ARG A 739 -6.23 5.96 34.40
CA ARG A 739 -5.73 6.16 35.77
C ARG A 739 -6.51 7.29 36.42
N GLU A 740 -6.89 8.32 35.65
CA GLU A 740 -7.68 9.37 36.24
C GLU A 740 -9.07 8.86 36.59
N ALA A 741 -9.60 7.97 35.75
CA ALA A 741 -10.91 7.41 35.99
C ALA A 741 -10.86 6.59 37.28
N ALA A 742 -9.73 5.94 37.54
CA ALA A 742 -9.57 5.14 38.75
C ALA A 742 -9.64 6.07 39.97
N GLU A 743 -8.99 7.23 39.89
CA GLU A 743 -9.01 8.15 41.02
C GLU A 743 -10.45 8.60 41.29
N ILE A 744 -11.14 9.00 40.22
CA ILE A 744 -12.53 9.45 40.35
C ILE A 744 -13.43 8.38 40.97
N LEU A 745 -13.30 7.15 40.47
CA LEU A 745 -14.09 6.04 40.96
C LEU A 745 -13.92 5.84 42.45
N ALA A 746 -12.70 6.04 42.91
CA ALA A 746 -12.38 5.86 44.31
C ALA A 746 -12.81 7.06 45.14
N LYS A 747 -12.49 8.26 44.66
CA LYS A 747 -12.83 9.51 45.37
C LYS A 747 -14.33 9.80 45.43
N ASP A 748 -15.02 9.71 44.29
CA ASP A 748 -16.46 10.01 44.26
C ASP A 748 -17.42 8.86 44.52
N TYR A 749 -17.02 7.64 44.20
CA TYR A 749 -17.92 6.51 44.37
C TYR A 749 -17.47 5.41 45.31
N GLY A 750 -16.31 5.58 45.92
CA GLY A 750 -15.81 4.54 46.82
C GLY A 750 -15.53 3.21 46.14
N VAL A 751 -15.31 3.23 44.84
CA VAL A 751 -15.00 2.01 44.10
C VAL A 751 -13.50 1.86 43.93
N GLY A 752 -12.97 0.74 44.41
CA GLY A 752 -11.55 0.52 44.30
C GLY A 752 -11.28 -0.17 42.98
N SER A 753 -10.00 -0.32 42.65
CA SER A 753 -9.69 -0.95 41.38
C SER A 753 -8.24 -1.37 41.29
N ASP A 754 -8.00 -2.29 40.36
CA ASP A 754 -6.65 -2.70 40.05
C ASP A 754 -6.49 -2.04 38.67
N VAL A 755 -5.38 -1.34 38.50
CA VAL A 755 -5.08 -0.65 37.27
C VAL A 755 -3.90 -1.34 36.60
N TYR A 756 -4.09 -1.70 35.34
CA TYR A 756 -3.05 -2.39 34.58
C TYR A 756 -2.62 -1.58 33.38
N SER A 757 -1.30 -1.51 33.12
CA SER A 757 -0.85 -0.87 31.88
C SER A 757 -0.78 -2.07 30.93
N VAL A 758 -1.30 -1.95 29.72
CA VAL A 758 -1.26 -3.06 28.75
C VAL A 758 -0.34 -2.59 27.64
N THR A 759 0.89 -3.07 27.64
CA THR A 759 1.84 -2.66 26.62
C THR A 759 1.63 -3.37 25.28
N SER A 760 0.86 -4.45 25.30
CA SER A 760 0.59 -5.17 24.07
C SER A 760 -0.59 -6.11 24.14
N PHE A 761 -1.75 -5.59 23.77
CA PHE A 761 -2.95 -6.38 23.72
C PHE A 761 -2.74 -7.51 22.72
N THR A 762 -2.00 -7.24 21.65
CA THR A 762 -1.81 -8.29 20.65
C THR A 762 -0.97 -9.46 21.12
N GLU A 763 0.13 -9.19 21.83
CA GLU A 763 0.94 -10.30 22.34
C GLU A 763 0.15 -11.10 23.38
N LEU A 764 -0.75 -10.44 24.11
CA LEU A 764 -1.56 -11.13 25.10
C LEU A 764 -2.59 -12.04 24.41
N ALA A 765 -3.19 -11.53 23.34
CA ALA A 765 -4.18 -12.29 22.58
C ALA A 765 -3.52 -13.51 21.95
N ARG A 766 -2.31 -13.33 21.42
CA ARG A 766 -1.61 -14.44 20.82
C ARG A 766 -1.29 -15.49 21.89
N ASP A 767 -0.89 -15.05 23.07
CA ASP A 767 -0.60 -15.99 24.15
C ASP A 767 -1.88 -16.75 24.52
N GLY A 768 -3.00 -16.03 24.60
CA GLY A 768 -4.26 -16.64 24.97
C GLY A 768 -4.65 -17.70 23.95
N GLN A 769 -4.48 -17.37 22.67
CA GLN A 769 -4.80 -18.30 21.57
C GLN A 769 -3.95 -19.55 21.65
N ASP A 770 -2.67 -19.38 21.98
CA ASP A 770 -1.76 -20.51 22.08
C ASP A 770 -2.15 -21.44 23.22
N CYS A 771 -2.54 -20.86 24.36
CA CYS A 771 -2.95 -21.67 25.51
C CYS A 771 -4.23 -22.42 25.14
N GLU A 772 -5.21 -21.72 24.56
CA GLU A 772 -6.44 -22.42 24.20
C GLU A 772 -6.21 -23.48 23.14
N ARG A 773 -5.31 -23.18 22.18
CA ARG A 773 -5.01 -24.16 21.15
C ARG A 773 -4.40 -25.40 21.83
N TRP A 774 -3.46 -25.16 22.73
CA TRP A 774 -2.80 -26.27 23.42
C TRP A 774 -3.82 -27.05 24.26
N ASN A 775 -4.67 -26.34 24.99
CA ASN A 775 -5.68 -27.04 25.80
C ASN A 775 -6.58 -27.93 24.94
N MET A 776 -6.98 -27.42 23.78
CA MET A 776 -7.84 -28.19 22.87
C MET A 776 -7.16 -29.46 22.40
N LEU A 777 -5.87 -29.36 22.14
CA LEU A 777 -5.08 -30.47 21.65
C LEU A 777 -4.59 -31.43 22.72
N HIS A 778 -4.75 -31.07 23.98
CA HIS A 778 -4.30 -31.92 25.10
C HIS A 778 -5.40 -32.00 26.12
N PRO A 779 -6.53 -32.65 25.77
CA PRO A 779 -7.69 -32.81 26.63
C PRO A 779 -7.47 -33.56 27.93
N LEU A 780 -6.39 -34.34 27.99
CA LEU A 780 -6.11 -35.10 29.21
C LEU A 780 -5.23 -34.30 30.17
N GLU A 781 -4.75 -33.14 29.73
CA GLU A 781 -3.89 -32.33 30.58
C GLU A 781 -4.60 -31.22 31.32
N THR A 782 -3.95 -30.69 32.36
CA THR A 782 -4.49 -29.60 33.12
C THR A 782 -4.44 -28.40 32.17
N PRO A 783 -5.54 -27.64 32.06
CA PRO A 783 -5.53 -26.49 31.14
C PRO A 783 -4.50 -25.40 31.45
N ARG A 784 -3.81 -24.93 30.43
CA ARG A 784 -2.83 -23.86 30.60
C ARG A 784 -3.62 -22.55 30.74
N VAL A 785 -3.08 -21.62 31.52
CA VAL A 785 -3.77 -20.36 31.74
C VAL A 785 -3.10 -19.21 31.00
N PRO A 786 -3.88 -18.45 30.22
CA PRO A 786 -3.31 -17.32 29.48
C PRO A 786 -2.64 -16.35 30.45
N TYR A 787 -1.51 -15.77 30.05
CA TYR A 787 -0.82 -14.82 30.91
C TYR A 787 -1.75 -13.72 31.46
N ILE A 788 -2.55 -13.12 30.59
CA ILE A 788 -3.47 -12.06 31.01
C ILE A 788 -4.39 -12.53 32.13
N ALA A 789 -4.78 -13.82 32.10
CA ALA A 789 -5.66 -14.37 33.14
C ALA A 789 -4.85 -14.65 34.41
N GLN A 790 -3.54 -14.74 34.28
CA GLN A 790 -2.69 -14.97 35.45
C GLN A 790 -2.54 -13.66 36.19
N VAL A 791 -2.51 -12.57 35.41
CA VAL A 791 -2.32 -11.23 35.94
C VAL A 791 -3.61 -10.64 36.48
N MET A 792 -4.73 -10.86 35.78
CA MET A 792 -6.02 -10.29 36.17
C MET A 792 -6.81 -11.16 37.13
N ASN A 793 -7.93 -10.62 37.61
CA ASN A 793 -8.81 -11.38 38.51
C ASN A 793 -10.24 -11.37 37.93
N ASP A 794 -11.28 -11.60 38.74
CA ASP A 794 -12.63 -11.68 38.21
C ASP A 794 -13.53 -10.46 38.39
N ALA A 795 -12.98 -9.40 38.97
CA ALA A 795 -13.75 -8.20 39.20
C ALA A 795 -14.09 -7.55 37.84
N PRO A 796 -15.30 -6.98 37.70
CA PRO A 796 -15.70 -6.33 36.43
C PRO A 796 -14.59 -5.42 35.90
N ALA A 797 -14.28 -5.62 34.62
CA ALA A 797 -13.20 -4.91 33.93
C ALA A 797 -13.61 -3.98 32.81
N VAL A 798 -12.86 -2.90 32.65
CA VAL A 798 -13.09 -1.91 31.58
C VAL A 798 -11.72 -1.63 30.98
N ALA A 799 -11.65 -1.51 29.66
CA ALA A 799 -10.38 -1.21 29.02
C ALA A 799 -10.65 -0.04 28.07
N SER A 800 -9.67 0.84 27.91
CA SER A 800 -9.80 1.96 26.97
C SER A 800 -8.45 2.19 26.28
N THR A 801 -8.45 2.50 24.98
CA THR A 801 -7.20 2.75 24.27
C THR A 801 -7.50 3.77 23.20
N ASP A 802 -6.47 4.19 22.48
CA ASP A 802 -6.58 5.17 21.39
C ASP A 802 -6.82 4.46 20.03
N TYR A 803 -7.11 3.18 20.10
CA TYR A 803 -7.37 2.37 18.90
C TYR A 803 -8.77 1.85 18.91
N MET A 804 -9.22 1.31 17.78
CA MET A 804 -10.59 0.79 17.72
C MET A 804 -10.76 -0.30 18.78
N LYS A 805 -12.00 -0.46 19.24
CA LYS A 805 -12.33 -1.42 20.28
C LYS A 805 -11.75 -2.82 20.12
N LEU A 806 -11.70 -3.34 18.90
CA LEU A 806 -11.16 -4.68 18.68
C LEU A 806 -9.74 -4.80 19.23
N PHE A 807 -8.99 -3.70 19.22
CA PHE A 807 -7.62 -3.78 19.73
C PHE A 807 -7.62 -4.34 21.14
N ALA A 808 -8.57 -3.93 21.97
CA ALA A 808 -8.65 -4.45 23.34
C ALA A 808 -9.62 -5.64 23.44
N GLU A 809 -10.63 -5.71 22.57
CA GLU A 809 -11.57 -6.83 22.58
C GLU A 809 -10.94 -8.18 22.19
N GLN A 810 -9.84 -8.13 21.45
CA GLN A 810 -9.20 -9.35 21.01
C GLN A 810 -8.80 -10.29 22.15
N VAL A 811 -8.67 -9.77 23.38
CA VAL A 811 -8.32 -10.65 24.50
C VAL A 811 -9.54 -11.09 25.32
N ARG A 812 -10.74 -10.69 24.90
CA ARG A 812 -11.98 -11.04 25.64
C ARG A 812 -12.05 -12.47 26.17
N THR A 813 -11.83 -13.43 25.28
CA THR A 813 -11.89 -14.83 25.65
C THR A 813 -11.01 -15.19 26.83
N TYR A 814 -9.89 -14.47 26.97
CA TYR A 814 -8.89 -14.76 27.98
C TYR A 814 -9.03 -13.96 29.27
N VAL A 815 -9.80 -12.88 29.24
CA VAL A 815 -9.99 -12.07 30.45
C VAL A 815 -10.87 -12.91 31.37
N PRO A 816 -10.36 -13.25 32.56
CA PRO A 816 -11.15 -14.06 33.48
C PRO A 816 -12.30 -13.36 34.21
N ALA A 817 -12.88 -12.31 33.66
CA ALA A 817 -13.99 -11.65 34.36
C ALA A 817 -15.31 -11.81 33.60
N ASP A 818 -16.44 -11.78 34.29
CA ASP A 818 -17.74 -11.91 33.63
C ASP A 818 -18.03 -10.71 32.74
N ASP A 819 -17.56 -9.53 33.15
CA ASP A 819 -17.78 -8.32 32.38
C ASP A 819 -16.43 -7.75 31.96
N TYR A 820 -16.35 -7.40 30.68
CA TYR A 820 -15.15 -6.82 30.11
C TYR A 820 -15.72 -5.84 29.07
N ARG A 821 -15.75 -4.56 29.44
CA ARG A 821 -16.25 -3.51 28.56
C ARG A 821 -15.06 -2.84 27.91
N VAL A 822 -15.17 -2.57 26.62
CA VAL A 822 -14.09 -1.97 25.88
C VAL A 822 -14.49 -0.67 25.18
N LEU A 823 -13.74 0.39 25.47
CA LEU A 823 -13.94 1.70 24.85
C LEU A 823 -12.82 1.78 23.80
N GLY A 824 -13.07 2.46 22.68
CA GLY A 824 -12.03 2.51 21.68
C GLY A 824 -12.39 3.60 20.69
N THR A 825 -11.47 3.89 19.79
CA THR A 825 -11.66 4.98 18.86
C THR A 825 -12.20 4.64 17.46
N ASP A 826 -13.17 3.73 17.37
CA ASP A 826 -13.75 3.36 16.07
C ASP A 826 -14.31 4.63 15.44
N GLY A 827 -14.24 4.74 14.11
CA GLY A 827 -14.75 5.93 13.41
C GLY A 827 -13.62 6.70 12.75
N PHE A 828 -13.93 7.53 11.75
CA PHE A 828 -12.91 8.32 11.09
C PHE A 828 -12.48 9.47 12.00
N GLY A 829 -11.20 9.80 11.95
CA GLY A 829 -10.69 10.90 12.74
C GLY A 829 -11.18 12.23 12.20
N ARG A 830 -10.88 13.30 12.92
CA ARG A 830 -11.32 14.63 12.54
C ARG A 830 -10.48 15.54 13.41
N SER A 831 -10.43 16.80 13.04
CA SER A 831 -9.63 17.78 13.75
C SER A 831 -10.28 18.40 14.97
N ASP A 832 -9.53 18.44 16.06
CA ASP A 832 -9.99 19.09 17.28
C ASP A 832 -8.93 19.00 18.35
N SER A 833 -9.24 19.54 19.53
CA SER A 833 -8.31 19.47 20.66
C SER A 833 -8.31 18.01 21.10
N ARG A 834 -7.27 17.58 21.82
CA ARG A 834 -7.22 16.21 22.33
C ARG A 834 -8.42 15.97 23.24
N GLU A 835 -8.73 16.94 24.08
CA GLU A 835 -9.87 16.80 24.97
C GLU A 835 -11.19 16.56 24.19
N ASN A 836 -11.46 17.36 23.17
CA ASN A 836 -12.67 17.17 22.42
C ASN A 836 -12.70 15.84 21.69
N LEU A 837 -11.56 15.35 21.18
CA LEU A 837 -11.57 14.06 20.47
C LEU A 837 -11.72 12.89 21.44
N ARG A 838 -11.12 13.01 22.62
CA ARG A 838 -11.22 11.92 23.58
C ARG A 838 -12.63 11.81 24.13
N HIS A 839 -13.38 12.89 24.03
CA HIS A 839 -14.77 12.85 24.50
C HIS A 839 -15.62 12.36 23.31
N HIS A 840 -15.33 12.89 22.12
CA HIS A 840 -16.04 12.45 20.93
C HIS A 840 -15.90 10.92 20.71
N PHE A 841 -14.68 10.38 20.85
CA PHE A 841 -14.49 8.95 20.64
C PHE A 841 -14.84 8.08 21.86
N GLU A 842 -15.38 8.74 22.89
CA GLU A 842 -15.85 8.07 24.09
C GLU A 842 -14.81 7.15 24.72
N VAL A 843 -13.60 7.69 24.93
CA VAL A 843 -12.49 6.94 25.52
C VAL A 843 -11.89 7.68 26.71
N ASP A 844 -12.33 8.92 26.95
CA ASP A 844 -11.76 9.68 28.08
C ASP A 844 -12.17 9.19 29.48
N ALA A 845 -11.64 9.83 30.51
CA ALA A 845 -11.92 9.38 31.87
C ALA A 845 -13.39 9.27 32.20
N SER A 846 -14.19 10.23 31.76
CA SER A 846 -15.61 10.17 32.09
C SER A 846 -16.32 8.91 31.56
N TYR A 847 -15.93 8.48 30.37
CA TYR A 847 -16.54 7.29 29.80
C TYR A 847 -16.04 6.03 30.49
N VAL A 848 -14.80 6.03 30.97
CA VAL A 848 -14.31 4.85 31.68
C VAL A 848 -15.10 4.68 32.98
N VAL A 849 -15.30 5.79 33.70
CA VAL A 849 -16.06 5.77 34.96
C VAL A 849 -17.47 5.30 34.68
N VAL A 850 -18.12 5.85 33.67
CA VAL A 850 -19.49 5.41 33.37
C VAL A 850 -19.55 3.93 33.00
N ALA A 851 -18.52 3.44 32.31
CA ALA A 851 -18.50 2.05 31.91
C ALA A 851 -18.41 1.15 33.14
N ALA A 852 -17.56 1.54 34.07
CA ALA A 852 -17.35 0.78 35.28
C ALA A 852 -18.61 0.81 36.16
N LEU A 853 -19.16 2.00 36.40
CA LEU A 853 -20.36 2.08 37.23
C LEU A 853 -21.47 1.22 36.63
N GLY A 854 -21.52 1.18 35.30
CA GLY A 854 -22.53 0.39 34.61
C GLY A 854 -22.45 -1.08 34.96
N GLU A 855 -21.22 -1.59 35.05
CA GLU A 855 -21.04 -3.00 35.39
C GLU A 855 -21.46 -3.27 36.84
N LEU A 856 -21.10 -2.37 37.76
CA LEU A 856 -21.49 -2.55 39.16
C LEU A 856 -22.99 -2.50 39.33
N ALA A 857 -23.65 -1.60 38.60
CA ALA A 857 -25.09 -1.45 38.68
C ALA A 857 -25.80 -2.69 38.16
N LYS A 858 -25.23 -3.28 37.13
CA LYS A 858 -25.79 -4.48 36.54
C LYS A 858 -25.70 -5.60 37.57
N ARG A 859 -24.59 -5.60 38.31
CA ARG A 859 -24.35 -6.61 39.34
C ARG A 859 -25.15 -6.30 40.59
N GLY A 860 -25.73 -5.10 40.64
CA GLY A 860 -26.50 -4.71 41.80
C GLY A 860 -25.74 -3.95 42.88
N GLU A 861 -24.41 -3.93 42.82
CA GLU A 861 -23.65 -3.19 43.84
C GLU A 861 -24.09 -1.74 43.96
N ILE A 862 -24.25 -1.06 42.83
CA ILE A 862 -24.70 0.32 42.91
C ILE A 862 -26.05 0.50 42.24
N ASP A 863 -26.68 1.63 42.51
CA ASP A 863 -27.98 1.85 41.94
C ASP A 863 -27.80 2.34 40.51
N LYS A 864 -28.64 1.85 39.60
CA LYS A 864 -28.55 2.24 38.19
C LYS A 864 -28.69 3.73 38.05
N LYS A 865 -29.38 4.32 39.01
CA LYS A 865 -29.61 5.75 39.02
C LYS A 865 -28.29 6.50 39.17
N VAL A 866 -27.30 5.91 39.82
CA VAL A 866 -26.03 6.64 39.96
C VAL A 866 -25.31 6.64 38.61
N VAL A 867 -25.57 5.62 37.80
CA VAL A 867 -24.97 5.53 36.47
C VAL A 867 -25.58 6.68 35.67
N ALA A 868 -26.90 6.78 35.75
CA ALA A 868 -27.63 7.84 35.04
C ALA A 868 -27.15 9.21 35.46
N ASP A 869 -26.93 9.42 36.76
CA ASP A 869 -26.43 10.71 37.24
C ASP A 869 -24.98 10.98 36.85
N ALA A 870 -24.19 9.93 36.66
CA ALA A 870 -22.81 10.12 36.26
C ALA A 870 -22.82 10.63 34.83
N ILE A 871 -23.70 10.07 34.00
CA ILE A 871 -23.80 10.48 32.62
C ILE A 871 -24.06 11.99 32.47
N ALA A 872 -25.00 12.51 33.25
CA ALA A 872 -25.34 13.93 33.16
C ALA A 872 -24.24 14.75 33.81
N LYS A 873 -23.73 14.26 34.91
CA LYS A 873 -22.69 14.93 35.66
C LYS A 873 -21.43 15.19 34.82
N PHE A 874 -21.12 14.25 33.91
CA PHE A 874 -19.95 14.35 33.05
C PHE A 874 -20.22 14.95 31.68
N ASN A 875 -21.43 15.47 31.46
CA ASN A 875 -21.77 16.10 30.18
C ASN A 875 -21.55 15.10 29.06
N ILE A 876 -22.09 13.90 29.26
CA ILE A 876 -22.00 12.86 28.26
C ILE A 876 -23.31 12.82 27.51
N ASP A 877 -23.23 12.92 26.20
CA ASP A 877 -24.41 12.89 25.35
C ASP A 877 -24.69 11.42 25.01
N ALA A 878 -25.64 10.83 25.72
CA ALA A 878 -26.00 9.43 25.52
C ALA A 878 -26.58 9.10 24.17
N ASP A 879 -27.05 10.12 23.44
CA ASP A 879 -27.66 9.84 22.15
C ASP A 879 -26.95 10.40 20.93
N LYS A 880 -25.70 10.83 21.08
CA LYS A 880 -24.99 11.32 19.92
C LYS A 880 -24.73 10.05 19.08
N VAL A 881 -24.50 10.21 17.79
CA VAL A 881 -24.28 9.06 16.93
C VAL A 881 -23.01 8.31 17.31
N ASN A 882 -23.03 7.02 17.05
CA ASN A 882 -21.90 6.16 17.31
C ASN A 882 -20.75 6.75 16.52
N PRO A 883 -19.62 7.02 17.19
CA PRO A 883 -18.48 7.59 16.47
C PRO A 883 -18.10 6.81 15.18
N ARG A 884 -18.32 5.49 15.16
CA ARG A 884 -17.96 4.73 13.95
C ARG A 884 -18.76 5.24 12.76
N LEU A 885 -19.96 5.73 13.05
CA LEU A 885 -20.83 6.25 12.00
C LEU A 885 -20.70 7.76 11.80
N ALA A 886 -20.12 8.49 12.76
CA ALA A 886 -20.00 9.95 12.62
C ALA A 886 -19.15 10.43 11.43
N ILE B 56 15.73 17.18 -21.43
CA ILE B 56 15.88 18.41 -20.60
C ILE B 56 16.17 19.61 -21.48
N SER B 57 15.47 20.72 -21.22
CA SER B 57 15.65 21.94 -22.00
C SER B 57 16.34 22.95 -21.10
N ASN B 58 16.68 24.13 -21.64
CA ASN B 58 17.34 25.17 -20.83
C ASN B 58 16.48 25.54 -19.61
N TYR B 59 17.15 26.04 -18.57
CA TYR B 59 16.51 26.40 -17.30
C TYR B 59 15.84 27.77 -17.32
N ILE B 60 14.91 27.94 -18.25
CA ILE B 60 14.19 29.19 -18.45
C ILE B 60 12.75 28.84 -18.87
N ASN B 61 11.92 29.87 -18.97
CA ASN B 61 10.52 29.65 -19.32
C ASN B 61 10.37 28.93 -20.65
N THR B 62 9.43 28.00 -20.67
CA THR B 62 9.15 27.25 -21.88
C THR B 62 8.59 28.20 -22.92
N ILE B 63 7.74 29.12 -22.47
CA ILE B 63 7.07 30.09 -23.33
C ILE B 63 7.79 31.43 -23.35
N PRO B 64 8.46 31.74 -24.47
CA PRO B 64 9.17 33.02 -24.52
C PRO B 64 8.14 34.13 -24.51
N VAL B 65 8.55 35.32 -24.08
CA VAL B 65 7.63 36.47 -24.02
C VAL B 65 6.90 36.76 -25.33
N GLU B 66 7.57 36.59 -26.47
CA GLU B 66 6.93 36.90 -27.75
C GLU B 66 5.81 35.93 -28.15
N GLU B 67 5.62 34.87 -27.36
CA GLU B 67 4.58 33.89 -27.66
C GLU B 67 3.59 33.89 -26.51
N GLN B 68 3.78 34.82 -25.59
CA GLN B 68 2.96 34.93 -24.41
C GLN B 68 1.73 35.76 -24.71
N PRO B 69 0.53 35.26 -24.38
CA PRO B 69 -0.67 36.04 -24.65
C PRO B 69 -0.81 37.21 -23.68
N GLU B 70 -1.59 38.22 -24.09
CA GLU B 70 -1.84 39.37 -23.24
C GLU B 70 -2.61 38.84 -22.04
N TYR B 71 -2.30 39.34 -20.84
CA TYR B 71 -3.02 38.89 -19.65
C TYR B 71 -4.41 39.50 -19.73
N PRO B 72 -5.45 38.68 -19.53
CA PRO B 72 -6.82 39.17 -19.61
C PRO B 72 -7.44 39.87 -18.41
N GLY B 73 -6.90 39.66 -17.22
CA GLY B 73 -7.50 40.27 -16.05
C GLY B 73 -6.87 41.57 -15.59
N ASN B 74 -7.41 42.07 -14.47
CA ASN B 74 -6.98 43.31 -13.86
C ASN B 74 -5.95 42.97 -12.78
N LEU B 75 -4.69 42.94 -13.21
CA LEU B 75 -3.59 42.60 -12.33
C LEU B 75 -3.58 43.35 -10.99
N GLU B 76 -3.77 44.65 -11.05
CA GLU B 76 -3.78 45.50 -9.87
C GLU B 76 -4.91 45.10 -8.91
N LEU B 77 -6.11 44.93 -9.46
CA LEU B 77 -7.26 44.55 -8.65
C LEU B 77 -7.11 43.11 -8.14
N GLU B 78 -6.59 42.22 -8.99
CA GLU B 78 -6.40 40.83 -8.59
C GLU B 78 -5.44 40.68 -7.40
N ARG B 79 -4.37 41.46 -7.43
CA ARG B 79 -3.38 41.44 -6.36
C ARG B 79 -4.02 41.86 -5.04
N ARG B 80 -4.90 42.85 -5.12
CA ARG B 80 -5.60 43.36 -3.95
C ARG B 80 -6.42 42.24 -3.31
N ILE B 81 -7.15 41.52 -4.14
CA ILE B 81 -7.98 40.45 -3.62
C ILE B 81 -7.07 39.32 -3.14
N ARG B 82 -6.02 39.03 -3.91
CA ARG B 82 -5.10 37.96 -3.53
C ARG B 82 -4.43 38.26 -2.18
N SER B 83 -4.07 39.52 -1.95
CA SER B 83 -3.44 39.89 -0.69
C SER B 83 -4.40 39.67 0.48
N ALA B 84 -5.69 39.90 0.27
CA ALA B 84 -6.67 39.69 1.34
C ALA B 84 -6.81 38.19 1.65
N ILE B 85 -6.69 37.38 0.60
CA ILE B 85 -6.79 35.95 0.77
C ILE B 85 -5.56 35.48 1.53
N ARG B 86 -4.38 35.97 1.16
CA ARG B 86 -3.14 35.59 1.85
C ARG B 86 -3.26 35.94 3.33
N TRP B 87 -3.75 37.15 3.60
CA TRP B 87 -3.92 37.63 4.97
C TRP B 87 -4.92 36.76 5.76
N ASN B 88 -6.10 36.56 5.19
CA ASN B 88 -7.09 35.75 5.88
C ASN B 88 -6.62 34.34 6.18
N ALA B 89 -5.80 33.76 5.31
CA ALA B 89 -5.32 32.40 5.53
C ALA B 89 -4.37 32.40 6.74
N ILE B 90 -3.45 33.36 6.76
CA ILE B 90 -2.51 33.45 7.87
C ILE B 90 -3.28 33.75 9.16
N MET B 91 -4.27 34.65 9.11
CA MET B 91 -5.07 34.93 10.32
C MET B 91 -5.78 33.66 10.83
N THR B 92 -6.34 32.88 9.92
CA THR B 92 -6.99 31.63 10.31
C THR B 92 -6.06 30.70 11.10
N VAL B 93 -4.86 30.47 10.57
CA VAL B 93 -3.89 29.59 11.23
C VAL B 93 -3.31 30.17 12.52
N LEU B 94 -3.01 31.47 12.52
CA LEU B 94 -2.44 32.10 13.71
C LEU B 94 -3.45 32.11 14.85
N ARG B 95 -4.71 32.39 14.53
CA ARG B 95 -5.76 32.41 15.54
C ARG B 95 -5.89 31.02 16.16
N ALA B 96 -5.71 30.00 15.32
CA ALA B 96 -5.81 28.63 15.79
C ALA B 96 -4.64 28.33 16.71
N SER B 97 -3.46 28.79 16.34
CA SER B 97 -2.29 28.52 17.15
C SER B 97 -2.36 29.25 18.49
N LYS B 98 -3.04 30.39 18.54
CA LYS B 98 -3.16 31.12 19.81
C LYS B 98 -3.89 30.31 20.89
N LYS B 99 -4.76 29.39 20.48
CA LYS B 99 -5.52 28.59 21.45
C LYS B 99 -4.62 27.62 22.23
N ASP B 100 -3.42 27.39 21.73
CA ASP B 100 -2.46 26.48 22.38
C ASP B 100 -3.08 25.11 22.63
N LEU B 101 -3.67 24.54 21.58
CA LEU B 101 -4.31 23.22 21.69
C LEU B 101 -3.70 22.26 20.68
N GLU B 102 -2.51 22.60 20.21
CA GLU B 102 -1.77 21.79 19.23
C GLU B 102 -2.62 21.51 18.01
N LEU B 103 -3.38 22.51 17.56
CA LEU B 103 -4.22 22.29 16.39
C LEU B 103 -3.44 22.14 15.11
N GLY B 104 -2.34 22.88 14.97
CA GLY B 104 -1.54 22.79 13.76
C GLY B 104 -2.03 23.68 12.62
N GLY B 105 -1.50 23.41 11.42
CA GLY B 105 -1.85 24.19 10.23
C GLY B 105 -0.60 24.76 9.58
N HIS B 106 -0.61 24.99 8.27
CA HIS B 106 0.56 25.51 7.55
C HIS B 106 0.27 26.85 6.87
N MET B 107 1.33 27.59 6.56
CA MET B 107 1.22 28.89 5.90
C MET B 107 2.23 29.04 4.77
N ALA B 108 3.44 28.51 4.99
CA ALA B 108 4.50 28.64 4.00
C ALA B 108 4.19 28.06 2.63
N SER B 109 3.56 26.89 2.58
CA SER B 109 3.26 26.30 1.29
C SER B 109 2.28 27.14 0.48
N PHE B 110 1.15 27.55 1.08
CA PHE B 110 0.19 28.36 0.33
C PHE B 110 0.79 29.68 -0.10
N GLN B 111 1.66 30.25 0.75
CA GLN B 111 2.29 31.49 0.36
C GLN B 111 3.08 31.31 -0.93
N SER B 112 3.63 30.12 -1.13
CA SER B 112 4.39 29.87 -2.32
C SER B 112 3.52 29.62 -3.55
N SER B 113 2.30 29.10 -3.36
CA SER B 113 1.43 28.81 -4.51
C SER B 113 0.14 29.66 -4.69
N ALA B 114 -0.04 30.65 -3.84
CA ALA B 114 -1.25 31.49 -3.87
C ALA B 114 -1.55 32.06 -5.26
N THR B 115 -0.53 32.59 -5.92
CA THR B 115 -0.71 33.23 -7.22
C THR B 115 -1.07 32.20 -8.29
N ILE B 116 -0.59 30.97 -8.14
CA ILE B 116 -0.94 29.94 -9.12
C ILE B 116 -2.44 29.66 -9.01
N TYR B 117 -2.91 29.46 -7.80
CA TYR B 117 -4.33 29.19 -7.59
C TYR B 117 -5.16 30.40 -7.97
N ASP B 118 -4.68 31.60 -7.63
CA ASP B 118 -5.41 32.83 -7.97
C ASP B 118 -5.66 32.97 -9.48
N VAL B 119 -4.64 32.77 -10.30
CA VAL B 119 -4.86 32.88 -11.73
C VAL B 119 -5.89 31.82 -12.16
N CYS B 120 -5.84 30.63 -11.57
CA CYS B 120 -6.82 29.60 -11.95
C CYS B 120 -8.25 29.96 -11.51
N PHE B 121 -8.39 30.50 -10.32
CA PHE B 121 -9.71 30.86 -9.83
C PHE B 121 -10.25 32.03 -10.64
N ASN B 122 -9.36 32.90 -11.09
CA ASN B 122 -9.84 34.05 -11.86
C ASN B 122 -10.05 33.80 -13.35
N HIS B 123 -9.37 32.79 -13.90
CA HIS B 123 -9.45 32.58 -15.34
C HIS B 123 -9.61 31.17 -15.89
N PHE B 124 -9.48 30.15 -15.05
CA PHE B 124 -9.57 28.80 -15.55
C PHE B 124 -10.57 27.83 -14.93
N PHE B 125 -10.60 27.77 -13.60
CA PHE B 125 -11.46 26.80 -12.92
C PHE B 125 -12.96 26.90 -13.18
N ARG B 126 -13.51 25.88 -13.81
CA ARG B 126 -14.96 25.83 -14.05
C ARG B 126 -15.60 25.13 -12.86
N ALA B 127 -16.65 25.72 -12.30
CA ALA B 127 -17.35 25.10 -11.17
C ALA B 127 -18.44 24.14 -11.68
N ARG B 128 -18.96 23.31 -10.77
CA ARG B 128 -20.00 22.37 -11.15
C ARG B 128 -21.12 23.17 -11.78
N ASN B 129 -21.70 22.64 -12.83
CA ASN B 129 -22.77 23.35 -13.48
C ASN B 129 -23.85 22.37 -13.91
N GLU B 130 -24.82 22.86 -14.63
CA GLU B 130 -25.93 22.02 -15.08
C GLU B 130 -25.51 20.93 -16.08
N GLN B 131 -24.39 21.12 -16.75
CA GLN B 131 -23.96 20.14 -17.75
C GLN B 131 -22.96 19.08 -17.31
N ASP B 132 -22.05 19.44 -16.41
CA ASP B 132 -21.03 18.50 -15.94
C ASP B 132 -20.54 18.98 -14.57
N GLY B 133 -19.73 18.17 -13.90
CA GLY B 133 -19.22 18.52 -12.58
C GLY B 133 -18.17 19.61 -12.54
N GLY B 134 -17.88 20.21 -13.69
CA GLY B 134 -16.90 21.29 -13.73
C GLY B 134 -15.47 20.74 -13.74
N ASP B 135 -14.48 21.57 -13.43
CA ASP B 135 -13.13 21.06 -13.42
C ASP B 135 -12.94 20.32 -12.12
N LEU B 136 -12.23 19.22 -12.17
CA LEU B 136 -12.01 18.43 -10.97
C LEU B 136 -10.61 18.79 -10.45
N VAL B 137 -10.61 19.63 -9.41
CA VAL B 137 -9.36 20.10 -8.82
C VAL B 137 -8.96 19.34 -7.56
N TYR B 138 -7.80 18.72 -7.65
CA TYR B 138 -7.24 17.97 -6.55
C TYR B 138 -6.30 18.96 -5.84
N PHE B 139 -6.90 19.79 -4.99
CA PHE B 139 -6.20 20.80 -4.21
C PHE B 139 -5.17 20.13 -3.32
N GLN B 140 -3.95 20.65 -3.33
CA GLN B 140 -2.91 20.11 -2.46
C GLN B 140 -3.47 20.25 -1.03
N GLY B 141 -3.39 19.18 -0.23
CA GLY B 141 -3.98 19.21 1.08
C GLY B 141 -3.66 20.30 2.10
N HIS B 142 -2.38 20.56 2.33
CA HIS B 142 -2.00 21.56 3.33
C HIS B 142 -2.10 23.03 2.94
N ILE B 143 -2.67 23.30 1.78
CA ILE B 143 -2.88 24.71 1.42
C ILE B 143 -4.37 25.04 1.63
N SER B 144 -5.08 24.16 2.34
CA SER B 144 -6.51 24.34 2.62
C SER B 144 -6.86 25.71 3.24
N PRO B 145 -5.99 26.25 4.12
CA PRO B 145 -6.29 27.55 4.72
C PRO B 145 -6.52 28.61 3.62
N GLY B 146 -5.76 28.51 2.53
CA GLY B 146 -5.92 29.47 1.43
C GLY B 146 -7.27 29.28 0.73
N VAL B 147 -7.72 28.02 0.63
CA VAL B 147 -9.00 27.73 0.03
C VAL B 147 -10.10 28.24 0.96
N TYR B 148 -9.95 28.00 2.26
CA TYR B 148 -10.95 28.50 3.21
C TYR B 148 -11.00 30.03 3.18
N ALA B 149 -9.83 30.66 3.14
CA ALA B 149 -9.74 32.12 3.08
C ALA B 149 -10.50 32.68 1.89
N ARG B 150 -10.35 32.06 0.70
CA ARG B 150 -11.05 32.53 -0.49
C ARG B 150 -12.55 32.28 -0.34
N ALA B 151 -12.93 31.09 0.14
CA ALA B 151 -14.35 30.78 0.30
C ALA B 151 -15.01 31.79 1.25
N PHE B 152 -14.30 32.16 2.32
CA PHE B 152 -14.81 33.15 3.27
C PHE B 152 -14.99 34.45 2.54
N LEU B 153 -14.00 34.82 1.75
CA LEU B 153 -14.08 36.05 0.98
C LEU B 153 -15.25 36.06 0.02
N GLU B 154 -15.62 34.89 -0.49
CA GLU B 154 -16.74 34.76 -1.42
C GLU B 154 -18.06 34.65 -0.65
N GLY B 155 -17.98 34.76 0.67
CA GLY B 155 -19.15 34.67 1.52
C GLY B 155 -19.72 33.27 1.65
N ARG B 156 -18.90 32.26 1.38
CA ARG B 156 -19.35 30.87 1.47
C ARG B 156 -19.10 30.29 2.86
N LEU B 157 -18.25 30.96 3.64
CA LEU B 157 -17.96 30.51 5.00
C LEU B 157 -18.01 31.73 5.93
N THR B 158 -18.44 31.52 7.18
CA THR B 158 -18.51 32.57 8.16
C THR B 158 -17.19 32.75 8.93
N GLN B 159 -17.07 33.86 9.64
CA GLN B 159 -15.87 34.11 10.41
C GLN B 159 -15.76 33.07 11.54
N GLU B 160 -16.91 32.71 12.08
CA GLU B 160 -17.01 31.73 13.14
C GLU B 160 -16.39 30.44 12.67
N GLN B 161 -16.66 30.07 11.42
CA GLN B 161 -16.12 28.84 10.87
C GLN B 161 -14.60 28.94 10.80
N LEU B 162 -14.08 30.05 10.29
CA LEU B 162 -12.64 30.23 10.22
C LEU B 162 -12.07 30.18 11.65
N ASP B 163 -12.82 30.74 12.60
CA ASP B 163 -12.37 30.72 13.99
C ASP B 163 -12.45 29.31 14.58
N ASN B 164 -13.09 28.40 13.84
CA ASN B 164 -13.20 27.00 14.25
C ASN B 164 -12.35 26.12 13.33
N PHE B 165 -11.30 26.70 12.75
CA PHE B 165 -10.40 25.95 11.90
C PHE B 165 -9.81 24.83 12.77
N ARG B 166 -9.88 23.59 12.28
CA ARG B 166 -9.37 22.44 13.00
C ARG B 166 -10.04 22.11 14.34
N GLN B 167 -11.30 22.54 14.47
CA GLN B 167 -12.10 22.22 15.64
C GLN B 167 -13.48 21.92 15.06
N GLU B 168 -13.64 20.67 14.65
CA GLU B 168 -14.85 20.20 13.98
C GLU B 168 -15.88 19.44 14.78
N VAL B 169 -15.50 18.84 15.90
CA VAL B 169 -16.43 18.04 16.64
C VAL B 169 -17.77 18.63 16.98
N HIS B 170 -17.81 19.89 17.37
CA HIS B 170 -19.09 20.46 17.74
C HIS B 170 -19.93 21.01 16.59
N GLY B 171 -19.48 20.78 15.35
CA GLY B 171 -20.27 21.19 14.20
C GLY B 171 -20.17 22.49 13.45
N ASN B 172 -19.39 23.48 13.85
CA ASN B 172 -19.37 24.67 13.00
C ASN B 172 -17.92 24.99 12.72
N GLY B 173 -17.16 23.92 12.47
CA GLY B 173 -15.74 24.07 12.18
C GLY B 173 -15.32 23.60 10.81
N LEU B 174 -14.00 23.65 10.60
CA LEU B 174 -13.40 23.27 9.33
C LEU B 174 -12.31 22.21 9.48
N SER B 175 -12.31 21.22 8.59
CA SER B 175 -11.30 20.17 8.64
C SER B 175 -9.95 20.71 8.26
N SER B 176 -8.92 20.11 8.80
CA SER B 176 -7.56 20.50 8.49
C SER B 176 -7.29 20.39 6.99
N TYR B 177 -7.83 19.34 6.37
CA TYR B 177 -7.56 19.10 4.96
C TYR B 177 -8.82 18.68 4.18
N PRO B 178 -8.66 18.42 2.88
CA PRO B 178 -9.84 18.03 2.09
C PRO B 178 -10.38 16.67 2.49
N HIS B 179 -11.49 16.67 3.23
CA HIS B 179 -12.11 15.44 3.70
C HIS B 179 -13.61 15.45 3.46
N PRO B 180 -14.05 14.87 2.32
CA PRO B 180 -15.47 14.83 1.99
C PRO B 180 -16.36 14.25 3.07
N LYS B 181 -15.89 13.22 3.76
CA LYS B 181 -16.70 12.62 4.83
C LYS B 181 -17.02 13.66 5.95
N LEU B 182 -16.09 14.55 6.24
CA LEU B 182 -16.26 15.57 7.28
C LEU B 182 -16.97 16.85 6.82
N MET B 183 -16.79 17.17 5.55
CA MET B 183 -17.40 18.37 4.93
C MET B 183 -17.97 17.90 3.59
N PRO B 184 -19.09 17.16 3.63
CA PRO B 184 -19.73 16.61 2.44
C PRO B 184 -20.24 17.55 1.36
N GLU B 185 -20.41 18.84 1.69
CA GLU B 185 -20.89 19.74 0.65
C GLU B 185 -19.78 20.67 0.17
N PHE B 186 -18.58 20.44 0.69
CA PHE B 186 -17.46 21.31 0.34
C PHE B 186 -16.28 20.67 -0.40
N TRP B 187 -15.58 19.75 0.26
CA TRP B 187 -14.40 19.13 -0.36
C TRP B 187 -14.80 18.00 -1.29
N GLN B 188 -13.90 17.61 -2.17
CA GLN B 188 -14.24 16.54 -3.10
C GLN B 188 -13.23 15.39 -3.13
N PHE B 189 -11.95 15.76 -3.12
CA PHE B 189 -10.89 14.77 -3.25
C PHE B 189 -9.86 14.83 -2.11
N PRO B 190 -9.74 13.72 -1.33
CA PRO B 190 -8.80 13.64 -0.21
C PRO B 190 -7.41 13.59 -0.84
N THR B 191 -6.54 14.55 -0.52
CA THR B 191 -5.22 14.59 -1.16
C THR B 191 -4.06 14.69 -0.18
N VAL B 192 -4.37 14.92 1.09
CA VAL B 192 -3.29 15.12 2.05
C VAL B 192 -2.37 13.92 2.21
N SER B 193 -2.84 12.71 1.90
CA SER B 193 -1.91 11.58 1.99
C SER B 193 -1.22 11.70 0.64
N MET B 194 -0.01 12.23 0.67
CA MET B 194 0.71 12.47 -0.56
C MET B 194 0.92 11.28 -1.47
N GLY B 195 0.89 11.57 -2.76
CA GLY B 195 1.05 10.55 -3.76
C GLY B 195 -0.26 9.98 -4.24
N LEU B 196 -1.32 10.05 -3.44
CA LEU B 196 -2.59 9.50 -3.90
C LEU B 196 -3.26 10.43 -4.91
N GLY B 197 -3.13 11.74 -4.70
CA GLY B 197 -3.74 12.70 -5.61
C GLY B 197 -3.30 12.57 -7.06
N PRO B 198 -2.00 12.43 -7.28
CA PRO B 198 -1.51 12.29 -8.64
C PRO B 198 -2.12 11.06 -9.34
N ILE B 199 -2.03 9.90 -8.71
CA ILE B 199 -2.53 8.72 -9.39
C ILE B 199 -4.07 8.73 -9.42
N GLY B 200 -4.67 9.33 -8.41
CA GLY B 200 -6.13 9.42 -8.36
C GLY B 200 -6.63 10.29 -9.52
N ALA B 201 -5.89 11.38 -9.76
CA ALA B 201 -6.20 12.33 -10.83
C ALA B 201 -6.04 11.72 -12.24
N ILE B 202 -4.98 10.95 -12.46
CA ILE B 202 -4.76 10.29 -13.74
C ILE B 202 -5.94 9.38 -14.12
N TYR B 203 -6.40 8.59 -13.15
CA TYR B 203 -7.48 7.66 -13.41
C TYR B 203 -8.85 8.35 -13.43
N GLN B 204 -8.94 9.55 -12.87
CA GLN B 204 -10.18 10.31 -12.91
C GLN B 204 -10.27 10.90 -14.33
N ALA B 205 -9.15 11.42 -14.83
CA ALA B 205 -9.17 11.97 -16.19
C ALA B 205 -9.51 10.84 -17.18
N LYS B 206 -8.96 9.66 -16.92
CA LYS B 206 -9.21 8.51 -17.81
C LYS B 206 -10.67 8.09 -17.72
N PHE B 207 -11.27 8.19 -16.54
CA PHE B 207 -12.67 7.82 -16.40
C PHE B 207 -13.58 8.83 -17.12
N LEU B 208 -13.23 10.10 -17.09
CA LEU B 208 -14.05 11.09 -17.81
C LEU B 208 -14.05 10.76 -19.31
N LYS B 209 -12.88 10.39 -19.82
CA LYS B 209 -12.79 10.03 -21.24
C LYS B 209 -13.69 8.82 -21.46
N TYR B 210 -13.64 7.87 -20.53
CA TYR B 210 -14.44 6.66 -20.63
C TYR B 210 -15.94 6.98 -20.73
N LEU B 211 -16.41 7.86 -19.87
CA LEU B 211 -17.81 8.25 -19.85
C LEU B 211 -18.19 8.86 -21.20
N GLU B 212 -17.27 9.62 -21.79
CA GLU B 212 -17.61 10.24 -23.09
C GLU B 212 -17.63 9.17 -24.17
N HIS B 213 -16.59 8.34 -24.21
CA HIS B 213 -16.49 7.29 -25.20
C HIS B 213 -17.61 6.29 -25.16
N ARG B 214 -18.16 6.08 -23.96
CA ARG B 214 -19.25 5.14 -23.81
C ARG B 214 -20.60 5.78 -24.08
N GLY B 215 -20.61 7.09 -24.35
CA GLY B 215 -21.86 7.78 -24.63
C GLY B 215 -22.73 7.95 -23.42
N LEU B 216 -22.12 7.94 -22.22
CA LEU B 216 -22.88 8.09 -20.99
C LEU B 216 -22.94 9.57 -20.57
N LYS B 217 -21.88 10.32 -20.86
CA LYS B 217 -21.88 11.73 -20.51
C LYS B 217 -20.85 12.50 -21.30
N ASP B 218 -21.21 13.69 -21.78
CA ASP B 218 -20.23 14.50 -22.49
C ASP B 218 -19.42 15.21 -21.40
N THR B 219 -18.16 14.82 -21.25
CA THR B 219 -17.32 15.41 -20.22
C THR B 219 -16.18 16.17 -20.85
N SER B 220 -16.30 16.44 -22.15
CA SER B 220 -15.22 17.10 -22.89
C SER B 220 -14.86 18.49 -22.37
N LYS B 221 -15.75 19.10 -21.61
CA LYS B 221 -15.50 20.43 -21.09
C LYS B 221 -14.88 20.46 -19.73
N GLN B 222 -14.59 19.27 -19.16
CA GLN B 222 -13.96 19.17 -17.87
C GLN B 222 -12.46 18.93 -17.99
N THR B 223 -11.70 19.55 -17.09
CA THR B 223 -10.27 19.37 -17.02
C THR B 223 -10.01 18.92 -15.57
N VAL B 224 -9.09 17.97 -15.44
CA VAL B 224 -8.67 17.46 -14.13
C VAL B 224 -7.32 18.12 -13.84
N TYR B 225 -7.28 18.86 -12.74
CA TYR B 225 -6.05 19.53 -12.28
C TYR B 225 -5.58 18.84 -11.04
N ALA B 226 -4.32 18.45 -11.02
CA ALA B 226 -3.76 17.80 -9.85
C ALA B 226 -2.69 18.71 -9.30
N PHE B 227 -2.94 19.34 -8.18
CA PHE B 227 -1.96 20.24 -7.56
C PHE B 227 -1.06 19.46 -6.63
N LEU B 228 0.19 19.35 -7.04
CA LEU B 228 1.20 18.55 -6.35
C LEU B 228 2.37 19.36 -5.78
N GLY B 229 3.07 18.79 -4.80
CA GLY B 229 4.24 19.44 -4.24
C GLY B 229 5.40 18.78 -4.96
N ASP B 230 6.60 19.37 -4.94
CA ASP B 230 7.72 18.72 -5.61
C ASP B 230 8.26 17.59 -4.76
N GLY B 231 8.26 17.79 -3.44
CA GLY B 231 8.71 16.73 -2.54
C GLY B 231 7.75 15.53 -2.68
N GLU B 232 6.48 15.79 -2.79
CA GLU B 232 5.47 14.75 -2.96
C GLU B 232 5.78 13.86 -4.19
N MET B 233 6.47 14.39 -5.20
CA MET B 233 6.76 13.58 -6.39
C MET B 233 7.70 12.38 -6.13
N ASP B 234 8.28 12.32 -4.95
CA ASP B 234 9.13 11.20 -4.55
C ASP B 234 8.30 9.96 -4.18
N GLU B 235 7.00 10.14 -3.88
CA GLU B 235 6.18 8.96 -3.55
C GLU B 235 6.07 8.17 -4.88
N PRO B 236 6.32 6.86 -4.83
CA PRO B 236 6.24 6.06 -6.06
C PRO B 236 4.92 6.21 -6.79
N GLU B 237 3.84 6.37 -6.03
CA GLU B 237 2.52 6.50 -6.62
C GLU B 237 2.46 7.78 -7.47
N SER B 238 3.30 8.76 -7.13
CA SER B 238 3.29 10.02 -7.86
C SER B 238 3.65 10.01 -9.35
N LYS B 239 4.73 9.31 -9.73
CA LYS B 239 5.14 9.26 -11.12
C LYS B 239 4.97 7.85 -11.67
N GLY B 240 4.71 6.90 -10.79
CA GLY B 240 4.56 5.51 -11.21
C GLY B 240 3.53 5.16 -12.27
N ALA B 241 2.59 6.04 -12.54
CA ALA B 241 1.59 5.70 -13.55
C ALA B 241 1.52 6.81 -14.59
N ILE B 242 2.46 7.74 -14.59
CA ILE B 242 2.34 8.85 -15.54
C ILE B 242 2.32 8.41 -17.00
N THR B 243 2.83 7.22 -17.24
CA THR B 243 2.88 6.66 -18.56
C THR B 243 1.46 6.39 -19.08
N ILE B 244 0.52 6.07 -18.18
CA ILE B 244 -0.86 5.81 -18.57
C ILE B 244 -1.50 7.03 -19.26
N ALA B 245 -1.13 8.23 -18.81
CA ALA B 245 -1.68 9.43 -19.42
C ALA B 245 -1.27 9.56 -20.89
N THR B 246 -0.12 9.01 -21.27
CA THR B 246 0.28 9.10 -22.66
C THR B 246 -0.43 8.00 -23.46
N ARG B 247 -0.53 6.82 -22.86
CA ARG B 247 -1.21 5.70 -23.54
C ARG B 247 -2.64 6.05 -23.90
N GLU B 248 -3.29 6.69 -22.96
CA GLU B 248 -4.70 7.04 -23.10
C GLU B 248 -4.92 8.46 -23.58
N LYS B 249 -3.86 9.14 -24.03
CA LYS B 249 -3.99 10.50 -24.57
C LYS B 249 -4.85 11.42 -23.70
N LEU B 250 -4.51 11.51 -22.42
CA LEU B 250 -5.27 12.31 -21.49
C LEU B 250 -5.04 13.82 -21.54
N ASP B 251 -5.45 14.43 -22.65
CA ASP B 251 -5.31 15.87 -22.79
C ASP B 251 -6.34 16.61 -21.94
N ASN B 252 -6.97 15.92 -20.98
CA ASN B 252 -7.94 16.61 -20.11
C ASN B 252 -7.33 16.57 -18.69
N LEU B 253 -6.02 16.33 -18.64
CA LEU B 253 -5.30 16.24 -17.39
C LEU B 253 -4.14 17.22 -17.37
N VAL B 254 -4.03 17.95 -16.27
CA VAL B 254 -2.97 18.91 -16.11
C VAL B 254 -2.38 18.72 -14.71
N PHE B 255 -1.09 18.38 -14.66
CA PHE B 255 -0.42 18.23 -13.38
C PHE B 255 0.20 19.60 -13.11
N VAL B 256 0.03 20.12 -11.91
CA VAL B 256 0.62 21.40 -11.59
C VAL B 256 1.55 21.14 -10.41
N ILE B 257 2.86 21.11 -10.66
CA ILE B 257 3.79 20.82 -9.57
C ILE B 257 4.41 22.10 -9.04
N ASN B 258 4.21 22.35 -7.75
CA ASN B 258 4.75 23.55 -7.14
C ASN B 258 6.22 23.26 -6.82
N CYS B 259 7.09 23.75 -7.68
CA CYS B 259 8.50 23.54 -7.49
C CYS B 259 9.17 24.64 -6.66
N ASN B 260 8.97 24.58 -5.35
CA ASN B 260 9.60 25.57 -4.47
C ASN B 260 10.97 25.04 -4.02
N LEU B 261 11.34 23.89 -4.58
CA LEU B 261 12.59 23.16 -4.35
C LEU B 261 12.74 22.54 -2.97
N GLN B 262 11.73 22.71 -2.12
CA GLN B 262 11.77 22.18 -0.77
C GLN B 262 10.67 21.21 -0.39
N ARG B 263 10.98 20.26 0.48
CA ARG B 263 9.98 19.33 1.02
C ARG B 263 9.85 19.90 2.45
N LEU B 264 9.49 19.10 3.46
CA LEU B 264 9.33 19.69 4.81
C LEU B 264 10.63 20.00 5.55
N ASP B 265 11.50 19.00 5.70
CA ASP B 265 12.74 19.22 6.46
C ASP B 265 13.98 19.70 5.71
N GLY B 266 13.84 19.98 4.42
CA GLY B 266 14.98 20.47 3.62
C GLY B 266 14.71 20.46 2.11
N PRO B 267 15.73 20.68 1.29
CA PRO B 267 15.47 20.68 -0.16
C PRO B 267 15.15 19.27 -0.69
N VAL B 268 14.38 19.20 -1.76
CA VAL B 268 14.05 17.90 -2.33
C VAL B 268 15.37 17.21 -2.76
N THR B 269 16.17 17.91 -3.54
CA THR B 269 17.47 17.40 -4.03
C THR B 269 18.41 18.60 -4.13
N GLY B 270 18.96 19.03 -3.00
CA GLY B 270 19.84 20.19 -2.97
C GLY B 270 21.03 20.19 -3.92
N ASN B 271 21.61 19.01 -4.11
CA ASN B 271 22.76 18.82 -4.99
C ASN B 271 22.36 18.55 -6.44
N GLY B 272 21.06 18.62 -6.72
CA GLY B 272 20.59 18.40 -8.07
C GLY B 272 19.64 19.50 -8.51
N LYS B 273 18.80 19.24 -9.50
CA LYS B 273 17.82 20.21 -9.99
C LYS B 273 16.50 19.44 -10.15
N ILE B 274 15.64 19.50 -9.13
CA ILE B 274 14.38 18.73 -9.21
C ILE B 274 13.56 19.05 -10.44
N ILE B 275 13.56 20.31 -10.86
CA ILE B 275 12.77 20.66 -12.03
C ILE B 275 13.26 19.93 -13.27
N ASN B 276 14.57 19.84 -13.43
CA ASN B 276 15.11 19.13 -14.57
C ASN B 276 14.80 17.65 -14.44
N GLU B 277 14.87 17.11 -13.21
CA GLU B 277 14.55 15.69 -13.03
C GLU B 277 13.11 15.47 -13.49
N LEU B 278 12.22 16.35 -13.03
CA LEU B 278 10.82 16.21 -13.39
C LEU B 278 10.62 16.34 -14.89
N GLU B 279 11.27 17.33 -15.50
CA GLU B 279 11.12 17.48 -16.93
C GLU B 279 11.65 16.25 -17.66
N GLY B 280 12.78 15.73 -17.21
CA GLY B 280 13.35 14.57 -17.86
C GLY B 280 12.44 13.35 -17.87
N ILE B 281 11.81 13.02 -16.73
CA ILE B 281 11.00 11.83 -16.72
C ILE B 281 9.62 12.05 -17.34
N PHE B 282 9.02 13.20 -17.10
CA PHE B 282 7.73 13.45 -17.74
C PHE B 282 7.85 13.52 -19.26
N GLU B 283 8.87 14.20 -19.76
CA GLU B 283 9.08 14.28 -21.20
C GLU B 283 9.25 12.86 -21.74
N GLY B 284 10.09 12.07 -21.07
CA GLY B 284 10.35 10.71 -21.48
C GLY B 284 9.08 9.89 -21.50
N ALA B 285 8.18 10.16 -20.56
CA ALA B 285 6.91 9.46 -20.48
C ALA B 285 5.94 10.01 -21.53
N GLY B 286 6.40 10.98 -22.30
CA GLY B 286 5.57 11.52 -23.34
C GLY B 286 4.60 12.64 -22.99
N TRP B 287 4.84 13.33 -21.89
CA TRP B 287 3.95 14.44 -21.49
C TRP B 287 4.47 15.72 -22.10
N ASN B 288 3.58 16.71 -22.17
CA ASN B 288 3.94 18.02 -22.65
C ASN B 288 4.41 18.73 -21.37
N VAL B 289 5.66 19.17 -21.33
CA VAL B 289 6.15 19.85 -20.11
C VAL B 289 6.31 21.35 -20.31
N ILE B 290 5.72 22.14 -19.39
CA ILE B 290 5.80 23.59 -19.49
C ILE B 290 6.48 24.09 -18.23
N LYS B 291 7.64 24.71 -18.39
CA LYS B 291 8.41 25.26 -17.27
C LYS B 291 8.09 26.72 -17.09
N VAL B 292 7.74 27.10 -15.86
CA VAL B 292 7.47 28.49 -15.50
C VAL B 292 8.55 28.79 -14.47
N MET B 293 9.68 29.24 -14.98
CA MET B 293 10.87 29.50 -14.19
C MET B 293 11.12 30.89 -13.63
N TRP B 294 11.04 31.88 -14.50
CA TRP B 294 11.37 33.25 -14.14
C TRP B 294 10.31 34.27 -14.43
N GLY B 295 10.24 35.29 -13.58
CA GLY B 295 9.27 36.35 -13.73
C GLY B 295 9.62 37.29 -14.86
N SER B 296 8.77 38.28 -15.07
CA SER B 296 8.96 39.26 -16.14
C SER B 296 10.21 40.15 -16.04
N ARG B 297 10.74 40.35 -14.85
CA ARG B 297 11.93 41.21 -14.70
C ARG B 297 13.17 40.59 -15.34
N TRP B 298 13.13 39.28 -15.55
CA TRP B 298 14.24 38.57 -16.13
C TRP B 298 14.28 38.67 -17.65
N ASP B 299 13.16 39.01 -18.27
CA ASP B 299 13.11 39.08 -19.71
C ASP B 299 14.15 39.99 -20.37
N GLU B 300 14.29 41.23 -19.92
CA GLU B 300 15.28 42.12 -20.54
C GLU B 300 16.66 41.49 -20.37
N LEU B 301 16.93 40.97 -19.19
CA LEU B 301 18.20 40.32 -18.91
C LEU B 301 18.49 39.20 -19.91
N LEU B 302 17.54 38.28 -20.06
CA LEU B 302 17.71 37.16 -20.99
C LEU B 302 17.84 37.62 -22.44
N ARG B 303 17.12 38.67 -22.81
CA ARG B 303 17.15 39.18 -24.17
C ARG B 303 18.49 39.85 -24.52
N LYS B 304 18.97 40.73 -23.66
CA LYS B 304 20.22 41.44 -23.96
C LYS B 304 21.47 40.60 -23.91
N ASP B 305 21.41 39.44 -23.25
CA ASP B 305 22.59 38.59 -23.14
C ASP B 305 22.88 37.74 -24.37
N THR B 306 23.63 38.32 -25.31
CA THR B 306 23.97 37.62 -26.53
C THR B 306 25.02 36.51 -26.32
N SER B 307 25.72 36.54 -25.20
CA SER B 307 26.76 35.53 -24.93
C SER B 307 26.22 34.15 -24.56
N GLY B 308 25.00 34.10 -24.04
CA GLY B 308 24.43 32.83 -23.61
C GLY B 308 24.92 32.37 -22.23
N LYS B 309 25.76 33.19 -21.59
CA LYS B 309 26.27 32.84 -20.27
C LYS B 309 25.20 32.84 -19.18
N LEU B 310 24.22 33.72 -19.28
CA LEU B 310 23.19 33.73 -18.24
C LEU B 310 22.45 32.38 -18.23
N ILE B 311 22.14 31.87 -19.41
CA ILE B 311 21.50 30.57 -19.48
C ILE B 311 22.44 29.49 -18.94
N GLN B 312 23.70 29.50 -19.36
CA GLN B 312 24.65 28.50 -18.86
C GLN B 312 24.64 28.56 -17.34
N LEU B 313 24.71 29.77 -16.79
CA LEU B 313 24.71 29.95 -15.34
C LEU B 313 23.44 29.40 -14.68
N MET B 314 22.28 29.65 -15.26
CA MET B 314 21.05 29.13 -14.66
C MET B 314 21.04 27.60 -14.76
N ASN B 315 21.55 27.07 -15.87
CA ASN B 315 21.59 25.62 -16.05
C ASN B 315 22.47 24.88 -15.05
N GLU B 316 23.66 25.42 -14.80
CA GLU B 316 24.62 24.76 -13.93
C GLU B 316 24.37 24.92 -12.43
N THR B 317 23.68 25.99 -12.03
CA THR B 317 23.44 26.22 -10.61
C THR B 317 22.47 25.18 -10.06
N VAL B 318 22.79 24.60 -8.91
CA VAL B 318 21.93 23.59 -8.31
C VAL B 318 20.90 24.18 -7.34
N ASP B 319 19.88 23.38 -7.03
CA ASP B 319 18.79 23.80 -6.13
C ASP B 319 19.25 24.39 -4.81
N GLY B 320 20.22 23.73 -4.19
CA GLY B 320 20.73 24.16 -2.91
C GLY B 320 21.20 25.59 -2.92
N ASP B 321 21.86 26.00 -3.99
CA ASP B 321 22.35 27.36 -4.11
C ASP B 321 21.24 28.36 -4.38
N TYR B 322 20.29 28.00 -5.23
CA TYR B 322 19.18 28.89 -5.51
C TYR B 322 18.44 29.16 -4.19
N GLN B 323 18.37 28.16 -3.34
CA GLN B 323 17.69 28.33 -2.06
C GLN B 323 18.54 29.24 -1.19
N THR B 324 19.84 29.08 -1.23
CA THR B 324 20.69 29.93 -0.41
C THR B 324 20.50 31.40 -0.82
N PHE B 325 20.37 31.66 -2.13
CA PHE B 325 20.20 33.04 -2.59
C PHE B 325 18.98 33.72 -1.98
N LYS B 326 17.84 33.04 -2.02
CA LYS B 326 16.62 33.64 -1.52
C LYS B 326 16.65 33.86 -0.01
N SER B 327 17.64 33.27 0.66
CA SER B 327 17.77 33.40 2.10
C SER B 327 18.72 34.55 2.44
N LYS B 328 19.42 35.06 1.43
CA LYS B 328 20.38 36.14 1.63
C LYS B 328 19.84 37.51 1.20
N ASP B 329 20.58 38.23 0.37
CA ASP B 329 20.14 39.55 -0.09
C ASP B 329 20.64 39.85 -1.50
N GLY B 330 20.36 41.06 -1.98
CA GLY B 330 20.77 41.45 -3.32
C GLY B 330 22.26 41.47 -3.57
N ALA B 331 23.02 42.00 -2.62
CA ALA B 331 24.46 42.08 -2.75
C ALA B 331 25.03 40.66 -2.90
N TYR B 332 24.52 39.73 -2.10
CA TYR B 332 25.00 38.35 -2.16
C TYR B 332 24.74 37.76 -3.56
N VAL B 333 23.52 37.95 -4.07
CA VAL B 333 23.17 37.43 -5.38
C VAL B 333 24.08 38.02 -6.46
N ARG B 334 24.40 39.30 -6.34
CA ARG B 334 25.26 39.96 -7.32
C ARG B 334 26.64 39.31 -7.35
N GLU B 335 27.14 38.98 -6.17
CA GLU B 335 28.48 38.39 -6.05
C GLU B 335 28.54 36.93 -6.39
N HIS B 336 27.67 36.13 -5.76
CA HIS B 336 27.67 34.68 -5.95
C HIS B 336 26.94 34.08 -7.15
N PHE B 337 26.01 34.83 -7.75
CA PHE B 337 25.30 34.31 -8.91
C PHE B 337 25.77 35.07 -10.15
N PHE B 338 25.38 36.33 -10.28
CA PHE B 338 25.82 37.07 -11.45
C PHE B 338 27.34 37.19 -11.53
N GLY B 339 27.98 37.28 -10.36
CA GLY B 339 29.44 37.42 -10.29
C GLY B 339 30.24 36.21 -10.77
N LYS B 340 29.54 35.14 -11.13
CA LYS B 340 30.20 33.93 -11.61
C LYS B 340 30.93 34.14 -12.95
N TYR B 341 30.42 35.04 -13.77
CA TYR B 341 31.02 35.30 -15.06
C TYR B 341 31.00 36.79 -15.35
N PRO B 342 32.00 37.30 -16.10
CA PRO B 342 32.04 38.73 -16.43
C PRO B 342 30.85 39.16 -17.27
N GLU B 343 30.38 38.31 -18.17
CA GLU B 343 29.24 38.73 -18.96
C GLU B 343 27.96 38.73 -18.14
N THR B 344 27.81 37.80 -17.20
CA THR B 344 26.58 37.83 -16.39
C THR B 344 26.70 39.00 -15.40
N ALA B 345 27.92 39.24 -14.92
CA ALA B 345 28.17 40.35 -14.00
C ALA B 345 27.82 41.68 -14.67
N ALA B 346 28.13 41.77 -15.96
CA ALA B 346 27.86 42.99 -16.72
C ALA B 346 26.38 43.27 -17.00
N LEU B 347 25.55 42.22 -16.99
CA LEU B 347 24.13 42.35 -17.24
C LEU B 347 23.42 43.13 -16.15
N VAL B 348 23.98 43.12 -14.95
CA VAL B 348 23.36 43.84 -13.85
C VAL B 348 24.29 44.87 -13.24
N ALA B 349 25.45 45.08 -13.87
CA ALA B 349 26.39 46.07 -13.33
C ALA B 349 25.71 47.41 -13.05
N ASP B 350 24.76 47.79 -13.91
CA ASP B 350 24.02 49.04 -13.77
C ASP B 350 22.71 48.93 -12.95
N TRP B 351 22.51 47.81 -12.28
CA TRP B 351 21.32 47.60 -11.45
C TRP B 351 21.70 47.84 -10.00
N THR B 352 20.74 48.23 -9.16
CA THR B 352 21.05 48.40 -7.75
C THR B 352 20.88 47.02 -7.14
N ASP B 353 21.37 46.83 -5.91
CA ASP B 353 21.22 45.52 -5.27
C ASP B 353 19.72 45.26 -5.06
N GLU B 354 18.99 46.33 -4.74
CA GLU B 354 17.56 46.24 -4.52
C GLU B 354 16.85 45.79 -5.79
N GLN B 355 17.30 46.28 -6.95
CA GLN B 355 16.68 45.88 -8.22
C GLN B 355 17.00 44.43 -8.53
N ILE B 356 18.16 43.96 -8.12
CA ILE B 356 18.55 42.57 -8.35
C ILE B 356 17.70 41.69 -7.43
N TRP B 357 17.55 42.12 -6.20
CA TRP B 357 16.76 41.37 -5.21
C TRP B 357 15.30 41.23 -5.66
N ALA B 358 14.81 42.16 -6.49
CA ALA B 358 13.44 42.12 -6.97
C ALA B 358 13.18 40.97 -7.94
N LEU B 359 14.25 40.45 -8.54
CA LEU B 359 14.10 39.36 -9.50
C LEU B 359 13.32 38.25 -8.83
N ASN B 360 12.30 37.74 -9.49
CA ASN B 360 11.44 36.73 -8.86
C ASN B 360 11.30 35.46 -9.69
N ARG B 361 10.77 34.42 -9.06
CA ARG B 361 10.57 33.15 -9.73
C ARG B 361 9.28 33.25 -10.51
N GLY B 362 9.21 32.48 -11.58
CA GLY B 362 8.06 32.53 -12.48
C GLY B 362 6.70 32.21 -11.90
N GLY B 363 6.65 31.25 -10.98
CA GLY B 363 5.39 30.90 -10.37
C GLY B 363 4.74 31.99 -9.53
N HIS B 364 5.40 33.15 -9.39
CA HIS B 364 4.84 34.28 -8.63
C HIS B 364 4.44 35.41 -9.59
N ASP B 365 4.49 35.13 -10.89
CA ASP B 365 4.16 36.18 -11.89
C ASP B 365 2.93 35.75 -12.64
N PRO B 366 1.78 36.40 -12.39
CA PRO B 366 0.52 36.06 -13.05
C PRO B 366 0.61 35.91 -14.57
N LYS B 367 1.44 36.76 -15.21
CA LYS B 367 1.58 36.68 -16.65
C LYS B 367 2.21 35.38 -17.12
N LYS B 368 3.21 34.90 -16.38
CA LYS B 368 3.90 33.66 -16.74
C LYS B 368 2.99 32.49 -16.42
N ILE B 369 2.28 32.58 -15.31
CA ILE B 369 1.37 31.51 -14.93
C ILE B 369 0.27 31.35 -15.99
N TYR B 370 -0.37 32.45 -16.35
CA TYR B 370 -1.45 32.41 -17.33
C TYR B 370 -1.00 31.77 -18.63
N ALA B 371 0.17 32.19 -19.11
CA ALA B 371 0.69 31.66 -20.33
C ALA B 371 0.72 30.15 -20.25
N ALA B 372 1.20 29.62 -19.14
CA ALA B 372 1.29 28.17 -18.99
C ALA B 372 -0.08 27.48 -18.99
N PHE B 373 -1.01 27.97 -18.17
CA PHE B 373 -2.32 27.33 -18.14
C PHE B 373 -3.04 27.44 -19.48
N LYS B 374 -2.89 28.57 -20.18
CA LYS B 374 -3.56 28.70 -21.47
C LYS B 374 -2.96 27.71 -22.47
N LYS B 375 -1.63 27.64 -22.51
CA LYS B 375 -0.97 26.71 -23.42
C LYS B 375 -1.42 25.27 -23.14
N ALA B 376 -1.51 24.88 -21.87
CA ALA B 376 -1.95 23.53 -21.52
C ALA B 376 -3.34 23.26 -22.11
N GLN B 377 -4.18 24.27 -22.04
CA GLN B 377 -5.56 24.19 -22.51
C GLN B 377 -5.69 23.86 -23.99
N GLU B 378 -4.70 24.25 -24.77
CA GLU B 378 -4.73 23.97 -26.21
C GLU B 378 -3.93 22.74 -26.62
N THR B 379 -3.21 22.15 -25.68
CA THR B 379 -2.40 20.96 -25.95
C THR B 379 -3.24 19.68 -26.01
N LYS B 380 -3.21 18.99 -27.15
CA LYS B 380 -3.99 17.76 -27.32
C LYS B 380 -3.16 16.50 -27.52
N GLY B 381 -3.80 15.36 -27.34
CA GLY B 381 -3.17 14.08 -27.54
C GLY B 381 -2.33 13.53 -26.40
N LYS B 382 -2.13 14.31 -25.35
CA LYS B 382 -1.33 13.87 -24.21
C LYS B 382 -1.57 14.85 -23.05
N ALA B 383 -1.13 14.47 -21.86
CA ALA B 383 -1.31 15.32 -20.69
C ALA B 383 -0.18 16.33 -20.62
N THR B 384 -0.41 17.36 -19.82
CA THR B 384 0.55 18.44 -19.62
C THR B 384 0.89 18.55 -18.14
N VAL B 385 2.16 18.84 -17.87
CA VAL B 385 2.63 19.07 -16.52
C VAL B 385 3.24 20.45 -16.51
N ILE B 386 2.80 21.26 -15.55
CA ILE B 386 3.34 22.59 -15.42
C ILE B 386 4.27 22.59 -14.21
N LEU B 387 5.53 22.94 -14.45
CA LEU B 387 6.52 23.01 -13.37
C LEU B 387 6.66 24.49 -13.04
N ALA B 388 6.01 24.89 -11.94
CA ALA B 388 6.00 26.27 -11.47
C ALA B 388 7.01 26.49 -10.36
N HIS B 389 8.00 27.31 -10.67
CA HIS B 389 9.10 27.66 -9.80
C HIS B 389 8.61 28.69 -8.78
N THR B 390 8.68 28.35 -7.49
CA THR B 390 8.22 29.29 -6.46
C THR B 390 9.16 29.40 -5.29
N ILE B 391 8.80 30.28 -4.36
CA ILE B 391 9.57 30.48 -3.13
C ILE B 391 8.72 30.00 -1.97
N LYS B 392 9.16 28.96 -1.30
CA LYS B 392 8.41 28.48 -0.15
C LYS B 392 8.50 29.57 0.95
N GLY B 393 7.38 29.89 1.58
CA GLY B 393 7.42 30.89 2.63
C GLY B 393 7.56 32.29 2.02
N TYR B 394 7.09 32.40 0.79
CA TYR B 394 7.11 33.64 0.02
C TYR B 394 6.55 34.84 0.81
N GLY B 395 7.31 35.93 0.87
CA GLY B 395 6.86 37.13 1.56
C GLY B 395 6.70 37.04 3.07
N MET B 396 7.23 36.00 3.69
CA MET B 396 7.08 35.88 5.13
C MET B 396 8.24 36.45 5.93
N GLY B 397 9.28 36.91 5.22
CA GLY B 397 10.43 37.51 5.90
C GLY B 397 11.33 36.50 6.57
N ASP B 398 12.09 36.96 7.57
CA ASP B 398 13.02 36.10 8.30
C ASP B 398 12.37 34.80 8.77
N ALA B 399 11.13 34.89 9.23
CA ALA B 399 10.39 33.73 9.72
C ALA B 399 10.59 32.48 8.85
N ALA B 400 10.58 32.67 7.52
CA ALA B 400 10.76 31.59 6.55
C ALA B 400 9.45 30.86 6.26
N MET B 414 5.62 40.31 18.32
CA MET B 414 4.54 39.77 17.48
C MET B 414 4.26 40.70 16.29
N ASP B 415 5.28 40.94 15.48
CA ASP B 415 5.15 41.80 14.31
C ASP B 415 5.78 41.13 13.07
N GLY B 416 5.60 39.81 12.99
CA GLY B 416 6.08 39.07 11.82
C GLY B 416 4.87 39.21 10.91
N VAL B 417 3.72 39.51 11.53
CA VAL B 417 2.49 39.70 10.79
C VAL B 417 2.57 41.10 10.19
N ARG B 418 3.27 41.99 10.90
CA ARG B 418 3.45 43.36 10.45
C ARG B 418 4.22 43.31 9.14
N HIS B 419 5.25 42.49 9.10
CA HIS B 419 6.05 42.32 7.89
C HIS B 419 5.13 41.90 6.73
N ILE B 420 4.30 40.90 7.00
CA ILE B 420 3.37 40.38 5.99
C ILE B 420 2.33 41.43 5.58
N ARG B 421 1.83 42.22 6.53
CA ARG B 421 0.86 43.24 6.16
C ARG B 421 1.53 44.32 5.31
N ASP B 422 2.80 44.61 5.57
CA ASP B 422 3.54 45.61 4.80
C ASP B 422 3.89 45.05 3.42
N ARG B 423 4.38 43.82 3.41
CA ARG B 423 4.80 43.16 2.19
C ARG B 423 3.68 43.07 1.15
N PHE B 424 2.46 42.79 1.58
CA PHE B 424 1.36 42.65 0.64
C PHE B 424 0.38 43.80 0.68
N ASN B 425 0.83 44.93 1.23
CA ASN B 425 0.01 46.13 1.34
C ASN B 425 -1.38 45.80 1.82
N VAL B 426 -1.45 44.98 2.86
CA VAL B 426 -2.73 44.59 3.42
C VAL B 426 -3.40 45.76 4.14
N PRO B 427 -4.69 46.00 3.86
CA PRO B 427 -5.46 47.10 4.48
C PRO B 427 -5.86 46.85 5.94
N VAL B 428 -4.87 46.75 6.81
CA VAL B 428 -5.15 46.53 8.21
C VAL B 428 -4.34 47.51 9.02
N SER B 429 -5.04 48.31 9.81
CA SER B 429 -4.41 49.34 10.64
C SER B 429 -3.39 48.78 11.62
N ASP B 430 -2.34 49.55 11.85
CA ASP B 430 -1.29 49.16 12.78
C ASP B 430 -1.97 49.11 14.15
N ALA B 431 -3.19 49.62 14.22
CA ALA B 431 -3.97 49.65 15.46
C ALA B 431 -4.71 48.33 15.72
N ASP B 432 -5.45 47.88 14.72
CA ASP B 432 -6.23 46.64 14.79
C ASP B 432 -5.41 45.36 14.60
N ILE B 433 -4.24 45.50 13.99
CA ILE B 433 -3.37 44.37 13.70
C ILE B 433 -3.15 43.37 14.85
N GLU B 434 -3.25 43.87 16.08
CA GLU B 434 -3.09 43.03 17.27
C GLU B 434 -4.29 42.11 17.43
N LYS B 435 -5.41 42.50 16.83
CA LYS B 435 -6.63 41.71 16.90
C LYS B 435 -6.68 40.61 15.85
N LEU B 436 -5.63 40.49 15.04
CA LEU B 436 -5.58 39.46 13.99
C LEU B 436 -6.96 39.45 13.33
N PRO B 437 -7.35 40.59 12.77
CA PRO B 437 -8.65 40.75 12.11
C PRO B 437 -8.69 40.12 10.71
N TYR B 438 -9.85 39.60 10.35
CA TYR B 438 -10.06 39.03 9.03
C TYR B 438 -10.45 40.24 8.20
N ILE B 439 -10.17 40.19 6.91
CA ILE B 439 -10.50 41.26 5.98
C ILE B 439 -11.61 40.76 5.07
N THR B 440 -12.61 41.59 4.80
CA THR B 440 -13.67 41.22 3.87
C THR B 440 -13.81 42.40 2.92
N PHE B 441 -14.46 42.17 1.80
CA PHE B 441 -14.69 43.23 0.83
C PHE B 441 -16.20 43.45 0.82
N PRO B 442 -16.65 44.68 1.09
CA PRO B 442 -18.09 44.94 1.09
C PRO B 442 -18.73 44.89 -0.28
N GLU B 443 -20.01 44.55 -0.27
CA GLU B 443 -20.82 44.47 -1.48
C GLU B 443 -20.72 45.80 -2.21
N GLY B 444 -20.60 45.73 -3.54
CA GLY B 444 -20.48 46.98 -4.29
C GLY B 444 -19.06 47.49 -4.46
N SER B 445 -18.10 46.98 -3.67
CA SER B 445 -16.72 47.42 -3.81
C SER B 445 -16.10 46.82 -5.07
N GLU B 446 -15.05 47.46 -5.60
CA GLU B 446 -14.38 46.95 -6.79
C GLU B 446 -14.01 45.48 -6.59
N GLU B 447 -13.30 45.22 -5.50
CA GLU B 447 -12.84 43.87 -5.16
C GLU B 447 -13.96 42.84 -5.09
N HIS B 448 -15.00 43.12 -4.33
CA HIS B 448 -16.12 42.19 -4.21
C HIS B 448 -16.71 41.90 -5.59
N THR B 449 -16.98 42.95 -6.35
CA THR B 449 -17.55 42.81 -7.69
C THR B 449 -16.71 41.93 -8.63
N TYR B 450 -15.42 42.23 -8.72
CA TYR B 450 -14.49 41.49 -9.56
C TYR B 450 -14.40 40.03 -9.11
N LEU B 451 -14.23 39.82 -7.81
CA LEU B 451 -14.14 38.46 -7.26
C LEU B 451 -15.28 37.56 -7.76
N HIS B 452 -16.51 38.00 -7.53
CA HIS B 452 -17.64 37.21 -7.96
C HIS B 452 -17.85 37.17 -9.45
N ALA B 453 -17.56 38.27 -10.13
CA ALA B 453 -17.74 38.32 -11.57
C ALA B 453 -16.91 37.24 -12.27
N GLN B 454 -15.64 37.15 -11.88
CA GLN B 454 -14.76 36.14 -12.47
C GLN B 454 -15.30 34.74 -12.20
N ARG B 455 -15.77 34.50 -10.97
CA ARG B 455 -16.31 33.19 -10.64
C ARG B 455 -17.60 32.88 -11.40
N GLN B 456 -18.51 33.85 -11.48
CA GLN B 456 -19.73 33.61 -12.23
C GLN B 456 -19.44 33.27 -13.71
N LYS B 457 -18.44 33.93 -14.29
CA LYS B 457 -18.09 33.63 -15.68
C LYS B 457 -17.65 32.17 -15.81
N LEU B 458 -17.21 31.58 -14.71
CA LEU B 458 -16.73 30.20 -14.67
C LEU B 458 -17.70 29.25 -13.96
N HIS B 459 -18.97 29.62 -13.99
CA HIS B 459 -20.05 28.81 -13.42
C HIS B 459 -20.22 28.73 -11.92
N GLY B 460 -19.60 29.63 -11.18
CA GLY B 460 -19.80 29.58 -9.75
C GLY B 460 -18.59 29.34 -8.89
N TYR B 461 -18.85 28.72 -7.74
CA TYR B 461 -17.80 28.49 -6.78
C TYR B 461 -17.32 27.05 -6.64
N LEU B 462 -16.03 26.91 -6.33
CA LEU B 462 -15.46 25.58 -6.10
C LEU B 462 -14.33 25.75 -5.10
N PRO B 463 -14.02 24.70 -4.34
CA PRO B 463 -14.68 23.40 -4.38
C PRO B 463 -16.10 23.42 -3.82
N SER B 464 -16.93 22.52 -4.34
CA SER B 464 -18.31 22.35 -3.90
C SER B 464 -18.59 20.86 -4.10
N ARG B 465 -19.47 20.27 -3.31
CA ARG B 465 -19.80 18.85 -3.48
C ARG B 465 -21.30 18.57 -3.32
N GLN B 466 -21.83 17.70 -4.18
CA GLN B 466 -23.22 17.26 -4.14
C GLN B 466 -23.16 15.88 -3.47
N PRO B 467 -23.77 15.70 -2.28
CA PRO B 467 -23.73 14.41 -1.59
C PRO B 467 -24.56 13.26 -2.17
N ASN B 468 -25.63 13.55 -2.91
CA ASN B 468 -26.47 12.49 -3.49
C ASN B 468 -26.75 12.68 -4.96
N PHE B 469 -26.95 11.60 -5.70
CA PHE B 469 -27.28 11.77 -7.11
C PHE B 469 -28.78 12.02 -7.21
N THR B 470 -29.19 12.68 -8.29
CA THR B 470 -30.60 13.01 -8.45
C THR B 470 -31.50 11.99 -9.13
N GLU B 471 -31.02 11.28 -10.15
CA GLU B 471 -31.91 10.36 -10.85
C GLU B 471 -32.37 9.14 -10.06
N LYS B 472 -33.45 8.50 -10.51
CA LYS B 472 -33.89 7.29 -9.83
C LYS B 472 -33.55 6.08 -10.68
N LEU B 473 -32.84 5.14 -10.08
CA LEU B 473 -32.46 3.93 -10.79
C LEU B 473 -33.51 2.85 -10.52
N GLU B 474 -33.80 2.04 -11.54
CA GLU B 474 -34.77 0.95 -11.43
C GLU B 474 -33.94 -0.31 -11.24
N LEU B 475 -33.54 -0.53 -9.99
CA LEU B 475 -32.69 -1.65 -9.63
C LEU B 475 -33.32 -3.02 -9.76
N PRO B 476 -32.48 -4.03 -10.06
CA PRO B 476 -33.01 -5.40 -10.19
C PRO B 476 -33.58 -5.79 -8.82
N SER B 477 -34.64 -6.60 -8.83
CA SER B 477 -35.26 -7.07 -7.58
C SER B 477 -34.46 -8.30 -7.18
N LEU B 478 -34.66 -8.80 -5.96
CA LEU B 478 -33.92 -9.99 -5.57
C LEU B 478 -34.41 -11.13 -6.48
N GLN B 479 -35.69 -11.12 -6.84
CA GLN B 479 -36.22 -12.17 -7.72
C GLN B 479 -35.51 -12.27 -9.06
N ASP B 480 -34.97 -11.15 -9.55
CA ASP B 480 -34.24 -11.16 -10.82
C ASP B 480 -32.99 -12.03 -10.70
N PHE B 481 -32.57 -12.31 -9.47
CA PHE B 481 -31.41 -13.16 -9.23
C PHE B 481 -31.89 -14.57 -8.87
N GLY B 482 -33.18 -14.80 -9.08
CA GLY B 482 -33.78 -16.09 -8.77
C GLY B 482 -32.98 -17.34 -9.11
N ALA B 483 -32.36 -17.39 -10.29
CA ALA B 483 -31.57 -18.56 -10.68
C ALA B 483 -30.50 -18.92 -9.63
N LEU B 484 -29.87 -17.90 -9.07
CA LEU B 484 -28.81 -18.04 -8.07
C LEU B 484 -29.34 -18.46 -6.71
N LEU B 485 -30.64 -18.34 -6.49
CA LEU B 485 -31.20 -18.71 -5.20
C LEU B 485 -31.58 -20.19 -5.19
N GLU B 486 -31.64 -20.82 -6.36
CA GLU B 486 -32.00 -22.23 -6.43
C GLU B 486 -30.74 -23.09 -6.24
N GLU B 487 -30.92 -24.38 -5.99
CA GLU B 487 -29.78 -25.27 -5.89
C GLU B 487 -29.11 -25.20 -7.27
N GLN B 488 -27.78 -25.21 -7.33
CA GLN B 488 -27.14 -25.12 -8.63
C GLN B 488 -26.97 -26.51 -9.25
N SER B 489 -27.00 -26.60 -10.57
CA SER B 489 -26.85 -27.88 -11.25
C SER B 489 -25.48 -28.47 -10.99
N LYS B 490 -24.46 -27.75 -11.42
CA LYS B 490 -23.09 -28.18 -11.26
C LYS B 490 -22.44 -27.56 -10.03
N GLU B 491 -21.35 -28.16 -9.57
CA GLU B 491 -20.61 -27.58 -8.44
C GLU B 491 -19.90 -26.38 -9.01
N ILE B 492 -20.04 -25.24 -8.33
CA ILE B 492 -19.43 -24.01 -8.79
C ILE B 492 -18.85 -23.31 -7.60
N SER B 493 -18.29 -22.13 -7.83
CA SER B 493 -17.65 -21.37 -6.75
C SER B 493 -18.40 -20.09 -6.46
N THR B 494 -18.06 -19.40 -5.38
CA THR B 494 -18.75 -18.15 -5.14
C THR B 494 -18.27 -17.12 -6.17
N THR B 495 -17.12 -17.35 -6.83
CA THR B 495 -16.70 -16.37 -7.83
C THR B 495 -17.55 -16.54 -9.08
N ILE B 496 -17.84 -17.78 -9.41
CA ILE B 496 -18.69 -18.05 -10.57
C ILE B 496 -20.08 -17.45 -10.21
N ALA B 497 -20.51 -17.59 -8.96
CA ALA B 497 -21.78 -17.00 -8.56
C ALA B 497 -21.73 -15.48 -8.79
N PHE B 498 -20.60 -14.84 -8.39
CA PHE B 498 -20.46 -13.41 -8.58
C PHE B 498 -20.64 -13.02 -10.07
N VAL B 499 -19.97 -13.73 -10.97
CA VAL B 499 -20.08 -13.42 -12.40
C VAL B 499 -21.50 -13.64 -12.90
N ARG B 500 -22.17 -14.64 -12.35
CA ARG B 500 -23.55 -14.89 -12.76
C ARG B 500 -24.42 -13.73 -12.29
N ALA B 501 -24.14 -13.26 -11.07
CA ALA B 501 -24.88 -12.13 -10.51
C ALA B 501 -24.69 -10.87 -11.36
N LEU B 502 -23.46 -10.64 -11.80
CA LEU B 502 -23.15 -9.49 -12.64
C LEU B 502 -23.95 -9.59 -13.94
N ASN B 503 -24.03 -10.80 -14.47
CA ASN B 503 -24.75 -11.01 -15.71
C ASN B 503 -26.21 -10.64 -15.55
N VAL B 504 -26.77 -10.88 -14.37
CA VAL B 504 -28.14 -10.50 -14.11
C VAL B 504 -28.24 -8.99 -14.15
N MET B 505 -27.28 -8.30 -13.53
CA MET B 505 -27.32 -6.86 -13.53
C MET B 505 -27.17 -6.30 -14.94
N LEU B 506 -26.36 -6.97 -15.77
CA LEU B 506 -26.12 -6.56 -17.15
C LEU B 506 -27.33 -6.72 -18.06
N LYS B 507 -28.39 -7.34 -17.54
CA LYS B 507 -29.63 -7.52 -18.31
C LYS B 507 -30.61 -6.43 -17.91
N ASN B 508 -30.32 -5.73 -16.80
CA ASN B 508 -31.19 -4.67 -16.30
C ASN B 508 -31.04 -3.40 -17.12
N LYS B 509 -32.16 -2.96 -17.66
CA LYS B 509 -32.20 -1.77 -18.51
C LYS B 509 -31.64 -0.51 -17.91
N SER B 510 -32.01 -0.25 -16.67
CA SER B 510 -31.59 0.92 -15.95
C SER B 510 -30.11 1.03 -15.60
N ILE B 511 -29.48 -0.07 -15.21
CA ILE B 511 -28.07 0.02 -14.80
C ILE B 511 -27.06 -0.71 -15.63
N LYS B 512 -27.49 -1.54 -16.58
CA LYS B 512 -26.56 -2.32 -17.35
C LYS B 512 -25.35 -1.58 -17.88
N ASP B 513 -25.52 -0.38 -18.43
CA ASP B 513 -24.37 0.36 -18.92
C ASP B 513 -23.68 1.26 -17.86
N ARG B 514 -24.22 1.27 -16.65
CA ARG B 514 -23.62 2.08 -15.58
C ARG B 514 -22.63 1.17 -14.86
N LEU B 515 -22.72 -0.13 -15.12
CA LEU B 515 -21.82 -1.08 -14.47
C LEU B 515 -20.41 -0.89 -15.00
N VAL B 516 -19.44 -0.91 -14.10
CA VAL B 516 -18.05 -0.79 -14.49
C VAL B 516 -17.20 -1.93 -13.93
N PRO B 517 -17.14 -3.07 -14.65
CA PRO B 517 -16.35 -4.23 -14.23
C PRO B 517 -14.91 -3.79 -14.42
N ILE B 518 -14.08 -4.02 -13.42
CA ILE B 518 -12.68 -3.63 -13.46
C ILE B 518 -11.82 -4.84 -13.07
N ILE B 519 -10.73 -5.06 -13.80
CA ILE B 519 -9.84 -6.18 -13.51
C ILE B 519 -8.41 -5.68 -13.65
N ALA B 520 -7.50 -6.30 -12.89
CA ALA B 520 -6.10 -5.95 -12.95
C ALA B 520 -5.39 -7.14 -13.63
N ASP B 521 -5.42 -7.13 -14.96
CA ASP B 521 -4.84 -8.15 -15.84
C ASP B 521 -5.66 -9.43 -15.76
N GLU B 522 -5.58 -10.10 -14.61
CA GLU B 522 -6.30 -11.33 -14.32
C GLU B 522 -7.80 -11.26 -14.55
N ALA B 523 -8.25 -12.00 -15.55
CA ALA B 523 -9.66 -12.06 -15.88
C ALA B 523 -9.95 -13.54 -16.05
N ARG B 524 -9.05 -14.22 -16.74
CA ARG B 524 -9.22 -15.65 -16.98
C ARG B 524 -9.26 -16.39 -15.65
N THR B 525 -8.43 -15.96 -14.71
CA THR B 525 -8.41 -16.59 -13.39
C THR B 525 -9.79 -16.50 -12.73
N PHE B 526 -10.55 -15.45 -13.09
CA PHE B 526 -11.87 -15.26 -12.48
C PHE B 526 -13.03 -15.63 -13.40
N GLY B 527 -12.73 -16.31 -14.50
CA GLY B 527 -13.78 -16.68 -15.42
C GLY B 527 -14.54 -15.46 -15.90
N MET B 528 -13.82 -14.35 -16.08
CA MET B 528 -14.44 -13.12 -16.53
C MET B 528 -14.21 -13.05 -18.05
N GLU B 529 -13.27 -13.84 -18.56
CA GLU B 529 -12.99 -13.79 -20.00
C GLU B 529 -14.23 -13.94 -20.88
N GLY B 530 -15.32 -14.44 -20.30
CA GLY B 530 -16.56 -14.61 -21.06
C GLY B 530 -17.25 -13.28 -21.31
N LEU B 531 -16.68 -12.21 -20.77
CA LEU B 531 -17.29 -10.90 -20.97
C LEU B 531 -16.53 -10.04 -21.96
N PHE B 532 -15.30 -10.42 -22.27
CA PHE B 532 -14.54 -9.67 -23.25
C PHE B 532 -15.38 -9.60 -24.54
N ARG B 533 -16.25 -10.59 -24.72
CA ARG B 533 -17.12 -10.72 -25.91
C ARG B 533 -18.45 -10.02 -25.78
N GLN B 534 -19.12 -10.26 -24.67
CA GLN B 534 -20.44 -9.69 -24.40
C GLN B 534 -20.49 -8.15 -24.29
N ILE B 535 -19.61 -7.56 -23.47
CA ILE B 535 -19.60 -6.10 -23.27
C ILE B 535 -18.32 -5.42 -23.72
N GLY B 536 -17.30 -6.21 -24.03
CA GLY B 536 -16.04 -5.67 -24.51
C GLY B 536 -15.14 -5.00 -23.51
N ILE B 537 -13.88 -4.80 -23.92
CA ILE B 537 -12.90 -4.14 -23.09
C ILE B 537 -12.69 -2.72 -23.62
N TYR B 538 -12.62 -1.77 -22.70
CA TYR B 538 -12.42 -0.38 -23.05
C TYR B 538 -11.04 -0.18 -23.60
N SER B 539 -10.98 0.48 -24.75
CA SER B 539 -9.72 0.76 -25.42
C SER B 539 -10.03 1.90 -26.40
N PRO B 540 -9.87 3.16 -25.96
CA PRO B 540 -10.18 4.25 -26.90
C PRO B 540 -9.41 4.15 -28.20
N GLU B 558 -13.15 -4.89 -27.95
CA GLU B 558 -12.01 -4.08 -27.53
C GLU B 558 -11.87 -2.77 -28.32
N ASP B 559 -12.82 -1.86 -28.12
CA ASP B 559 -12.84 -0.54 -28.76
C ASP B 559 -13.20 0.52 -27.73
N GLU B 560 -13.48 1.76 -28.16
CA GLU B 560 -13.81 2.81 -27.18
C GLU B 560 -15.17 2.69 -26.55
N LYS B 561 -15.99 1.77 -27.04
CA LYS B 561 -17.33 1.60 -26.46
C LYS B 561 -17.24 0.43 -25.46
N GLY B 562 -16.10 -0.24 -25.44
CA GLY B 562 -15.89 -1.35 -24.52
C GLY B 562 -16.23 -0.94 -23.09
N GLN B 563 -16.85 -1.86 -22.36
CA GLN B 563 -17.30 -1.57 -21.00
C GLN B 563 -16.34 -1.95 -19.87
N ILE B 564 -15.58 -3.03 -20.05
CA ILE B 564 -14.66 -3.47 -18.99
C ILE B 564 -13.37 -2.68 -18.93
N LEU B 565 -12.92 -2.32 -17.72
CA LEU B 565 -11.67 -1.61 -17.58
C LEU B 565 -10.63 -2.64 -17.22
N GLN B 566 -9.67 -2.82 -18.12
CA GLN B 566 -8.57 -3.76 -17.94
C GLN B 566 -7.39 -2.84 -17.65
N GLU B 567 -7.01 -2.76 -16.38
CA GLU B 567 -5.94 -1.89 -15.97
C GLU B 567 -4.56 -2.53 -15.91
N GLY B 568 -4.47 -3.82 -16.26
CA GLY B 568 -3.19 -4.50 -16.24
C GLY B 568 -2.72 -4.86 -14.83
N ILE B 569 -1.42 -5.06 -14.68
CA ILE B 569 -0.87 -5.44 -13.39
C ILE B 569 -0.65 -4.13 -12.66
N ASN B 570 -1.72 -3.62 -12.06
CA ASN B 570 -1.65 -2.31 -11.44
C ASN B 570 -2.86 -2.21 -10.50
N GLU B 571 -2.75 -2.77 -9.30
CA GLU B 571 -3.88 -2.71 -8.36
C GLU B 571 -4.24 -1.29 -7.93
N LEU B 572 -3.24 -0.46 -7.72
CA LEU B 572 -3.51 0.90 -7.29
C LEU B 572 -4.23 1.65 -8.42
N GLY B 573 -3.78 1.44 -9.66
CA GLY B 573 -4.45 2.08 -10.78
C GLY B 573 -5.89 1.60 -10.92
N ALA B 574 -6.11 0.30 -10.74
CA ALA B 574 -7.46 -0.26 -10.86
C ALA B 574 -8.32 0.31 -9.75
N GLY B 575 -7.74 0.44 -8.55
CA GLY B 575 -8.46 0.99 -7.41
C GLY B 575 -8.84 2.45 -7.66
N CYS B 576 -7.97 3.18 -8.35
CA CYS B 576 -8.23 4.58 -8.69
C CYS B 576 -9.32 4.71 -9.75
N SER B 577 -9.41 3.73 -10.65
CA SER B 577 -10.48 3.71 -11.64
C SER B 577 -11.76 3.39 -10.87
N TRP B 578 -11.68 2.40 -9.99
CA TRP B 578 -12.79 2.01 -9.16
C TRP B 578 -13.31 3.22 -8.37
N LEU B 579 -12.39 3.98 -7.78
CA LEU B 579 -12.77 5.12 -6.95
C LEU B 579 -13.48 6.18 -7.81
N ALA B 580 -12.89 6.45 -8.97
CA ALA B 580 -13.49 7.45 -9.84
C ALA B 580 -14.91 7.01 -10.21
N ALA B 581 -15.07 5.72 -10.54
CA ALA B 581 -16.38 5.19 -10.92
C ALA B 581 -17.32 5.24 -9.73
N ALA B 582 -16.82 4.82 -8.57
CA ALA B 582 -17.63 4.79 -7.34
C ALA B 582 -18.05 6.14 -6.77
N THR B 583 -17.51 7.24 -7.30
CA THR B 583 -17.86 8.55 -6.78
C THR B 583 -18.43 9.42 -7.91
N SER B 584 -18.68 8.79 -9.06
CA SER B 584 -19.21 9.50 -10.21
C SER B 584 -20.60 10.04 -9.86
N TYR B 585 -21.28 9.36 -8.95
CA TYR B 585 -22.64 9.75 -8.54
C TYR B 585 -22.60 11.14 -7.93
N SER B 586 -21.47 11.48 -7.32
CA SER B 586 -21.33 12.78 -6.70
C SER B 586 -20.67 13.78 -7.60
N THR B 587 -19.52 13.44 -8.16
CA THR B 587 -18.87 14.46 -8.92
C THR B 587 -19.50 14.84 -10.25
N ASN B 588 -20.17 13.88 -10.89
CA ASN B 588 -20.80 14.10 -12.21
C ASN B 588 -22.33 13.93 -12.14
N ASN B 589 -22.86 13.67 -10.96
CA ASN B 589 -24.29 13.36 -10.81
C ASN B 589 -24.66 12.26 -11.81
N LEU B 590 -23.75 11.34 -12.03
CA LEU B 590 -23.95 10.21 -12.93
C LEU B 590 -23.54 8.96 -12.17
N PRO B 591 -24.48 8.32 -11.46
CA PRO B 591 -24.05 7.13 -10.73
C PRO B 591 -23.56 6.03 -11.65
N MET B 592 -22.38 5.46 -11.30
CA MET B 592 -21.78 4.36 -12.01
C MET B 592 -21.50 3.32 -10.90
N ILE B 593 -21.63 2.03 -11.22
CA ILE B 593 -21.50 0.98 -10.22
C ILE B 593 -20.36 0.02 -10.58
N PRO B 594 -19.19 0.30 -10.02
CA PRO B 594 -18.03 -0.53 -10.32
C PRO B 594 -17.90 -1.74 -9.44
N PHE B 595 -17.38 -2.80 -10.05
CA PHE B 595 -17.09 -4.08 -9.41
C PHE B 595 -15.64 -4.34 -9.81
N TYR B 596 -14.72 -4.16 -8.88
CA TYR B 596 -13.29 -4.40 -9.14
C TYR B 596 -12.95 -5.76 -8.50
N ILE B 597 -12.58 -6.76 -9.32
CA ILE B 597 -12.25 -8.10 -8.78
C ILE B 597 -10.75 -8.30 -9.01
N TYR B 598 -10.07 -8.82 -7.98
CA TYR B 598 -8.61 -8.96 -8.02
C TYR B 598 -8.24 -10.04 -6.99
N TYR B 599 -6.96 -10.39 -6.90
CA TYR B 599 -6.53 -11.39 -5.90
C TYR B 599 -6.68 -10.71 -4.56
N SER B 600 -7.47 -11.29 -3.64
CA SER B 600 -7.75 -10.59 -2.38
C SER B 600 -6.53 -10.13 -1.61
N MET B 601 -5.44 -10.88 -1.70
CA MET B 601 -4.23 -10.51 -1.01
C MET B 601 -3.78 -9.11 -1.37
N PHE B 602 -3.92 -8.74 -2.63
CA PHE B 602 -3.48 -7.45 -3.10
C PHE B 602 -4.53 -6.37 -3.08
N GLY B 603 -5.46 -6.51 -2.14
CA GLY B 603 -6.52 -5.53 -1.94
C GLY B 603 -6.04 -4.57 -0.87
N PHE B 604 -6.70 -4.56 0.30
CA PHE B 604 -6.33 -3.66 1.38
C PHE B 604 -4.86 -3.67 1.79
N GLN B 605 -4.24 -4.84 1.68
CA GLN B 605 -2.84 -4.95 2.05
C GLN B 605 -1.93 -4.10 1.16
N ARG B 606 -2.25 -4.07 -0.13
CA ARG B 606 -1.47 -3.36 -1.14
C ARG B 606 -1.92 -1.94 -1.46
N ILE B 607 -3.21 -1.66 -1.33
CA ILE B 607 -3.72 -0.33 -1.67
C ILE B 607 -4.56 0.23 -0.52
N GLY B 608 -4.24 -0.22 0.71
CA GLY B 608 -4.98 0.21 1.89
C GLY B 608 -5.09 1.71 2.09
N ASP B 609 -4.10 2.50 1.70
CA ASP B 609 -4.20 3.95 1.91
C ASP B 609 -5.26 4.52 0.95
N LEU B 610 -5.43 3.85 -0.19
CA LEU B 610 -6.41 4.28 -1.16
C LEU B 610 -7.81 3.86 -0.65
N CYS B 611 -7.88 2.70 -0.01
CA CYS B 611 -9.14 2.20 0.53
C CYS B 611 -9.65 3.11 1.64
N TRP B 612 -8.75 3.68 2.42
CA TRP B 612 -9.12 4.60 3.50
C TRP B 612 -9.64 5.91 2.85
N ALA B 613 -8.86 6.40 1.91
CA ALA B 613 -9.22 7.62 1.19
C ALA B 613 -10.55 7.45 0.48
N ALA B 614 -10.81 6.25 -0.02
CA ALA B 614 -12.06 6.02 -0.71
C ALA B 614 -13.22 6.17 0.29
N GLY B 615 -13.03 5.69 1.51
CA GLY B 615 -14.06 5.85 2.55
C GLY B 615 -14.31 7.34 2.82
N ASP B 616 -13.21 8.12 2.88
CA ASP B 616 -13.26 9.57 3.09
C ASP B 616 -14.06 10.18 1.92
N GLN B 617 -13.77 9.71 0.70
CA GLN B 617 -14.44 10.22 -0.50
C GLN B 617 -15.86 9.66 -0.74
N GLN B 618 -16.32 8.86 0.21
CA GLN B 618 -17.70 8.36 0.15
C GLN B 618 -17.97 7.50 -1.07
N ALA B 619 -16.98 6.71 -1.44
CA ALA B 619 -17.15 5.81 -2.57
C ALA B 619 -18.30 4.83 -2.29
N ARG B 620 -19.04 4.53 -3.36
CA ARG B 620 -20.12 3.55 -3.31
C ARG B 620 -19.84 2.57 -4.45
N GLY B 621 -19.34 1.39 -4.12
CA GLY B 621 -19.03 0.44 -5.15
C GLY B 621 -18.73 -0.89 -4.50
N PHE B 622 -18.28 -1.85 -5.30
CA PHE B 622 -17.98 -3.18 -4.80
C PHE B 622 -16.53 -3.58 -5.06
N LEU B 623 -15.87 -4.07 -4.01
CA LEU B 623 -14.50 -4.58 -4.13
C LEU B 623 -14.71 -6.05 -3.93
N ILE B 624 -14.33 -6.83 -4.94
CA ILE B 624 -14.45 -8.27 -4.89
C ILE B 624 -13.06 -8.88 -4.73
N GLY B 625 -12.83 -9.44 -3.55
CA GLY B 625 -11.56 -10.05 -3.26
C GLY B 625 -11.65 -11.51 -3.68
N GLY B 626 -11.14 -11.79 -4.87
CA GLY B 626 -11.14 -13.12 -5.46
C GLY B 626 -10.01 -13.99 -4.92
N THR B 627 -10.02 -15.26 -5.32
CA THR B 627 -9.05 -16.26 -4.85
C THR B 627 -8.70 -16.02 -3.38
N SER B 628 -9.74 -15.81 -2.56
CA SER B 628 -9.57 -15.53 -1.13
C SER B 628 -9.47 -16.79 -0.28
N GLY B 629 -9.15 -16.58 1.00
CA GLY B 629 -9.03 -17.69 1.95
C GLY B 629 -7.62 -18.22 1.99
N ARG B 630 -7.09 -18.44 3.21
CA ARG B 630 -5.70 -18.94 3.33
C ARG B 630 -5.47 -20.28 2.64
N THR B 631 -6.31 -21.24 2.98
CA THR B 631 -6.16 -22.60 2.46
C THR B 631 -6.78 -22.88 1.12
N THR B 632 -7.57 -21.96 0.60
CA THR B 632 -8.27 -22.21 -0.64
C THR B 632 -7.49 -21.89 -1.90
N LEU B 633 -6.63 -20.88 -1.87
CA LEU B 633 -5.77 -20.60 -3.04
C LEU B 633 -4.53 -21.38 -2.59
N ASN B 634 -4.70 -22.70 -2.56
CA ASN B 634 -3.72 -23.64 -2.01
C ASN B 634 -2.32 -23.75 -2.58
N GLY B 635 -2.17 -23.71 -3.89
CA GLY B 635 -0.83 -23.86 -4.43
C GLY B 635 0.03 -22.61 -4.46
N GLU B 636 -0.61 -21.46 -4.34
CA GLU B 636 0.08 -20.19 -4.48
C GLU B 636 1.04 -19.75 -3.41
N GLY B 637 0.79 -20.18 -2.17
CA GLY B 637 1.75 -19.86 -1.15
C GLY B 637 1.68 -18.58 -0.34
N LEU B 638 2.82 -18.29 0.25
CA LEU B 638 3.00 -17.19 1.21
C LEU B 638 2.49 -15.82 0.89
N GLN B 639 2.81 -15.34 -0.30
CA GLN B 639 2.39 -14.01 -0.68
C GLN B 639 1.07 -13.88 -1.39
N HIS B 640 0.34 -14.99 -1.51
CA HIS B 640 -0.96 -15.02 -2.17
C HIS B 640 -2.11 -15.47 -1.25
N GLU B 641 -1.80 -16.38 -0.32
CA GLU B 641 -2.82 -16.95 0.57
C GLU B 641 -3.33 -15.95 1.57
N ASP B 642 -4.53 -15.44 1.30
CA ASP B 642 -5.12 -14.44 2.13
C ASP B 642 -5.99 -14.96 3.24
N GLY B 643 -5.55 -14.79 4.48
CA GLY B 643 -6.37 -15.21 5.60
C GLY B 643 -6.50 -13.99 6.51
N HIS B 644 -6.40 -12.80 5.94
CA HIS B 644 -6.46 -11.62 6.79
C HIS B 644 -7.03 -10.34 6.20
N SER B 645 -7.41 -10.35 4.93
CA SER B 645 -7.93 -9.10 4.34
C SER B 645 -9.16 -8.60 5.06
N HIS B 646 -9.90 -9.52 5.69
CA HIS B 646 -11.11 -9.12 6.42
C HIS B 646 -10.74 -8.37 7.71
N ILE B 647 -9.52 -8.63 8.21
CA ILE B 647 -9.05 -7.92 9.42
C ILE B 647 -8.66 -6.51 9.01
N GLN B 648 -8.10 -6.37 7.81
CA GLN B 648 -7.73 -5.04 7.30
C GLN B 648 -9.02 -4.25 6.96
N SER B 649 -9.97 -4.91 6.29
CA SER B 649 -11.20 -4.22 5.88
C SER B 649 -12.10 -3.76 7.01
N LEU B 650 -12.09 -4.47 8.14
CA LEU B 650 -12.95 -4.08 9.25
C LEU B 650 -12.44 -2.80 9.93
N THR B 651 -11.26 -2.33 9.54
CA THR B 651 -10.73 -1.10 10.14
C THR B 651 -11.31 0.13 9.39
N ILE B 652 -11.99 -0.06 8.26
CA ILE B 652 -12.57 1.08 7.49
C ILE B 652 -14.04 1.18 7.89
N PRO B 653 -14.40 2.25 8.60
CA PRO B 653 -15.78 2.40 9.08
C PRO B 653 -16.92 2.21 8.12
N ASN B 654 -16.80 2.76 6.91
CA ASN B 654 -17.86 2.63 5.95
C ASN B 654 -17.66 1.56 4.90
N CYS B 655 -16.85 0.55 5.22
CA CYS B 655 -16.71 -0.58 4.32
C CYS B 655 -17.54 -1.69 4.96
N ILE B 656 -18.46 -2.30 4.19
CA ILE B 656 -19.28 -3.42 4.70
C ILE B 656 -18.68 -4.70 4.09
N SER B 657 -18.25 -5.63 4.94
CA SER B 657 -17.55 -6.84 4.50
C SER B 657 -18.27 -8.15 4.73
N TYR B 658 -18.24 -9.01 3.71
CA TYR B 658 -18.88 -10.31 3.74
C TYR B 658 -17.95 -11.42 3.24
N ASP B 659 -18.08 -12.61 3.82
CA ASP B 659 -17.30 -13.79 3.38
C ASP B 659 -18.35 -14.92 3.16
N PRO B 660 -19.14 -14.83 2.07
CA PRO B 660 -20.18 -15.83 1.78
C PRO B 660 -19.66 -17.20 1.39
N ALA B 661 -20.37 -18.23 1.84
CA ALA B 661 -20.00 -19.60 1.49
C ALA B 661 -20.78 -20.09 0.27
N TYR B 662 -22.00 -19.60 0.10
CA TYR B 662 -22.80 -20.12 -1.01
C TYR B 662 -23.21 -19.11 -2.05
N ALA B 663 -23.60 -19.62 -3.20
CA ALA B 663 -24.02 -18.79 -4.31
C ALA B 663 -25.24 -17.93 -3.97
N TYR B 664 -26.23 -18.49 -3.28
CA TYR B 664 -27.39 -17.67 -2.96
C TYR B 664 -27.01 -16.50 -2.03
N GLU B 665 -26.00 -16.67 -1.20
CA GLU B 665 -25.59 -15.59 -0.30
C GLU B 665 -24.97 -14.46 -1.12
N VAL B 666 -24.11 -14.84 -2.07
CA VAL B 666 -23.49 -13.84 -2.92
C VAL B 666 -24.58 -13.01 -3.57
N ALA B 667 -25.61 -13.65 -4.12
CA ALA B 667 -26.67 -12.89 -4.77
C ALA B 667 -27.46 -11.97 -3.83
N VAL B 668 -27.83 -12.48 -2.65
CA VAL B 668 -28.58 -11.66 -1.69
C VAL B 668 -27.71 -10.45 -1.24
N ILE B 669 -26.42 -10.69 -1.00
CA ILE B 669 -25.49 -9.61 -0.59
C ILE B 669 -25.32 -8.55 -1.69
N MET B 670 -25.05 -8.97 -2.95
CA MET B 670 -24.89 -8.03 -4.06
C MET B 670 -26.17 -7.23 -4.27
N HIS B 671 -27.31 -7.92 -4.21
CA HIS B 671 -28.57 -7.21 -4.36
C HIS B 671 -28.76 -6.19 -3.24
N ASP B 672 -28.50 -6.58 -2.00
CA ASP B 672 -28.65 -5.65 -0.88
C ASP B 672 -27.72 -4.45 -1.04
N GLY B 673 -26.46 -4.70 -1.39
CA GLY B 673 -25.53 -3.60 -1.54
C GLY B 673 -25.98 -2.61 -2.60
N LEU B 674 -26.46 -3.13 -3.71
CA LEU B 674 -26.94 -2.31 -4.82
C LEU B 674 -28.10 -1.41 -4.33
N GLU B 675 -29.01 -2.02 -3.60
CA GLU B 675 -30.17 -1.29 -3.08
C GLU B 675 -29.75 -0.21 -2.08
N ARG B 676 -28.87 -0.55 -1.15
CA ARG B 676 -28.42 0.42 -0.15
C ARG B 676 -27.66 1.60 -0.72
N MET B 677 -26.68 1.31 -1.58
CA MET B 677 -25.88 2.35 -2.17
C MET B 677 -26.53 3.11 -3.33
N TYR B 678 -27.19 2.41 -4.25
CA TYR B 678 -27.78 3.05 -5.44
C TYR B 678 -29.30 3.07 -5.52
N GLY B 679 -29.94 2.65 -4.44
CA GLY B 679 -31.39 2.68 -4.38
C GLY B 679 -31.76 4.00 -3.70
N GLU B 680 -33.01 4.18 -3.31
CA GLU B 680 -33.34 5.45 -2.69
C GLU B 680 -32.59 5.80 -1.42
N LYS B 681 -32.14 4.81 -0.66
CA LYS B 681 -31.40 5.07 0.58
C LYS B 681 -30.11 5.89 0.37
N GLN B 682 -29.40 5.60 -0.71
CA GLN B 682 -28.12 6.23 -1.02
C GLN B 682 -27.24 6.26 0.22
N GLU B 683 -26.96 5.07 0.74
CA GLU B 683 -26.11 4.95 1.93
C GLU B 683 -24.65 5.11 1.53
N ASN B 684 -23.89 5.90 2.28
CA ASN B 684 -22.49 6.08 1.93
C ASN B 684 -21.61 5.01 2.53
N VAL B 685 -21.59 3.87 1.86
CA VAL B 685 -20.76 2.76 2.26
C VAL B 685 -20.34 2.07 0.96
N TYR B 686 -19.27 1.28 1.02
CA TYR B 686 -18.90 0.47 -0.13
C TYR B 686 -18.79 -0.91 0.44
N TYR B 687 -18.88 -1.91 -0.44
CA TYR B 687 -18.88 -3.30 -0.05
C TYR B 687 -17.57 -4.00 -0.36
N TYR B 688 -17.27 -5.03 0.44
CA TYR B 688 -16.09 -5.88 0.23
C TYR B 688 -16.61 -7.30 0.34
N ILE B 689 -16.52 -8.07 -0.74
CA ILE B 689 -16.98 -9.45 -0.68
C ILE B 689 -15.84 -10.34 -1.09
N THR B 690 -15.45 -11.32 -0.26
CA THR B 690 -14.39 -12.23 -0.66
C THR B 690 -15.08 -13.39 -1.38
N THR B 691 -14.50 -13.84 -2.49
CA THR B 691 -15.09 -14.94 -3.26
C THR B 691 -14.01 -15.98 -3.46
N LEU B 692 -14.43 -17.17 -3.91
CA LEU B 692 -13.53 -18.30 -3.95
C LEU B 692 -13.31 -18.93 -5.30
N ASN B 693 -12.20 -19.65 -5.40
CA ASN B 693 -11.84 -20.32 -6.65
C ASN B 693 -12.11 -21.81 -6.55
N GLU B 694 -12.81 -22.22 -5.48
CA GLU B 694 -13.11 -23.64 -5.24
C GLU B 694 -14.57 -23.99 -5.54
N ASN B 695 -14.79 -25.04 -6.34
CA ASN B 695 -16.14 -25.45 -6.69
C ASN B 695 -16.69 -26.47 -5.69
N TYR B 696 -17.95 -26.32 -5.29
CA TYR B 696 -18.56 -27.32 -4.42
C TYR B 696 -20.08 -27.25 -4.57
N HIS B 697 -20.80 -28.18 -3.96
CA HIS B 697 -22.25 -28.16 -4.10
C HIS B 697 -22.84 -26.87 -3.58
N MET B 698 -23.72 -26.24 -4.37
CA MET B 698 -24.38 -25.01 -3.98
C MET B 698 -25.87 -25.27 -3.76
N PRO B 699 -26.29 -25.44 -2.51
CA PRO B 699 -27.70 -25.70 -2.20
C PRO B 699 -28.62 -24.49 -2.40
N ALA B 700 -29.93 -24.73 -2.36
CA ALA B 700 -30.87 -23.64 -2.53
C ALA B 700 -30.91 -22.82 -1.23
N MET B 701 -31.29 -21.56 -1.36
CA MET B 701 -31.40 -20.70 -0.20
C MET B 701 -32.58 -21.15 0.64
N PRO B 702 -32.42 -21.22 1.98
CA PRO B 702 -33.55 -21.64 2.84
C PRO B 702 -34.60 -20.56 2.75
N GLU B 703 -35.85 -20.96 2.79
CA GLU B 703 -36.89 -19.96 2.71
C GLU B 703 -36.74 -18.99 3.87
N GLY B 704 -36.84 -17.70 3.57
CA GLY B 704 -36.75 -16.67 4.58
C GLY B 704 -35.39 -16.33 5.12
N ALA B 705 -34.35 -16.92 4.55
CA ALA B 705 -33.02 -16.61 5.08
C ALA B 705 -32.42 -15.31 4.61
N GLU B 706 -33.09 -14.61 3.70
CA GLU B 706 -32.56 -13.37 3.13
C GLU B 706 -32.01 -12.35 4.11
N GLU B 707 -32.87 -11.91 5.04
CA GLU B 707 -32.44 -10.91 5.98
C GLU B 707 -31.28 -11.37 6.86
N GLY B 708 -31.30 -12.62 7.29
CA GLY B 708 -30.21 -13.12 8.12
C GLY B 708 -28.88 -13.08 7.34
N ILE B 709 -28.94 -13.36 6.05
CA ILE B 709 -27.74 -13.31 5.19
C ILE B 709 -27.19 -11.88 5.19
N ARG B 710 -28.10 -10.92 5.14
CA ARG B 710 -27.69 -9.53 5.12
C ARG B 710 -27.12 -9.11 6.46
N LYS B 711 -27.75 -9.59 7.53
CA LYS B 711 -27.34 -9.21 8.89
C LYS B 711 -26.02 -9.85 9.32
N GLY B 712 -25.69 -11.01 8.75
CA GLY B 712 -24.42 -11.63 9.06
C GLY B 712 -24.44 -13.08 9.51
N ILE B 713 -25.62 -13.59 9.88
CA ILE B 713 -25.72 -14.98 10.33
C ILE B 713 -27.17 -15.54 10.29
N TYR B 714 -27.29 -16.84 10.10
CA TYR B 714 -28.59 -17.50 10.11
C TYR B 714 -28.34 -18.98 10.35
N LYS B 715 -29.32 -19.65 10.92
CA LYS B 715 -29.20 -21.07 11.24
C LYS B 715 -29.52 -21.89 10.00
N LEU B 716 -28.58 -22.71 9.57
CA LEU B 716 -28.80 -23.55 8.40
C LEU B 716 -29.66 -24.76 8.74
N GLU B 717 -29.28 -25.44 9.81
CA GLU B 717 -30.02 -26.62 10.24
C GLU B 717 -29.55 -27.05 11.61
N THR B 718 -30.30 -27.98 12.20
CA THR B 718 -29.94 -28.52 13.50
C THR B 718 -30.02 -30.02 13.31
N ILE B 719 -28.96 -30.70 13.73
CA ILE B 719 -28.89 -32.13 13.58
C ILE B 719 -29.09 -32.73 14.95
N GLU B 720 -29.94 -33.75 15.01
CA GLU B 720 -30.23 -34.37 16.29
C GLU B 720 -29.13 -35.29 16.80
N GLY B 721 -29.12 -35.47 18.11
CA GLY B 721 -28.15 -36.30 18.79
C GLY B 721 -28.43 -36.25 20.31
N SER B 722 -28.56 -37.41 20.93
CA SER B 722 -28.88 -37.51 22.35
C SER B 722 -27.71 -37.52 23.35
N LYS B 723 -26.47 -37.46 22.87
CA LYS B 723 -25.33 -37.48 23.80
C LYS B 723 -24.81 -36.10 24.16
N GLY B 724 -25.21 -35.08 23.42
CA GLY B 724 -24.74 -33.75 23.71
C GLY B 724 -25.18 -32.80 22.62
N LYS B 725 -24.98 -31.50 22.81
CA LYS B 725 -25.35 -30.54 21.76
C LYS B 725 -24.34 -29.41 21.71
N VAL B 726 -23.98 -29.02 20.48
CA VAL B 726 -23.04 -27.94 20.29
C VAL B 726 -23.59 -27.02 19.20
N GLN B 727 -22.89 -25.92 19.01
CA GLN B 727 -23.22 -24.91 18.00
C GLN B 727 -21.97 -24.89 17.14
N LEU B 728 -22.16 -24.84 15.83
CA LEU B 728 -21.04 -24.90 14.89
C LEU B 728 -21.24 -23.76 13.89
N LEU B 729 -20.24 -22.90 13.76
CA LEU B 729 -20.33 -21.76 12.85
C LEU B 729 -19.23 -21.80 11.78
N GLY B 730 -19.56 -21.43 10.55
CA GLY B 730 -18.53 -21.40 9.51
C GLY B 730 -18.82 -20.28 8.52
N SER B 731 -17.82 -19.90 7.74
CA SER B 731 -18.08 -18.89 6.72
C SER B 731 -17.17 -19.24 5.55
N GLY B 732 -17.46 -18.65 4.40
CA GLY B 732 -16.64 -18.91 3.22
C GLY B 732 -16.46 -20.38 2.91
N SER B 733 -15.29 -20.76 2.40
CA SER B 733 -15.02 -22.15 2.01
C SER B 733 -14.95 -23.16 3.13
N ILE B 734 -14.81 -22.70 4.36
CA ILE B 734 -14.68 -23.62 5.49
C ILE B 734 -16.04 -24.09 6.03
N LEU B 735 -17.10 -23.36 5.72
CA LEU B 735 -18.44 -23.74 6.19
C LEU B 735 -18.79 -25.19 5.80
N ARG B 736 -18.49 -25.57 4.55
CA ARG B 736 -18.86 -26.92 4.14
C ARG B 736 -18.12 -27.97 4.97
N HIS B 737 -16.96 -27.59 5.52
CA HIS B 737 -16.17 -28.49 6.37
C HIS B 737 -16.75 -28.53 7.77
N VAL B 738 -17.32 -27.41 8.20
CA VAL B 738 -17.95 -27.34 9.52
C VAL B 738 -19.20 -28.22 9.43
N ARG B 739 -19.89 -28.21 8.29
CA ARG B 739 -21.07 -29.06 8.13
C ARG B 739 -20.65 -30.53 8.15
N GLU B 740 -19.48 -30.83 7.58
CA GLU B 740 -18.98 -32.18 7.58
C GLU B 740 -18.75 -32.60 9.03
N ALA B 741 -18.22 -31.68 9.84
CA ALA B 741 -17.99 -31.96 11.23
C ALA B 741 -19.31 -32.26 11.95
N ALA B 742 -20.36 -31.54 11.59
CA ALA B 742 -21.67 -31.73 12.22
C ALA B 742 -22.17 -33.17 12.03
N GLU B 743 -22.02 -33.68 10.79
CA GLU B 743 -22.44 -35.03 10.47
C GLU B 743 -21.59 -36.03 11.25
N ILE B 744 -20.27 -35.79 11.32
CA ILE B 744 -19.41 -36.69 12.09
C ILE B 744 -19.83 -36.69 13.55
N LEU B 745 -20.00 -35.51 14.14
CA LEU B 745 -20.40 -35.46 15.54
C LEU B 745 -21.69 -36.23 15.78
N ALA B 746 -22.63 -36.12 14.85
CA ALA B 746 -23.92 -36.79 15.04
C ALA B 746 -23.85 -38.30 14.90
N LYS B 747 -23.24 -38.75 13.80
CA LYS B 747 -23.15 -40.16 13.51
C LYS B 747 -22.09 -40.97 14.26
N ASP B 748 -20.97 -40.36 14.62
CA ASP B 748 -19.94 -41.11 15.34
C ASP B 748 -20.00 -40.93 16.83
N TYR B 749 -20.54 -39.80 17.26
CA TYR B 749 -20.58 -39.52 18.68
C TYR B 749 -21.93 -39.25 19.31
N GLY B 750 -22.98 -39.21 18.51
CA GLY B 750 -24.31 -38.94 19.06
C GLY B 750 -24.51 -37.50 19.54
N VAL B 751 -23.67 -36.60 19.04
CA VAL B 751 -23.74 -35.19 19.42
C VAL B 751 -24.50 -34.40 18.36
N GLY B 752 -25.60 -33.80 18.78
CA GLY B 752 -26.37 -33.01 17.86
C GLY B 752 -25.76 -31.61 17.77
N SER B 753 -26.27 -30.81 16.85
CA SER B 753 -25.75 -29.46 16.72
C SER B 753 -26.66 -28.52 15.95
N ASP B 754 -26.44 -27.23 16.17
CA ASP B 754 -27.10 -26.17 15.44
C ASP B 754 -25.93 -25.70 14.56
N VAL B 755 -26.14 -25.62 13.24
CA VAL B 755 -25.10 -25.21 12.29
C VAL B 755 -25.51 -23.86 11.70
N TYR B 756 -24.61 -22.88 11.78
CA TYR B 756 -24.88 -21.54 11.25
C TYR B 756 -23.93 -21.11 10.13
N SER B 757 -24.46 -20.38 9.15
CA SER B 757 -23.60 -19.85 8.12
C SER B 757 -23.40 -18.40 8.57
N VAL B 758 -22.14 -17.97 8.68
CA VAL B 758 -21.88 -16.60 9.09
C VAL B 758 -21.42 -15.85 7.86
N THR B 759 -22.28 -15.03 7.28
CA THR B 759 -21.91 -14.29 6.08
C THR B 759 -21.03 -13.09 6.39
N SER B 760 -21.12 -12.60 7.62
CA SER B 760 -20.29 -11.46 8.03
C SER B 760 -20.06 -11.31 9.53
N PHE B 761 -18.95 -11.89 9.99
CA PHE B 761 -18.56 -11.77 11.38
C PHE B 761 -18.38 -10.30 11.76
N THR B 762 -17.88 -9.50 10.82
CA THR B 762 -17.63 -8.10 11.12
C THR B 762 -18.89 -7.29 11.35
N GLU B 763 -19.91 -7.53 10.56
CA GLU B 763 -21.13 -6.76 10.72
C GLU B 763 -21.77 -7.23 12.02
N LEU B 764 -21.58 -8.50 12.37
CA LEU B 764 -22.16 -8.94 13.63
C LEU B 764 -21.43 -8.27 14.78
N ALA B 765 -20.11 -8.15 14.68
CA ALA B 765 -19.31 -7.53 15.74
C ALA B 765 -19.70 -6.08 15.90
N ARG B 766 -19.82 -5.37 14.78
CA ARG B 766 -20.20 -3.97 14.87
C ARG B 766 -21.58 -3.84 15.53
N ASP B 767 -22.51 -4.69 15.15
CA ASP B 767 -23.84 -4.64 15.74
C ASP B 767 -23.78 -4.88 17.24
N GLY B 768 -23.01 -5.88 17.65
CA GLY B 768 -22.83 -6.16 19.06
C GLY B 768 -22.20 -4.96 19.75
N GLN B 769 -21.16 -4.39 19.15
CA GLN B 769 -20.54 -3.19 19.77
C GLN B 769 -21.55 -2.05 19.93
N ASP B 770 -22.39 -1.83 18.92
CA ASP B 770 -23.36 -0.75 19.01
C ASP B 770 -24.42 -1.02 20.07
N CYS B 771 -24.80 -2.29 20.24
CA CYS B 771 -25.78 -2.61 21.27
C CYS B 771 -25.21 -2.35 22.67
N GLU B 772 -23.97 -2.76 22.92
CA GLU B 772 -23.43 -2.57 24.26
C GLU B 772 -23.06 -1.13 24.54
N ARG B 773 -22.69 -0.39 23.51
CA ARG B 773 -22.38 1.02 23.68
C ARG B 773 -23.68 1.68 24.11
N TRP B 774 -24.75 1.43 23.34
CA TRP B 774 -26.05 2.02 23.65
C TRP B 774 -26.53 1.61 25.05
N ASN B 775 -26.34 0.34 25.42
CA ASN B 775 -26.76 -0.12 26.74
C ASN B 775 -25.98 0.60 27.85
N MET B 776 -24.68 0.79 27.66
CA MET B 776 -23.84 1.50 28.63
C MET B 776 -24.34 2.93 28.82
N LEU B 777 -24.81 3.55 27.72
CA LEU B 777 -25.29 4.94 27.73
C LEU B 777 -26.75 5.14 28.13
N HIS B 778 -27.50 4.06 28.23
CA HIS B 778 -28.91 4.16 28.64
C HIS B 778 -29.17 3.10 29.70
N PRO B 779 -28.48 3.22 30.85
CA PRO B 779 -28.60 2.27 31.95
C PRO B 779 -29.99 2.02 32.52
N LEU B 780 -30.95 2.90 32.27
CA LEU B 780 -32.28 2.71 32.83
C LEU B 780 -33.23 2.00 31.85
N GLU B 781 -32.81 1.87 30.61
CA GLU B 781 -33.67 1.28 29.60
C GLU B 781 -33.49 -0.17 29.25
N THR B 782 -34.43 -0.62 28.43
CA THR B 782 -34.48 -1.98 27.89
C THR B 782 -33.18 -2.14 27.10
N PRO B 783 -32.29 -3.02 27.55
CA PRO B 783 -31.00 -3.27 26.88
C PRO B 783 -31.19 -3.87 25.52
N ARG B 784 -30.36 -3.48 24.58
CA ARG B 784 -30.43 -4.00 23.23
C ARG B 784 -29.69 -5.32 23.16
N VAL B 785 -30.23 -6.26 22.39
CA VAL B 785 -29.64 -7.59 22.26
C VAL B 785 -28.90 -7.73 20.94
N PRO B 786 -27.63 -8.12 21.00
CA PRO B 786 -26.88 -8.27 19.76
C PRO B 786 -27.55 -9.26 18.81
N TYR B 787 -27.59 -8.91 17.54
CA TYR B 787 -28.19 -9.81 16.53
C TYR B 787 -27.66 -11.26 16.66
N ILE B 788 -26.35 -11.43 16.81
CA ILE B 788 -25.82 -12.79 16.92
C ILE B 788 -26.43 -13.56 18.10
N ALA B 789 -26.79 -12.83 19.15
CA ALA B 789 -27.41 -13.43 20.33
C ALA B 789 -28.88 -13.75 20.14
N GLN B 790 -29.49 -13.24 19.06
CA GLN B 790 -30.89 -13.52 18.77
C GLN B 790 -30.92 -14.72 17.82
N VAL B 791 -29.75 -15.20 17.42
CA VAL B 791 -29.66 -16.34 16.53
C VAL B 791 -29.05 -17.54 17.26
N MET B 792 -27.99 -17.32 18.04
CA MET B 792 -27.34 -18.41 18.76
C MET B 792 -27.97 -18.65 20.11
N ASN B 793 -27.70 -19.82 20.67
CA ASN B 793 -28.21 -20.16 21.99
C ASN B 793 -27.01 -20.33 22.93
N ASP B 794 -27.21 -21.03 24.05
CA ASP B 794 -26.11 -21.15 24.98
C ASP B 794 -25.26 -22.42 25.01
N ALA B 795 -25.49 -23.36 24.08
CA ALA B 795 -24.70 -24.58 24.05
C ALA B 795 -23.31 -24.21 23.56
N PRO B 796 -22.29 -24.99 23.95
CA PRO B 796 -20.87 -24.77 23.56
C PRO B 796 -20.75 -24.63 22.05
N ALA B 797 -19.99 -23.62 21.63
CA ALA B 797 -19.84 -23.30 20.23
C ALA B 797 -18.42 -23.36 19.71
N VAL B 798 -18.30 -23.75 18.44
CA VAL B 798 -17.03 -23.79 17.75
C VAL B 798 -17.22 -23.04 16.44
N ALA B 799 -16.25 -22.22 16.05
CA ALA B 799 -16.36 -21.52 14.76
C ALA B 799 -15.07 -21.81 14.01
N SER B 800 -15.14 -21.91 12.68
CA SER B 800 -13.94 -22.12 11.86
C SER B 800 -14.11 -21.32 10.56
N THR B 801 -13.04 -20.63 10.12
CA THR B 801 -13.10 -19.90 8.87
C THR B 801 -11.73 -20.02 8.22
N ASP B 802 -11.59 -19.46 7.03
CA ASP B 802 -10.34 -19.53 6.30
C ASP B 802 -9.47 -18.32 6.63
N TYR B 803 -9.86 -17.59 7.66
CA TYR B 803 -9.14 -16.40 8.11
C TYR B 803 -8.55 -16.56 9.49
N MET B 804 -7.64 -15.68 9.87
CA MET B 804 -7.06 -15.81 11.23
C MET B 804 -8.18 -15.86 12.28
N LYS B 805 -7.88 -16.42 13.44
CA LYS B 805 -8.88 -16.60 14.50
C LYS B 805 -9.65 -15.33 14.89
N LEU B 806 -8.95 -14.21 14.89
CA LEU B 806 -9.58 -12.96 15.24
C LEU B 806 -10.81 -12.64 14.39
N PHE B 807 -10.87 -13.15 13.16
CA PHE B 807 -12.03 -12.87 12.31
C PHE B 807 -13.32 -13.39 12.98
N ALA B 808 -13.27 -14.59 13.53
CA ALA B 808 -14.44 -15.15 14.19
C ALA B 808 -14.44 -14.78 15.67
N GLU B 809 -13.26 -14.61 16.26
CA GLU B 809 -13.19 -14.25 17.68
C GLU B 809 -13.74 -12.88 18.02
N GLN B 810 -13.78 -11.99 17.03
CA GLN B 810 -14.25 -10.65 17.25
C GLN B 810 -15.64 -10.55 17.83
N VAL B 811 -16.46 -11.58 17.69
CA VAL B 811 -17.81 -11.52 18.26
C VAL B 811 -17.94 -12.19 19.63
N ARG B 812 -16.82 -12.62 20.22
CA ARG B 812 -16.86 -13.33 21.50
C ARG B 812 -17.76 -12.71 22.56
N THR B 813 -17.62 -11.40 22.76
CA THR B 813 -18.39 -10.72 23.77
C THR B 813 -19.89 -10.90 23.64
N TYR B 814 -20.36 -10.98 22.41
CA TYR B 814 -21.77 -11.08 22.09
C TYR B 814 -22.31 -12.51 21.96
N VAL B 815 -21.44 -13.49 21.88
CA VAL B 815 -21.89 -14.86 21.76
C VAL B 815 -22.42 -15.29 23.13
N PRO B 816 -23.69 -15.68 23.19
CA PRO B 816 -24.31 -16.09 24.45
C PRO B 816 -24.04 -17.49 24.97
N ALA B 817 -22.87 -18.05 24.68
CA ALA B 817 -22.56 -19.38 25.22
C ALA B 817 -21.29 -19.19 26.04
N ASP B 818 -21.12 -19.95 27.12
CA ASP B 818 -19.94 -19.81 27.97
C ASP B 818 -18.69 -20.32 27.26
N ASP B 819 -18.87 -21.21 26.28
CA ASP B 819 -17.74 -21.75 25.54
C ASP B 819 -17.84 -21.34 24.09
N TYR B 820 -16.80 -20.68 23.57
CA TYR B 820 -16.78 -20.29 22.16
C TYR B 820 -15.34 -20.49 21.68
N ARG B 821 -15.11 -21.60 21.00
CA ARG B 821 -13.77 -21.93 20.51
C ARG B 821 -13.66 -21.52 19.07
N VAL B 822 -12.51 -20.94 18.73
CA VAL B 822 -12.34 -20.47 17.37
C VAL B 822 -11.11 -21.01 16.67
N LEU B 823 -11.33 -21.65 15.52
CA LEU B 823 -10.24 -22.18 14.69
C LEU B 823 -10.01 -21.13 13.57
N GLY B 824 -8.78 -21.02 13.08
CA GLY B 824 -8.54 -20.02 12.06
C GLY B 824 -7.18 -20.26 11.43
N THR B 825 -6.88 -19.48 10.41
CA THR B 825 -5.67 -19.71 9.68
C THR B 825 -4.47 -18.82 9.98
N ASP B 826 -4.30 -18.46 11.25
CA ASP B 826 -3.14 -17.65 11.64
C ASP B 826 -1.84 -18.32 11.15
N GLY B 827 -0.87 -17.52 10.71
CA GLY B 827 0.40 -18.04 10.22
C GLY B 827 0.58 -17.72 8.76
N PHE B 828 1.82 -17.78 8.25
CA PHE B 828 2.08 -17.49 6.83
C PHE B 828 1.61 -18.69 5.99
N GLY B 829 1.11 -18.39 4.80
CA GLY B 829 0.67 -19.43 3.89
C GLY B 829 1.85 -20.19 3.31
N ARG B 830 1.55 -21.26 2.57
CA ARG B 830 2.57 -22.10 1.98
C ARG B 830 1.82 -22.95 0.94
N SER B 831 2.55 -23.55 0.03
CA SER B 831 1.95 -24.32 -1.05
C SER B 831 1.67 -25.79 -0.70
N ASP B 832 0.46 -26.23 -0.97
CA ASP B 832 0.09 -27.63 -0.78
C ASP B 832 -1.33 -27.87 -1.26
N SER B 833 -1.87 -29.05 -1.01
CA SER B 833 -3.24 -29.32 -1.44
C SER B 833 -4.15 -28.66 -0.40
N ARG B 834 -5.41 -28.45 -0.78
CA ARG B 834 -6.38 -27.87 0.15
C ARG B 834 -6.46 -28.77 1.37
N GLU B 835 -6.56 -30.08 1.13
CA GLU B 835 -6.64 -30.99 2.27
C GLU B 835 -5.47 -30.81 3.24
N ASN B 836 -4.24 -30.81 2.73
CA ASN B 836 -3.11 -30.61 3.60
C ASN B 836 -3.06 -29.24 4.32
N LEU B 837 -3.48 -28.18 3.64
CA LEU B 837 -3.45 -26.87 4.27
C LEU B 837 -4.55 -26.72 5.34
N ARG B 838 -5.69 -27.33 5.08
CA ARG B 838 -6.77 -27.24 6.03
C ARG B 838 -6.43 -28.07 7.27
N HIS B 839 -5.57 -29.05 7.12
CA HIS B 839 -5.15 -29.84 8.28
C HIS B 839 -4.02 -29.05 8.98
N HIS B 840 -3.04 -28.56 8.20
CA HIS B 840 -1.95 -27.76 8.74
C HIS B 840 -2.44 -26.55 9.58
N PHE B 841 -3.43 -25.85 9.05
CA PHE B 841 -3.97 -24.66 9.69
C PHE B 841 -5.03 -24.97 10.75
N GLU B 842 -5.25 -26.25 10.99
CA GLU B 842 -6.14 -26.73 12.04
C GLU B 842 -7.52 -26.12 11.96
N VAL B 843 -8.10 -26.16 10.76
CA VAL B 843 -9.42 -25.61 10.50
C VAL B 843 -10.38 -26.63 9.83
N ASP B 844 -9.90 -27.81 9.52
CA ASP B 844 -10.77 -28.77 8.83
C ASP B 844 -11.79 -29.47 9.74
N ALA B 845 -12.59 -30.37 9.16
CA ALA B 845 -13.65 -31.02 9.94
C ALA B 845 -13.14 -31.73 11.15
N SER B 846 -11.98 -32.37 11.02
CA SER B 846 -11.36 -33.10 12.11
C SER B 846 -11.15 -32.21 13.33
N TYR B 847 -10.58 -31.02 13.09
CA TYR B 847 -10.31 -30.08 14.17
C TYR B 847 -11.58 -29.48 14.76
N VAL B 848 -12.64 -29.36 13.97
CA VAL B 848 -13.89 -28.83 14.49
C VAL B 848 -14.50 -29.88 15.41
N VAL B 849 -14.40 -31.16 15.02
CA VAL B 849 -14.94 -32.23 15.86
C VAL B 849 -14.19 -32.29 17.20
N VAL B 850 -12.86 -32.26 17.12
CA VAL B 850 -12.06 -32.32 18.34
C VAL B 850 -12.33 -31.09 19.23
N ALA B 851 -12.55 -29.93 18.61
CA ALA B 851 -12.82 -28.74 19.41
C ALA B 851 -14.17 -28.88 20.11
N ALA B 852 -15.16 -29.39 19.39
CA ALA B 852 -16.51 -29.56 19.96
C ALA B 852 -16.53 -30.61 21.07
N LEU B 853 -15.92 -31.76 20.80
CA LEU B 853 -15.88 -32.84 21.78
C LEU B 853 -15.18 -32.38 23.03
N GLY B 854 -14.09 -31.62 22.87
CA GLY B 854 -13.36 -31.10 24.03
C GLY B 854 -14.20 -30.20 24.93
N GLU B 855 -15.07 -29.40 24.33
CA GLU B 855 -15.94 -28.55 25.14
C GLU B 855 -16.92 -29.42 25.93
N LEU B 856 -17.40 -30.49 25.30
CA LEU B 856 -18.34 -31.37 26.00
C LEU B 856 -17.64 -32.08 27.13
N ALA B 857 -16.40 -32.47 26.87
CA ALA B 857 -15.60 -33.18 27.85
C ALA B 857 -15.31 -32.27 29.06
N LYS B 858 -15.26 -30.96 28.84
CA LYS B 858 -14.99 -30.08 29.98
C LYS B 858 -16.23 -29.93 30.84
N ARG B 859 -17.39 -30.23 30.25
CA ARG B 859 -18.67 -30.12 30.94
C ARG B 859 -19.07 -31.44 31.57
N GLY B 860 -18.16 -32.41 31.48
CA GLY B 860 -18.36 -33.74 32.03
C GLY B 860 -19.49 -34.49 31.34
N GLU B 861 -19.64 -34.24 30.05
CA GLU B 861 -20.71 -34.88 29.29
C GLU B 861 -20.23 -36.06 28.48
N ILE B 862 -18.92 -36.14 28.30
CA ILE B 862 -18.31 -37.27 27.61
C ILE B 862 -16.93 -37.43 28.26
N ASP B 863 -16.35 -38.62 28.18
CA ASP B 863 -15.06 -38.83 28.80
C ASP B 863 -13.97 -38.15 28.00
N LYS B 864 -13.06 -37.48 28.69
CA LYS B 864 -11.95 -36.80 28.04
C LYS B 864 -11.20 -37.78 27.15
N LYS B 865 -11.30 -39.07 27.45
CA LYS B 865 -10.61 -40.05 26.62
C LYS B 865 -11.18 -40.08 25.20
N VAL B 866 -12.47 -39.77 25.06
CA VAL B 866 -13.15 -39.76 23.76
C VAL B 866 -12.49 -38.70 22.87
N VAL B 867 -12.16 -37.55 23.49
CA VAL B 867 -11.52 -36.46 22.77
C VAL B 867 -10.11 -36.89 22.40
N ALA B 868 -9.41 -37.57 23.34
CA ALA B 868 -8.07 -38.02 23.04
C ALA B 868 -8.12 -39.04 21.90
N ASP B 869 -9.13 -39.88 21.90
CA ASP B 869 -9.23 -40.89 20.86
C ASP B 869 -9.58 -40.32 19.50
N ALA B 870 -10.31 -39.20 19.47
CA ALA B 870 -10.68 -38.54 18.21
C ALA B 870 -9.38 -38.00 17.61
N ILE B 871 -8.60 -37.27 18.41
CA ILE B 871 -7.32 -36.73 17.97
C ILE B 871 -6.48 -37.80 17.25
N ALA B 872 -6.37 -38.99 17.84
CA ALA B 872 -5.58 -40.04 17.20
C ALA B 872 -6.25 -40.62 15.97
N LYS B 873 -7.56 -40.82 16.03
CA LYS B 873 -8.26 -41.38 14.89
C LYS B 873 -8.12 -40.48 13.66
N PHE B 874 -8.15 -39.17 13.90
CA PHE B 874 -8.07 -38.19 12.81
C PHE B 874 -6.67 -37.79 12.35
N ASN B 875 -5.67 -38.45 12.90
CA ASN B 875 -4.28 -38.17 12.55
C ASN B 875 -3.89 -36.75 12.88
N ILE B 876 -4.38 -36.24 14.01
CA ILE B 876 -4.03 -34.90 14.43
C ILE B 876 -2.78 -34.94 15.28
N ASP B 877 -1.81 -34.08 14.95
CA ASP B 877 -0.56 -34.03 15.69
C ASP B 877 -0.71 -32.94 16.75
N ALA B 878 -1.04 -33.34 17.98
CA ALA B 878 -1.24 -32.39 19.07
C ALA B 878 -0.02 -31.56 19.41
N ASP B 879 1.15 -32.00 19.00
CA ASP B 879 2.34 -31.25 19.35
C ASP B 879 3.08 -30.55 18.22
N LYS B 880 2.48 -30.47 17.02
CA LYS B 880 3.16 -29.76 15.95
C LYS B 880 3.17 -28.28 16.36
N VAL B 881 4.12 -27.52 15.85
CA VAL B 881 4.21 -26.12 16.20
C VAL B 881 2.95 -25.37 15.76
N ASN B 882 2.59 -24.34 16.55
CA ASN B 882 1.44 -23.52 16.25
C ASN B 882 1.62 -22.97 14.83
N PRO B 883 0.60 -23.13 13.96
CA PRO B 883 0.74 -22.62 12.59
C PRO B 883 1.18 -21.16 12.54
N ARG B 884 0.83 -20.37 13.56
CA ARG B 884 1.24 -18.97 13.52
C ARG B 884 2.76 -18.84 13.49
N LEU B 885 3.44 -19.76 14.16
CA LEU B 885 4.90 -19.77 14.23
C LEU B 885 5.60 -20.64 13.19
N ALA B 886 4.83 -21.41 12.42
CA ALA B 886 5.43 -22.29 11.39
C ALA B 886 6.09 -21.55 10.21
MG MG C . 5.43 -10.21 -20.06
O2B TDK D . 5.10 -11.96 -19.12
PB TDK D . 5.83 -12.56 -17.84
O3B TDK D . 7.31 -12.69 -18.10
O1B TDK D . 5.10 -13.74 -17.38
O3A TDK D . 5.67 -11.40 -16.68
PA TDK D . 4.67 -10.12 -16.78
O1A TDK D . 4.64 -9.59 -18.15
O2A TDK D . 5.07 -9.21 -15.67
O7 TDK D . 3.21 -10.72 -16.44
C7 TDK D . 3.01 -11.52 -15.28
C6 TDK D . 1.57 -11.69 -15.06
C5 TDK D . 1.21 -12.15 -13.71
S1 TDK D . 1.89 -13.60 -13.12
C4 TDK D . 0.36 -11.62 -12.78
CM4 TDK D . -0.49 -10.41 -12.97
N3 TDK D . 0.27 -12.38 -11.63
C2 TDK D . 1.04 -13.50 -11.65
CMA TDK D . 1.01 -14.69 -10.71
OM1 TDK D . 0.71 -14.25 -9.38
CMB TDK D . 2.32 -15.42 -10.77
PC TDK D . -0.36 -15.77 -11.35
OM3 TDK D . -1.63 -14.97 -11.40
OM2 TDK D . -0.42 -16.86 -10.19
CMC TDK D . -1.49 -17.04 -9.35
OM4 TDK D . 0.07 -16.44 -12.61
C7' TDK D . -0.69 -12.04 -10.51
C5' TDK D . -0.25 -10.84 -9.67
C6' TDK D . -0.98 -9.74 -9.62
N1' TDK D . -0.67 -8.71 -8.81
C2' TDK D . 0.41 -8.78 -8.01
CM2 TDK D . 0.72 -7.64 -7.14
N3' TDK D . 1.19 -9.82 -7.99
C4' TDK D . 0.89 -10.89 -8.80
N4' TDK D . 1.70 -11.91 -8.75
MG MG E . 7.99 21.60 -2.17
O2B TDK F . 6.76 22.15 -0.48
PB TDK F . 5.19 21.97 -0.33
O3B TDK F . 4.50 22.78 -1.39
O1B TDK F . 4.80 22.17 1.07
O3A TDK F . 4.96 20.42 -0.73
PA TDK F . 6.10 19.28 -0.84
O1A TDK F . 7.33 19.80 -1.46
O2A TDK F . 5.44 18.12 -1.49
O7 TDK F . 6.43 18.91 0.68
C7 TDK F . 5.38 18.49 1.55
C6 TDK F . 5.95 18.07 2.82
C5 TDK F . 4.98 17.40 3.72
S1 TDK F . 3.64 18.30 4.30
C4 TDK F . 4.94 16.12 4.20
CM4 TDK F . 5.96 15.08 3.95
N3 TDK F . 3.86 15.87 5.00
C2 TDK F . 3.06 16.94 5.17
CMA TDK F . 1.92 17.08 6.17
OM1 TDK F . 1.22 15.81 6.32
CMB TDK F . 0.98 18.18 5.74
PC TDK F . 2.71 17.52 7.77
OM3 TDK F . 3.56 16.36 8.22
OM2 TDK F . 1.41 17.65 8.67
CMC TDK F . 0.84 16.63 9.40
OM4 TDK F . 3.37 18.85 7.67
C7' TDK F . 3.69 14.57 5.73
C5' TDK F . 3.25 13.43 4.84
C6' TDK F . 4.00 12.38 4.68
N1' TDK F . 3.58 11.31 3.98
C2' TDK F . 2.36 11.31 3.41
CM2 TDK F . 1.90 10.10 2.71
N3' TDK F . 1.53 12.34 3.50
C4' TDK F . 1.93 13.42 4.21
N4' TDK F . 1.10 14.39 4.32
#